data_1OJ7
#
_entry.id   1OJ7
#
_cell.length_a   237.925
_cell.length_b   237.925
_cell.length_c   66.744
_cell.angle_alpha   90.00
_cell.angle_beta   90.00
_cell.angle_gamma   120.00
#
_symmetry.space_group_name_H-M   'P 62'
#
loop_
_entity.id
_entity.type
_entity.pdbx_description
1 polymer 'HYPOTHETICAL OXIDOREDUCTASE YQHD'
2 non-polymer 5,6-DIHYDROXY-NADP
3 non-polymer 'BORIC ACID'
4 non-polymer 'ZINC ION'
5 non-polymer 'CHLORIDE ION'
6 water water
#
_entity_poly.entity_id   1
_entity_poly.type   'polypeptide(L)'
_entity_poly.pdbx_seq_one_letter_code
;MSYYHHHHHHLESTSLYKKAGLNNFNLHTPTRILFGKGAIAGLREQIPHDARVLITYGGGSVKKTGVLDQVLDALKGMDV
LEFGGIEPNPAYETLMNAVKLVREQKVTFLLAVGGGSVLDGTKFIAAAANYPENIDPWHILQTGGKEIKSAIPMGCVLTL
PATGSESNAGAVISRKTTGDKQAFHSAHVQPVFAVLDPVYTYTLPPRQVANGVVDAFVHTVEQYVTKPVDAKIHDRFAEG
ILLTLIEDGPKALKEPENYDVRANVMWAATQALNGLIGAGVPQDWATHMLGHELTAMHGLDHAQTLAIVLPALWNEKRDT
KRAKLLQYAERVWNITEGSDDERIDAAIAATRNFFEQLGVPTHLSDYGLDGSSIPALLKKLEEHGMTQLGENHDITLDVS
RRIYEAAR
;
_entity_poly.pdbx_strand_id   A,B,C,D
#
# COMPACT_ATOMS: atom_id res chain seq x y z
N LYS A 19 -12.77 -18.47 32.35
CA LYS A 19 -11.66 -18.39 31.36
C LYS A 19 -10.88 -19.70 31.33
N ALA A 20 -10.39 -20.08 30.14
CA ALA A 20 -9.58 -21.29 29.97
C ALA A 20 -8.15 -21.00 30.38
N GLY A 21 -7.32 -22.04 30.42
CA GLY A 21 -5.93 -21.88 30.78
C GLY A 21 -5.02 -21.81 29.56
N LEU A 22 -3.81 -21.32 29.79
CA LEU A 22 -2.72 -21.43 28.82
C LEU A 22 -2.52 -22.89 28.42
N ASN A 23 -2.33 -23.12 27.13
CA ASN A 23 -1.84 -24.39 26.65
C ASN A 23 -0.32 -24.43 26.80
N ASN A 24 0.21 -25.64 27.02
CA ASN A 24 1.64 -25.84 27.01
C ASN A 24 2.22 -25.28 25.73
N PHE A 25 3.40 -24.68 25.82
CA PHE A 25 4.08 -24.19 24.63
C PHE A 25 5.59 -24.37 24.68
N ASN A 26 6.17 -24.20 23.51
CA ASN A 26 7.60 -24.28 23.26
C ASN A 26 7.95 -22.99 22.53
N LEU A 27 8.57 -22.05 23.23
CA LEU A 27 8.91 -20.74 22.68
C LEU A 27 10.41 -20.61 22.50
N HIS A 28 10.83 -20.35 21.27
CA HIS A 28 12.22 -20.07 20.94
C HIS A 28 12.26 -18.82 20.07
N THR A 29 12.89 -17.77 20.56
CA THR A 29 13.01 -16.51 19.84
C THR A 29 14.50 -16.15 19.68
N PRO A 30 15.20 -16.87 18.81
CA PRO A 30 16.65 -16.77 18.70
C PRO A 30 17.21 -15.58 17.92
N THR A 31 16.37 -14.80 17.23
CA THR A 31 16.88 -13.72 16.39
C THR A 31 17.55 -12.61 17.20
N ARG A 32 18.82 -12.34 16.89
CA ARG A 32 19.53 -11.23 17.50
C ARG A 32 19.06 -9.92 16.90
N ILE A 33 18.66 -8.98 17.75
CA ILE A 33 18.15 -7.68 17.27
C ILE A 33 19.24 -6.63 17.44
N LEU A 34 19.59 -5.95 16.37
CA LEU A 34 20.48 -4.79 16.42
C LEU A 34 19.63 -3.57 16.13
N PHE A 35 19.30 -2.85 17.20
CA PHE A 35 18.34 -1.76 17.12
C PHE A 35 19.00 -0.39 17.22
N GLY A 36 18.52 0.52 16.38
CA GLY A 36 18.73 1.93 16.58
C GLY A 36 19.43 2.61 15.43
N LYS A 37 19.59 3.91 15.59
CA LYS A 37 20.22 4.78 14.60
C LYS A 37 21.67 4.35 14.40
N GLY A 38 22.01 3.99 13.17
CA GLY A 38 23.35 3.53 12.84
C GLY A 38 23.67 2.13 13.31
N ALA A 39 22.65 1.33 13.64
CA ALA A 39 22.84 -0.05 14.11
C ALA A 39 23.50 -0.96 13.08
N ILE A 40 23.57 -0.51 11.82
CA ILE A 40 24.29 -1.22 10.75
C ILE A 40 25.79 -1.37 11.06
N ALA A 41 26.31 -0.60 12.00
CA ALA A 41 27.69 -0.74 12.44
C ALA A 41 27.99 -2.15 12.98
N GLY A 42 26.98 -2.84 13.50
CA GLY A 42 27.17 -4.19 14.01
C GLY A 42 26.91 -5.30 13.01
N LEU A 43 26.57 -4.95 11.77
CA LEU A 43 26.16 -5.94 10.75
C LEU A 43 27.25 -6.91 10.33
N ARG A 44 28.43 -6.36 10.00
CA ARG A 44 29.54 -7.12 9.45
C ARG A 44 29.96 -8.24 10.39
N GLU A 45 30.15 -7.87 11.64
CA GLU A 45 30.31 -8.76 12.79
C GLU A 45 29.46 -10.03 12.78
N GLN A 46 28.20 -9.91 12.35
CA GLN A 46 27.24 -11.01 12.41
C GLN A 46 27.41 -12.06 11.30
N ILE A 47 28.03 -11.67 10.19
CA ILE A 47 28.17 -12.57 9.06
C ILE A 47 29.52 -13.28 9.13
N PRO A 48 29.54 -14.62 8.97
CA PRO A 48 30.80 -15.36 8.94
C PRO A 48 31.72 -14.80 7.86
N HIS A 49 32.99 -14.56 8.18
CA HIS A 49 33.90 -13.86 7.28
C HIS A 49 34.10 -14.55 5.92
N ASP A 50 34.08 -15.88 5.91
CA ASP A 50 34.31 -16.65 4.67
C ASP A 50 33.01 -17.04 3.92
N ALA A 51 31.88 -16.51 4.37
CA ALA A 51 30.61 -16.79 3.72
C ALA A 51 30.52 -16.10 2.36
N ARG A 52 29.87 -16.76 1.42
CA ARG A 52 29.47 -16.13 0.17
C ARG A 52 28.05 -15.59 0.37
N VAL A 53 27.93 -14.27 0.41
CA VAL A 53 26.67 -13.60 0.76
C VAL A 53 25.87 -13.16 -0.46
N LEU A 54 24.58 -13.51 -0.51
CA LEU A 54 23.67 -12.92 -1.48
C LEU A 54 22.79 -11.89 -0.79
N ILE A 55 22.97 -10.61 -1.13
CA ILE A 55 22.09 -9.55 -0.66
C ILE A 55 20.85 -9.48 -1.54
N THR A 56 19.69 -9.74 -0.95
CA THR A 56 18.43 -9.63 -1.67
C THR A 56 17.74 -8.32 -1.37
N TYR A 57 17.05 -7.78 -2.36
CA TYR A 57 16.31 -6.55 -2.15
C TYR A 57 15.12 -6.44 -3.10
N GLY A 58 14.40 -5.33 -3.00
CA GLY A 58 13.09 -5.19 -3.63
C GLY A 58 13.16 -4.43 -4.93
N GLY A 59 12.15 -3.59 -5.16
CA GLY A 59 11.94 -2.97 -6.46
C GLY A 59 12.80 -1.77 -6.77
N GLY A 60 13.59 -1.32 -5.80
CA GLY A 60 14.60 -0.30 -6.03
C GLY A 60 14.65 0.86 -5.05
N SER A 61 13.73 0.93 -4.10
CA SER A 61 13.75 2.01 -3.12
C SER A 61 15.06 2.05 -2.36
N VAL A 62 15.63 0.88 -2.06
CA VAL A 62 16.90 0.84 -1.34
C VAL A 62 18.08 1.46 -2.10
N LYS A 63 18.01 1.51 -3.43
CA LYS A 63 19.02 2.20 -4.23
C LYS A 63 18.86 3.71 -4.12
N LYS A 64 17.62 4.18 -4.13
CA LYS A 64 17.31 5.61 -4.07
C LYS A 64 17.69 6.23 -2.70
N THR A 65 17.49 5.47 -1.63
CA THR A 65 17.70 5.97 -0.26
C THR A 65 19.14 5.89 0.23
N GLY A 66 19.98 5.11 -0.45
CA GLY A 66 21.35 4.91 0.00
C GLY A 66 21.53 3.76 0.99
N VAL A 67 20.44 3.08 1.33
CA VAL A 67 20.53 2.00 2.31
C VAL A 67 21.32 0.82 1.75
N LEU A 68 21.08 0.46 0.50
CA LEU A 68 21.82 -0.64 -0.11
C LEU A 68 23.32 -0.33 -0.11
N ASP A 69 23.67 0.92 -0.37
CA ASP A 69 25.08 1.32 -0.39
C ASP A 69 25.70 1.22 1.01
N GLN A 70 24.93 1.54 2.04
CA GLN A 70 25.39 1.37 3.43
C GLN A 70 25.68 -0.10 3.71
N VAL A 71 24.82 -1.00 3.24
CA VAL A 71 25.00 -2.42 3.46
C VAL A 71 26.26 -2.93 2.73
N LEU A 72 26.40 -2.56 1.47
CA LEU A 72 27.56 -2.97 0.67
C LEU A 72 28.87 -2.46 1.27
N ASP A 73 28.82 -1.27 1.87
CA ASP A 73 29.99 -0.69 2.53
C ASP A 73 30.32 -1.42 3.83
N ALA A 74 29.28 -1.81 4.58
CA ALA A 74 29.47 -2.60 5.80
C ALA A 74 30.17 -3.91 5.50
N LEU A 75 29.87 -4.51 4.37
CA LEU A 75 30.44 -5.79 3.97
C LEU A 75 31.56 -5.65 2.93
N LYS A 76 32.17 -4.46 2.83
CA LYS A 76 33.26 -4.21 1.88
C LYS A 76 34.36 -5.26 2.02
N GLY A 77 34.80 -5.82 0.89
CA GLY A 77 35.88 -6.79 0.89
C GLY A 77 35.41 -8.24 1.04
N MET A 78 34.19 -8.44 1.50
CA MET A 78 33.62 -9.78 1.60
C MET A 78 33.10 -10.23 0.25
N ASP A 79 32.92 -11.55 0.14
CA ASP A 79 32.42 -12.20 -1.06
C ASP A 79 30.90 -12.00 -1.14
N VAL A 80 30.48 -11.00 -1.92
CA VAL A 80 29.09 -10.54 -1.94
C VAL A 80 28.54 -10.52 -3.36
N LEU A 81 27.31 -11.01 -3.50
CA LEU A 81 26.53 -10.92 -4.73
C LEU A 81 25.20 -10.23 -4.39
N GLU A 82 24.50 -9.76 -5.41
CA GLU A 82 23.21 -9.09 -5.21
C GLU A 82 22.12 -9.73 -6.07
N PHE A 83 20.91 -9.78 -5.53
CA PHE A 83 19.72 -10.16 -6.28
C PHE A 83 18.60 -9.17 -5.97
N GLY A 84 18.22 -8.36 -6.96
CA GLY A 84 17.17 -7.38 -6.77
C GLY A 84 15.89 -7.75 -7.50
N GLY A 85 14.80 -7.14 -7.07
CA GLY A 85 13.53 -7.24 -7.77
C GLY A 85 12.42 -7.99 -7.05
N ILE A 86 12.63 -8.34 -5.78
CA ILE A 86 11.58 -9.01 -5.01
C ILE A 86 10.43 -8.02 -4.73
N GLU A 87 9.27 -8.31 -5.27
CA GLU A 87 8.15 -7.38 -5.29
C GLU A 87 7.22 -7.59 -4.10
N PRO A 88 6.38 -6.59 -3.80
CA PRO A 88 5.33 -6.77 -2.79
C PRO A 88 4.46 -7.97 -3.12
N ASN A 89 4.17 -8.79 -2.11
CA ASN A 89 3.58 -10.10 -2.30
C ASN A 89 4.53 -10.92 -3.18
N PRO A 90 5.64 -11.36 -2.59
CA PRO A 90 6.78 -11.85 -3.39
C PRO A 90 6.39 -13.07 -4.20
N ALA A 91 6.75 -13.05 -5.47
CA ALA A 91 6.32 -14.04 -6.44
C ALA A 91 7.29 -15.23 -6.52
N TYR A 92 6.74 -16.43 -6.50
CA TYR A 92 7.46 -17.64 -6.80
C TYR A 92 8.24 -17.48 -8.10
N GLU A 93 7.61 -16.86 -9.08
CA GLU A 93 8.19 -16.63 -10.39
C GLU A 93 9.46 -15.77 -10.30
N THR A 94 9.44 -14.76 -9.44
CA THR A 94 10.63 -13.95 -9.17
C THR A 94 11.70 -14.80 -8.51
N LEU A 95 11.31 -15.47 -7.43
CA LEU A 95 12.23 -16.10 -6.50
C LEU A 95 12.96 -17.31 -7.09
N MET A 96 12.35 -18.00 -8.05
CA MET A 96 13.02 -19.16 -8.67
C MET A 96 14.28 -18.77 -9.42
N ASN A 97 14.31 -17.53 -9.92
CA ASN A 97 15.55 -16.97 -10.48
C ASN A 97 16.67 -16.95 -9.44
N ALA A 98 16.35 -16.53 -8.21
CA ALA A 98 17.33 -16.47 -7.13
C ALA A 98 17.71 -17.84 -6.57
N VAL A 99 16.77 -18.79 -6.64
CA VAL A 99 17.03 -20.16 -6.21
C VAL A 99 18.08 -20.78 -7.13
N LYS A 100 17.92 -20.58 -8.44
CA LYS A 100 18.87 -21.04 -9.44
C LYS A 100 20.25 -20.42 -9.24
N LEU A 101 20.28 -19.10 -9.03
CA LEU A 101 21.51 -18.36 -8.77
C LEU A 101 22.21 -18.89 -7.52
N VAL A 102 21.45 -19.13 -6.46
CA VAL A 102 21.99 -19.56 -5.17
C VAL A 102 22.65 -20.95 -5.25
N ARG A 103 22.01 -21.87 -5.98
CA ARG A 103 22.56 -23.20 -6.21
C ARG A 103 23.83 -23.14 -7.05
N GLU A 104 23.77 -22.43 -8.17
CA GLU A 104 24.88 -22.40 -9.12
C GLU A 104 26.10 -21.63 -8.59
N GLN A 105 25.88 -20.62 -7.74
CA GLN A 105 26.97 -19.79 -7.22
C GLN A 105 27.42 -20.23 -5.83
N LYS A 106 26.72 -21.21 -5.27
CA LYS A 106 27.03 -21.76 -3.95
C LYS A 106 27.02 -20.68 -2.86
N VAL A 107 25.93 -19.91 -2.84
CA VAL A 107 25.67 -18.95 -1.77
C VAL A 107 25.49 -19.72 -0.45
N THR A 108 26.12 -19.23 0.62
CA THR A 108 26.05 -19.86 1.94
C THR A 108 25.44 -18.96 3.02
N PHE A 109 25.05 -17.74 2.64
CA PHE A 109 24.40 -16.82 3.57
C PHE A 109 23.56 -15.81 2.79
N LEU A 110 22.35 -15.55 3.27
CA LEU A 110 21.45 -14.59 2.63
C LEU A 110 21.26 -13.37 3.54
N LEU A 111 21.33 -12.18 2.95
CA LEU A 111 21.04 -10.94 3.68
C LEU A 111 19.93 -10.18 2.99
N ALA A 112 18.75 -10.19 3.61
CA ALA A 112 17.55 -9.54 3.08
C ALA A 112 17.51 -8.07 3.49
N VAL A 113 17.40 -7.18 2.50
CA VAL A 113 17.37 -5.75 2.74
C VAL A 113 16.10 -5.16 2.14
N GLY A 114 15.12 -4.90 2.98
CA GLY A 114 13.84 -4.37 2.54
C GLY A 114 12.74 -4.58 3.53
N GLY A 115 11.51 -4.67 3.02
CA GLY A 115 10.36 -4.92 3.87
C GLY A 115 10.05 -6.40 3.95
N GLY A 116 8.89 -6.71 4.51
CA GLY A 116 8.42 -8.07 4.67
C GLY A 116 8.38 -8.94 3.43
N SER A 117 8.10 -8.36 2.27
CA SER A 117 8.11 -9.11 1.02
C SER A 117 9.51 -9.60 0.68
N VAL A 118 10.51 -8.74 0.86
CA VAL A 118 11.90 -9.11 0.64
C VAL A 118 12.35 -10.17 1.63
N LEU A 119 12.06 -9.97 2.90
CA LEU A 119 12.41 -10.94 3.94
C LEU A 119 11.76 -12.29 3.68
N ASP A 120 10.46 -12.29 3.35
CA ASP A 120 9.70 -13.51 3.10
C ASP A 120 10.20 -14.24 1.86
N GLY A 121 10.44 -13.49 0.79
CA GLY A 121 10.99 -14.03 -0.43
C GLY A 121 12.33 -14.70 -0.16
N THR A 122 13.12 -14.09 0.71
CA THR A 122 14.43 -14.61 1.06
C THR A 122 14.34 -15.87 1.94
N LYS A 123 13.36 -15.92 2.83
CA LYS A 123 13.10 -17.14 3.58
C LYS A 123 12.77 -18.28 2.62
N PHE A 124 12.01 -17.99 1.58
CA PHE A 124 11.63 -19.01 0.61
C PHE A 124 12.86 -19.47 -0.16
N ILE A 125 13.70 -18.52 -0.60
CA ILE A 125 14.93 -18.86 -1.29
C ILE A 125 15.81 -19.76 -0.40
N ALA A 126 15.90 -19.41 0.88
CA ALA A 126 16.73 -20.14 1.84
C ALA A 126 16.32 -21.60 1.95
N ALA A 127 15.02 -21.85 1.98
CA ALA A 127 14.49 -23.22 2.10
C ALA A 127 14.45 -23.96 0.76
N ALA A 128 14.10 -23.23 -0.29
CA ALA A 128 14.02 -23.80 -1.63
C ALA A 128 15.38 -24.30 -2.14
N ALA A 129 16.45 -23.64 -1.71
CA ALA A 129 17.80 -23.97 -2.19
C ALA A 129 18.26 -25.33 -1.68
N ASN A 130 17.79 -25.71 -0.49
CA ASN A 130 18.13 -27.00 0.13
C ASN A 130 17.07 -28.08 -0.06
N TYR A 131 15.98 -27.73 -0.72
CA TYR A 131 14.86 -28.64 -0.95
C TYR A 131 15.31 -29.71 -1.95
N PRO A 132 14.77 -30.93 -1.84
CA PRO A 132 15.12 -32.01 -2.78
C PRO A 132 15.04 -31.56 -4.24
N GLU A 133 16.09 -31.83 -5.01
CA GLU A 133 16.28 -31.26 -6.35
C GLU A 133 15.12 -31.53 -7.32
N ASN A 134 14.52 -32.71 -7.24
CA ASN A 134 13.49 -33.13 -8.18
C ASN A 134 12.05 -32.73 -7.80
N ILE A 135 11.91 -32.02 -6.68
CA ILE A 135 10.61 -31.55 -6.22
C ILE A 135 10.50 -30.03 -6.45
N ASP A 136 9.39 -29.63 -7.07
CA ASP A 136 9.07 -28.21 -7.27
C ASP A 136 8.96 -27.55 -5.89
N PRO A 137 9.80 -26.54 -5.60
CA PRO A 137 9.78 -25.91 -4.28
C PRO A 137 8.47 -25.19 -3.92
N TRP A 138 7.55 -25.02 -4.86
CA TRP A 138 6.18 -24.62 -4.51
C TRP A 138 5.53 -25.62 -3.55
N HIS A 139 6.02 -26.86 -3.56
CA HIS A 139 5.65 -27.87 -2.56
C HIS A 139 5.74 -27.36 -1.11
N ILE A 140 6.70 -26.47 -0.83
CA ILE A 140 6.82 -25.84 0.48
C ILE A 140 5.50 -25.16 0.88
N LEU A 141 4.91 -24.43 -0.06
CA LEU A 141 3.66 -23.71 0.19
C LEU A 141 2.45 -24.64 0.22
N GLN A 142 2.48 -25.73 -0.56
CA GLN A 142 1.40 -26.70 -0.55
C GLN A 142 1.34 -27.45 0.79
N THR A 143 2.48 -27.56 1.48
CA THR A 143 2.58 -28.29 2.75
C THR A 143 2.82 -27.38 3.97
N GLY A 144 2.74 -26.06 3.77
CA GLY A 144 2.99 -25.12 4.84
C GLY A 144 4.39 -25.16 5.46
N GLY A 145 5.35 -25.76 4.74
CA GLY A 145 6.74 -25.77 5.17
C GLY A 145 7.11 -26.90 6.12
N LYS A 146 6.22 -27.87 6.31
CA LYS A 146 6.43 -28.91 7.33
C LYS A 146 7.56 -29.87 6.98
N GLU A 147 7.83 -30.05 5.68
CA GLU A 147 8.89 -30.95 5.24
C GLU A 147 10.25 -30.27 5.02
N ILE A 148 10.36 -28.98 5.36
CA ILE A 148 11.66 -28.30 5.34
C ILE A 148 12.54 -28.89 6.44
N LYS A 149 13.70 -29.43 6.05
CA LYS A 149 14.65 -30.04 6.98
C LYS A 149 15.87 -29.16 7.23
N SER A 150 16.14 -28.22 6.31
CA SER A 150 17.20 -27.23 6.50
C SER A 150 17.00 -26.03 5.59
N ALA A 151 17.77 -24.99 5.87
CA ALA A 151 17.71 -23.75 5.09
C ALA A 151 19.01 -22.97 5.23
N ILE A 152 19.35 -22.25 4.16
CA ILE A 152 20.53 -21.39 4.16
C ILE A 152 20.31 -20.31 5.21
N PRO A 153 21.25 -20.10 6.11
CA PRO A 153 21.09 -19.07 7.15
C PRO A 153 20.91 -17.69 6.55
N MET A 154 20.13 -16.85 7.22
CA MET A 154 19.85 -15.51 6.74
C MET A 154 19.80 -14.48 7.87
N GLY A 155 20.09 -13.23 7.53
CA GLY A 155 19.82 -12.11 8.41
C GLY A 155 19.06 -11.08 7.60
N CYS A 156 18.72 -9.97 8.23
CA CYS A 156 18.03 -8.91 7.50
C CYS A 156 18.35 -7.50 7.98
N VAL A 157 18.06 -6.55 7.11
CA VAL A 157 18.06 -5.13 7.42
C VAL A 157 16.67 -4.67 7.02
N LEU A 158 15.84 -4.34 8.02
CA LEU A 158 14.42 -4.06 7.81
C LEU A 158 14.19 -2.59 7.50
N THR A 159 13.51 -2.31 6.39
CA THR A 159 13.22 -0.94 5.98
C THR A 159 11.76 -0.57 6.13
N LEU A 160 10.91 -1.52 6.48
CA LEU A 160 9.47 -1.30 6.64
C LEU A 160 8.94 -2.13 7.81
N PRO A 161 8.50 -1.49 8.90
CA PRO A 161 7.92 -2.21 10.03
C PRO A 161 6.43 -2.50 9.82
N ALA A 162 6.09 -3.78 9.76
CA ALA A 162 4.71 -4.20 9.52
C ALA A 162 4.48 -5.64 9.97
N THR A 163 5.30 -6.54 9.43
CA THR A 163 5.00 -7.97 9.46
C THR A 163 5.60 -8.73 10.65
N GLY A 164 6.63 -8.16 11.28
CA GLY A 164 7.42 -8.90 12.26
C GLY A 164 8.25 -10.05 11.65
N SER A 165 8.38 -10.08 10.32
CA SER A 165 9.08 -11.17 9.64
C SER A 165 10.57 -11.18 10.02
N GLU A 166 11.09 -10.02 10.43
CA GLU A 166 12.47 -9.89 10.91
C GLU A 166 12.86 -10.86 12.03
N SER A 167 11.90 -11.24 12.87
CA SER A 167 12.17 -12.17 13.96
C SER A 167 11.06 -13.19 14.15
N ASN A 168 10.53 -13.71 13.04
CA ASN A 168 9.63 -14.86 13.09
C ASN A 168 9.99 -15.88 12.02
N ALA A 169 9.28 -17.00 12.04
CA ALA A 169 9.62 -18.16 11.22
C ALA A 169 8.61 -18.36 10.09
N GLY A 170 7.82 -17.32 9.79
CA GLY A 170 6.81 -17.38 8.75
C GLY A 170 7.16 -16.58 7.49
N ALA A 171 6.43 -16.88 6.42
CA ALA A 171 6.57 -16.18 5.15
C ALA A 171 5.34 -16.44 4.29
N VAL A 172 5.01 -15.48 3.44
CA VAL A 172 3.84 -15.58 2.60
C VAL A 172 4.29 -15.35 1.16
N ILE A 173 4.14 -16.38 0.34
CA ILE A 173 4.63 -16.39 -1.04
C ILE A 173 3.46 -16.54 -2.00
N SER A 174 3.53 -15.86 -3.14
CA SER A 174 2.48 -15.93 -4.15
C SER A 174 2.97 -16.65 -5.40
N ARG A 175 2.14 -17.49 -5.99
CA ARG A 175 2.39 -17.94 -7.36
C ARG A 175 1.48 -17.12 -8.26
N LYS A 176 2.04 -16.11 -8.90
CA LYS A 176 1.22 -15.12 -9.61
C LYS A 176 0.54 -15.68 -10.86
N THR A 177 1.12 -16.72 -11.47
CA THR A 177 0.52 -17.28 -12.68
C THR A 177 -0.88 -17.85 -12.39
N THR A 178 -1.03 -18.47 -11.23
CA THR A 178 -2.28 -19.15 -10.85
C THR A 178 -3.08 -18.43 -9.76
N GLY A 179 -2.59 -17.28 -9.30
CA GLY A 179 -3.34 -16.46 -8.37
C GLY A 179 -3.45 -17.04 -6.96
N ASP A 180 -2.34 -17.60 -6.47
CA ASP A 180 -2.29 -18.19 -5.14
C ASP A 180 -1.39 -17.35 -4.25
N LYS A 181 -1.84 -17.10 -3.02
CA LYS A 181 -1.02 -16.42 -2.02
C LYS A 181 -1.18 -17.26 -0.76
N GLN A 182 -0.09 -17.91 -0.35
CA GLN A 182 -0.12 -18.87 0.73
C GLN A 182 1.10 -18.71 1.63
N ALA A 183 0.97 -19.22 2.85
CA ALA A 183 1.99 -19.07 3.87
C ALA A 183 2.73 -20.37 4.12
N PHE A 184 3.97 -20.26 4.57
CA PHE A 184 4.64 -21.38 5.20
C PHE A 184 5.37 -20.94 6.47
N HIS A 185 5.67 -21.93 7.30
CA HIS A 185 6.38 -21.72 8.56
CA HIS A 185 6.39 -21.72 8.55
C HIS A 185 7.45 -22.80 8.73
N SER A 186 8.61 -22.40 9.25
CA SER A 186 9.68 -23.34 9.57
C SER A 186 10.74 -22.62 10.40
N ALA A 187 11.12 -23.22 11.52
CA ALA A 187 12.20 -22.68 12.36
C ALA A 187 13.50 -22.47 11.60
N HIS A 188 13.70 -23.21 10.51
CA HIS A 188 14.92 -23.10 9.71
C HIS A 188 15.06 -21.79 8.94
N VAL A 189 13.95 -21.05 8.77
CA VAL A 189 13.99 -19.75 8.08
C VAL A 189 13.86 -18.54 9.03
N GLN A 190 13.91 -18.81 10.33
CA GLN A 190 14.02 -17.76 11.33
C GLN A 190 15.38 -17.05 11.15
N PRO A 191 15.38 -15.74 10.93
CA PRO A 191 16.63 -15.00 10.74
C PRO A 191 17.57 -15.14 11.94
N VAL A 192 18.87 -15.25 11.65
CA VAL A 192 19.89 -15.29 12.68
C VAL A 192 19.91 -13.93 13.39
N PHE A 193 19.82 -12.84 12.63
CA PHE A 193 19.82 -11.50 13.18
C PHE A 193 18.97 -10.54 12.34
N ALA A 194 18.58 -9.41 12.94
CA ALA A 194 17.88 -8.35 12.24
C ALA A 194 18.42 -7.00 12.65
N VAL A 195 18.76 -6.16 11.68
CA VAL A 195 19.13 -4.77 11.93
C VAL A 195 17.87 -3.93 11.82
N LEU A 196 17.51 -3.26 12.91
CA LEU A 196 16.31 -2.44 12.99
C LEU A 196 16.68 -0.99 13.29
N ASP A 197 16.81 -0.20 12.24
CA ASP A 197 17.15 1.22 12.35
C ASP A 197 15.93 2.03 11.95
N PRO A 198 15.27 2.67 12.92
CA PRO A 198 14.08 3.49 12.63
C PRO A 198 14.30 4.57 11.56
N VAL A 199 15.52 5.05 11.44
CA VAL A 199 15.85 6.09 10.45
C VAL A 199 15.59 5.62 9.02
N TYR A 200 15.81 4.33 8.77
CA TYR A 200 15.55 3.75 7.46
C TYR A 200 14.05 3.77 7.09
N THR A 201 13.16 3.93 8.08
CA THR A 201 11.73 4.01 7.82
C THR A 201 11.22 5.41 7.46
N TYR A 202 12.06 6.44 7.60
CA TYR A 202 11.66 7.82 7.36
C TYR A 202 11.14 8.05 5.93
N THR A 203 11.69 7.29 4.99
CA THR A 203 11.42 7.46 3.56
C THR A 203 10.17 6.72 3.07
N LEU A 204 9.55 5.94 3.95
CA LEU A 204 8.33 5.23 3.59
C LEU A 204 7.24 6.17 3.15
N PRO A 205 6.59 5.87 2.02
CA PRO A 205 5.36 6.58 1.66
C PRO A 205 4.31 6.36 2.76
N PRO A 206 3.48 7.35 3.05
CA PRO A 206 2.44 7.22 4.09
C PRO A 206 1.52 6.02 3.89
N ARG A 207 1.24 5.65 2.65
CA ARG A 207 0.48 4.42 2.36
C ARG A 207 1.10 3.22 3.11
N GLN A 208 2.41 3.08 2.99
CA GLN A 208 3.13 1.96 3.61
C GLN A 208 3.30 2.09 5.12
N VAL A 209 3.47 3.32 5.59
CA VAL A 209 3.49 3.56 7.03
C VAL A 209 2.17 3.08 7.62
N ALA A 210 1.07 3.50 7.01
CA ALA A 210 -0.26 3.11 7.46
C ALA A 210 -0.45 1.60 7.36
N ASN A 211 -0.01 1.00 6.24
CA ASN A 211 -0.17 -0.44 6.03
C ASN A 211 0.49 -1.16 7.20
N GLY A 212 1.68 -0.71 7.58
CA GLY A 212 2.46 -1.33 8.62
C GLY A 212 1.82 -1.25 9.99
N VAL A 213 1.26 -0.08 10.30
CA VAL A 213 0.53 0.10 11.56
C VAL A 213 -0.67 -0.84 11.61
N VAL A 214 -1.40 -0.91 10.52
CA VAL A 214 -2.58 -1.79 10.45
C VAL A 214 -2.18 -3.27 10.61
N ASP A 215 -1.12 -3.68 9.93
CA ASP A 215 -0.68 -5.08 9.97
C ASP A 215 -0.26 -5.50 11.38
N ALA A 216 0.52 -4.65 12.05
CA ALA A 216 0.95 -4.92 13.41
C ALA A 216 -0.25 -4.97 14.36
N PHE A 217 -1.20 -4.06 14.13
CA PHE A 217 -2.44 -4.00 14.92
C PHE A 217 -3.22 -5.29 14.76
N VAL A 218 -3.36 -5.75 13.51
CA VAL A 218 -4.18 -6.91 13.24
C VAL A 218 -3.49 -8.19 13.72
N HIS A 219 -2.17 -8.29 13.56
CA HIS A 219 -1.40 -9.40 14.16
C HIS A 219 -1.68 -9.54 15.63
N THR A 220 -1.74 -8.41 16.32
CA THR A 220 -2.00 -8.41 17.74
C THR A 220 -3.39 -8.94 18.06
N VAL A 221 -4.41 -8.43 17.36
CA VAL A 221 -5.78 -8.88 17.65
C VAL A 221 -6.03 -10.34 17.21
N GLU A 222 -5.28 -10.82 16.22
CA GLU A 222 -5.40 -12.21 15.79
C GLU A 222 -4.98 -13.16 16.93
N GLN A 223 -4.14 -12.67 17.83
CA GLN A 223 -3.63 -13.47 18.95
C GLN A 223 -4.26 -13.10 20.29
N TYR A 224 -5.11 -12.07 20.32
CA TYR A 224 -5.62 -11.49 21.57
C TYR A 224 -7.16 -11.39 21.60
N VAL A 225 -7.79 -10.99 20.51
CA VAL A 225 -9.26 -10.95 20.45
C VAL A 225 -9.77 -12.29 19.92
N THR A 226 -9.83 -13.25 20.84
CA THR A 226 -10.01 -14.66 20.51
C THR A 226 -10.87 -15.32 21.63
N LYS A 227 -10.56 -16.54 22.06
CA LYS A 227 -11.28 -17.14 23.20
C LYS A 227 -10.61 -16.65 24.47
N PRO A 228 -11.38 -16.45 25.53
CA PRO A 228 -10.83 -15.87 26.76
C PRO A 228 -9.98 -16.89 27.52
N VAL A 229 -8.73 -16.54 27.70
CA VAL A 229 -7.78 -17.35 28.43
C VAL A 229 -7.18 -16.44 29.49
N ASP A 230 -6.95 -16.98 30.67
CA ASP A 230 -6.43 -16.19 31.78
C ASP A 230 -4.91 -16.07 31.64
N ALA A 231 -4.49 -15.36 30.60
CA ALA A 231 -3.07 -15.15 30.31
C ALA A 231 -2.84 -13.64 30.40
N LYS A 232 -2.54 -13.18 31.61
CA LYS A 232 -2.54 -11.76 31.93
C LYS A 232 -1.38 -11.01 31.31
N ILE A 233 -0.21 -11.63 31.23
CA ILE A 233 0.94 -11.01 30.58
C ILE A 233 0.69 -10.89 29.08
N HIS A 234 0.16 -11.95 28.49
CA HIS A 234 -0.15 -11.95 27.06
C HIS A 234 -1.12 -10.81 26.75
N ASP A 235 -2.17 -10.70 27.57
CA ASP A 235 -3.18 -9.67 27.40
C ASP A 235 -2.59 -8.27 27.54
N ARG A 236 -1.84 -8.04 28.60
CA ARG A 236 -1.25 -6.72 28.83
C ARG A 236 -0.28 -6.31 27.75
N PHE A 237 0.53 -7.26 27.28
CA PHE A 237 1.48 -7.02 26.20
C PHE A 237 0.77 -6.69 24.89
N ALA A 238 -0.25 -7.49 24.55
CA ALA A 238 -1.07 -7.24 23.37
C ALA A 238 -1.73 -5.87 23.45
N GLU A 239 -2.42 -5.60 24.55
CA GLU A 239 -3.04 -4.29 24.77
C GLU A 239 -2.03 -3.16 24.66
N GLY A 240 -0.79 -3.41 25.12
CA GLY A 240 0.24 -2.41 25.13
C GLY A 240 0.69 -2.03 23.74
N ILE A 241 0.80 -3.04 22.88
CA ILE A 241 1.11 -2.83 21.47
C ILE A 241 0.00 -2.04 20.82
N LEU A 242 -1.25 -2.43 21.07
CA LEU A 242 -2.40 -1.77 20.44
C LEU A 242 -2.49 -0.30 20.85
N LEU A 243 -2.32 -0.05 22.15
CA LEU A 243 -2.35 1.30 22.68
C LEU A 243 -1.25 2.17 22.08
N THR A 244 -0.07 1.59 21.93
CA THR A 244 1.07 2.30 21.36
C THR A 244 0.84 2.62 19.88
N LEU A 245 0.25 1.67 19.14
CA LEU A 245 0.01 1.90 17.71
C LEU A 245 -1.05 2.98 17.52
N ILE A 246 -2.06 2.99 18.37
CA ILE A 246 -3.10 4.01 18.27
C ILE A 246 -2.52 5.41 18.57
N GLU A 247 -1.60 5.50 19.53
CA GLU A 247 -1.00 6.77 19.92
C GLU A 247 -0.02 7.25 18.86
N ASP A 248 0.94 6.41 18.51
CA ASP A 248 2.08 6.82 17.65
C ASP A 248 1.95 6.50 16.15
N GLY A 249 1.09 5.57 15.78
CA GLY A 249 0.79 5.30 14.39
C GLY A 249 0.41 6.56 13.61
N PRO A 250 -0.63 7.27 14.03
CA PRO A 250 -1.00 8.52 13.36
C PRO A 250 0.10 9.57 13.39
N LYS A 251 0.90 9.59 14.46
CA LYS A 251 2.02 10.54 14.57
C LYS A 251 3.12 10.24 13.57
N ALA A 252 3.28 8.97 13.21
CA ALA A 252 4.29 8.59 12.22
C ALA A 252 3.95 9.14 10.83
N LEU A 253 2.66 9.39 10.59
CA LEU A 253 2.23 10.04 9.34
C LEU A 253 2.43 11.55 9.40
N LYS A 254 2.12 12.16 10.56
CA LYS A 254 2.24 13.61 10.74
C LYS A 254 3.68 14.06 10.98
N GLU A 255 4.50 13.19 11.55
CA GLU A 255 5.88 13.50 11.95
C GLU A 255 6.82 12.40 11.50
N PRO A 256 7.04 12.30 10.20
CA PRO A 256 7.73 11.14 9.63
C PRO A 256 9.19 10.97 10.07
N GLU A 257 9.85 12.05 10.46
CA GLU A 257 11.24 11.97 10.90
C GLU A 257 11.39 12.14 12.41
N ASN A 258 10.30 11.93 13.14
CA ASN A 258 10.37 11.91 14.60
C ASN A 258 10.90 10.54 15.04
N TYR A 259 12.16 10.50 15.45
CA TYR A 259 12.84 9.25 15.75
C TYR A 259 12.11 8.40 16.80
N ASP A 260 11.64 9.03 17.88
CA ASP A 260 11.01 8.30 18.96
C ASP A 260 9.70 7.68 18.49
N VAL A 261 8.93 8.42 17.69
CA VAL A 261 7.68 7.91 17.16
C VAL A 261 7.94 6.73 16.23
N ARG A 262 8.93 6.85 15.34
CA ARG A 262 9.23 5.79 14.38
C ARG A 262 9.81 4.55 15.06
N ALA A 263 10.56 4.76 16.13
CA ALA A 263 11.14 3.67 16.91
C ALA A 263 10.05 2.90 17.65
N ASN A 264 9.05 3.62 18.17
CA ASN A 264 7.92 2.99 18.84
C ASN A 264 7.09 2.13 17.90
N VAL A 265 6.89 2.62 16.68
CA VAL A 265 6.12 1.86 15.68
C VAL A 265 6.92 0.63 15.25
N MET A 266 8.21 0.81 15.00
CA MET A 266 9.07 -0.29 14.56
C MET A 266 9.12 -1.40 15.62
N TRP A 267 9.33 -1.02 16.87
CA TRP A 267 9.42 -1.99 17.96
C TRP A 267 8.07 -2.66 18.19
N ALA A 268 6.97 -1.91 18.08
CA ALA A 268 5.64 -2.49 18.23
C ALA A 268 5.39 -3.58 17.19
N ALA A 269 5.80 -3.34 15.94
CA ALA A 269 5.59 -4.32 14.87
C ALA A 269 6.40 -5.59 15.09
N THR A 270 7.62 -5.45 15.60
CA THR A 270 8.45 -6.58 15.95
C THR A 270 7.82 -7.46 17.03
N GLN A 271 7.31 -6.81 18.07
CA GLN A 271 6.74 -7.50 19.22
C GLN A 271 5.35 -8.09 18.93
N ALA A 272 4.71 -7.65 17.86
CA ALA A 272 3.38 -8.15 17.51
C ALA A 272 3.37 -9.60 16.99
N LEU A 273 4.50 -10.06 16.43
CA LEU A 273 4.52 -11.39 15.82
C LEU A 273 5.88 -12.11 15.89
N ASN A 274 6.52 -12.08 17.05
CA ASN A 274 7.73 -12.87 17.27
C ASN A 274 7.48 -14.14 18.08
N GLY A 275 6.20 -14.43 18.36
CA GLY A 275 5.79 -15.63 19.09
C GLY A 275 5.41 -15.40 20.54
N LEU A 276 5.94 -14.34 21.16
CA LEU A 276 5.73 -14.08 22.58
C LEU A 276 4.26 -13.92 22.99
N ILE A 277 3.53 -13.02 22.34
CA ILE A 277 2.14 -12.74 22.76
C ILE A 277 1.14 -13.83 22.38
N GLY A 278 1.52 -14.73 21.47
CA GLY A 278 0.67 -15.83 21.06
C GLY A 278 0.97 -17.18 21.71
N ALA A 279 1.99 -17.22 22.56
CA ALA A 279 2.47 -18.49 23.11
C ALA A 279 1.42 -19.12 24.02
N GLY A 280 0.85 -20.23 23.56
CA GLY A 280 -0.03 -21.03 24.38
C GLY A 280 -1.48 -20.56 24.37
N VAL A 281 -1.77 -19.52 23.60
CA VAL A 281 -3.11 -18.96 23.53
C VAL A 281 -3.76 -19.26 22.16
N PRO A 282 -5.07 -19.39 22.14
CA PRO A 282 -5.77 -19.66 20.89
C PRO A 282 -5.57 -18.51 19.93
N GLN A 283 -5.44 -18.82 18.66
CA GLN A 283 -5.22 -17.78 17.66
C GLN A 283 -6.23 -17.91 16.54
N ASP A 284 -6.58 -16.77 15.96
CA ASP A 284 -7.65 -16.69 14.98
C ASP A 284 -7.07 -16.88 13.57
N TRP A 285 -6.54 -15.79 13.00
CA TRP A 285 -5.98 -15.75 11.64
C TRP A 285 -6.97 -15.80 10.46
N ALA A 286 -8.26 -15.89 10.75
CA ALA A 286 -9.27 -15.94 9.69
C ALA A 286 -9.25 -14.66 8.85
N THR A 287 -9.04 -13.51 9.51
CA THR A 287 -9.01 -12.23 8.80
C THR A 287 -7.87 -12.27 7.77
N HIS A 288 -6.74 -12.81 8.20
CA HIS A 288 -5.58 -12.97 7.34
C HIS A 288 -5.85 -13.92 6.17
N MET A 289 -6.46 -15.06 6.44
CA MET A 289 -6.72 -16.04 5.38
C MET A 289 -7.69 -15.46 4.33
N LEU A 290 -8.73 -14.76 4.79
CA LEU A 290 -9.71 -14.17 3.89
C LEU A 290 -9.08 -13.02 3.09
N GLY A 291 -8.20 -12.28 3.75
CA GLY A 291 -7.50 -11.17 3.16
C GLY A 291 -6.52 -11.59 2.09
N HIS A 292 -5.86 -12.72 2.30
CA HIS A 292 -4.89 -13.21 1.32
C HIS A 292 -5.56 -13.40 -0.03
N GLU A 293 -6.79 -13.91 -0.05
CA GLU A 293 -7.47 -14.16 -1.31
C GLU A 293 -7.81 -12.87 -2.03
N LEU A 294 -8.10 -11.80 -1.29
CA LEU A 294 -8.31 -10.47 -1.87
C LEU A 294 -7.06 -9.92 -2.55
N THR A 295 -5.90 -10.10 -1.92
CA THR A 295 -4.63 -9.67 -2.53
C THR A 295 -4.36 -10.47 -3.79
N ALA A 296 -4.55 -11.79 -3.70
CA ALA A 296 -4.24 -12.68 -4.81
C ALA A 296 -5.13 -12.41 -6.02
N MET A 297 -6.41 -12.14 -5.79
CA MET A 297 -7.35 -11.96 -6.90
C MET A 297 -7.38 -10.53 -7.45
N HIS A 298 -7.22 -9.57 -6.55
CA HIS A 298 -7.49 -8.16 -6.87
C HIS A 298 -6.29 -7.22 -6.70
N GLY A 299 -5.19 -7.71 -6.17
CA GLY A 299 -3.98 -6.93 -6.06
C GLY A 299 -3.92 -5.92 -4.91
N LEU A 300 -4.88 -5.97 -3.98
CA LEU A 300 -4.86 -5.06 -2.84
C LEU A 300 -3.65 -5.34 -1.96
N ASP A 301 -3.09 -4.28 -1.38
CA ASP A 301 -2.06 -4.41 -0.36
C ASP A 301 -2.58 -5.27 0.77
N HIS A 302 -1.68 -6.03 1.36
CA HIS A 302 -2.02 -6.95 2.43
C HIS A 302 -2.81 -6.26 3.55
N ALA A 303 -2.33 -5.12 4.02
CA ALA A 303 -2.99 -4.40 5.11
C ALA A 303 -4.38 -3.86 4.72
N GLN A 304 -4.53 -3.46 3.45
CA GLN A 304 -5.82 -3.02 2.94
C GLN A 304 -6.87 -4.14 3.06
N THR A 305 -6.48 -5.38 2.79
CA THR A 305 -7.42 -6.49 2.90
C THR A 305 -7.84 -6.77 4.35
N LEU A 306 -6.94 -6.49 5.29
CA LEU A 306 -7.21 -6.69 6.71
C LEU A 306 -8.16 -5.63 7.22
N ALA A 307 -7.97 -4.39 6.78
CA ALA A 307 -8.83 -3.28 7.18
C ALA A 307 -10.26 -3.50 6.69
N ILE A 308 -10.40 -4.11 5.52
CA ILE A 308 -11.73 -4.47 4.99
C ILE A 308 -12.36 -5.63 5.78
N VAL A 309 -11.61 -6.70 5.97
CA VAL A 309 -12.20 -7.93 6.51
C VAL A 309 -12.43 -7.84 8.02
N LEU A 310 -11.50 -7.25 8.76
CA LEU A 310 -11.55 -7.31 10.23
C LEU A 310 -12.87 -6.82 10.88
N PRO A 311 -13.34 -5.62 10.54
CA PRO A 311 -14.57 -5.12 11.15
C PRO A 311 -15.78 -5.98 10.81
N ALA A 312 -15.85 -6.48 9.57
CA ALA A 312 -16.93 -7.39 9.17
C ALA A 312 -16.84 -8.72 9.90
N LEU A 313 -15.63 -9.26 10.02
CA LEU A 313 -15.42 -10.51 10.73
C LEU A 313 -15.82 -10.39 12.20
N TRP A 314 -15.37 -9.31 12.84
CA TRP A 314 -15.66 -9.10 14.25
C TRP A 314 -17.16 -8.99 14.54
N ASN A 315 -17.90 -8.34 13.65
CA ASN A 315 -19.33 -8.26 13.79
C ASN A 315 -19.99 -9.65 13.70
N GLU A 316 -19.56 -10.42 12.69
CA GLU A 316 -20.06 -11.78 12.50
C GLU A 316 -19.69 -12.69 13.68
N LYS A 317 -18.52 -12.49 14.27
CA LYS A 317 -18.01 -13.34 15.33
C LYS A 317 -18.11 -12.71 16.72
N ARG A 318 -19.05 -11.77 16.89
CA ARG A 318 -19.09 -10.95 18.11
C ARG A 318 -19.46 -11.73 19.37
N ASP A 319 -20.07 -12.90 19.22
CA ASP A 319 -20.45 -13.68 20.39
C ASP A 319 -19.41 -14.72 20.82
N THR A 320 -18.78 -15.42 19.90
CA THR A 320 -17.60 -16.22 20.28
C THR A 320 -16.49 -15.34 20.85
N LYS A 321 -16.38 -14.12 20.36
CA LYS A 321 -15.32 -13.19 20.77
C LYS A 321 -15.80 -12.17 21.81
N ARG A 322 -16.97 -12.38 22.40
CA ARG A 322 -17.62 -11.36 23.23
C ARG A 322 -16.72 -10.86 24.34
N ALA A 323 -16.17 -11.78 25.11
CA ALA A 323 -15.40 -11.42 26.29
C ALA A 323 -14.14 -10.63 25.95
N LYS A 324 -13.41 -11.06 24.92
CA LYS A 324 -12.18 -10.38 24.56
C LYS A 324 -12.47 -9.10 23.78
N LEU A 325 -13.60 -9.03 23.06
CA LEU A 325 -14.00 -7.75 22.45
C LEU A 325 -14.35 -6.73 23.52
N LEU A 326 -14.99 -7.16 24.61
CA LEU A 326 -15.35 -6.25 25.68
C LEU A 326 -14.10 -5.79 26.43
N GLN A 327 -13.13 -6.69 26.58
CA GLN A 327 -11.88 -6.34 27.25
C GLN A 327 -11.10 -5.35 26.40
N TYR A 328 -11.01 -5.66 25.11
CA TYR A 328 -10.42 -4.77 24.12
C TYR A 328 -11.07 -3.38 24.14
N ALA A 329 -12.39 -3.37 24.12
CA ALA A 329 -13.15 -2.12 24.15
C ALA A 329 -12.75 -1.27 25.35
N GLU A 330 -12.62 -1.90 26.52
CA GLU A 330 -12.33 -1.18 27.75
C GLU A 330 -10.84 -0.82 27.85
N ARG A 331 -9.97 -1.80 27.67
CA ARG A 331 -8.52 -1.62 27.88
C ARG A 331 -7.83 -0.77 26.80
N VAL A 332 -8.30 -0.89 25.56
CA VAL A 332 -7.67 -0.22 24.42
C VAL A 332 -8.39 1.08 24.06
N TRP A 333 -9.72 1.10 24.17
CA TRP A 333 -10.51 2.24 23.71
C TRP A 333 -11.27 2.97 24.80
N ASN A 334 -11.13 2.54 26.05
CA ASN A 334 -11.84 3.13 27.20
C ASN A 334 -13.37 3.17 27.00
N ILE A 335 -13.91 2.11 26.42
CA ILE A 335 -15.34 1.96 26.22
C ILE A 335 -15.88 1.01 27.30
N THR A 336 -16.71 1.56 28.19
CA THR A 336 -17.27 0.82 29.33
C THR A 336 -18.80 0.90 29.46
N GLU A 337 -19.45 1.88 28.83
CA GLU A 337 -20.86 2.15 29.06
C GLU A 337 -21.77 1.47 28.04
N GLY A 338 -22.94 1.03 28.50
CA GLY A 338 -23.97 0.45 27.64
C GLY A 338 -24.00 -1.06 27.72
N SER A 339 -24.90 -1.66 26.94
CA SER A 339 -24.97 -3.11 26.83
C SER A 339 -23.72 -3.67 26.15
N ASP A 340 -23.54 -4.98 26.25
CA ASP A 340 -22.41 -5.64 25.59
C ASP A 340 -22.44 -5.36 24.08
N ASP A 341 -23.64 -5.41 23.50
CA ASP A 341 -23.81 -5.14 22.06
CA ASP A 341 -23.81 -5.14 22.06
C ASP A 341 -23.39 -3.71 21.71
N GLU A 342 -23.71 -2.76 22.57
CA GLU A 342 -23.36 -1.36 22.35
C GLU A 342 -21.84 -1.12 22.48
N ARG A 343 -21.23 -1.75 23.46
CA ARG A 343 -19.78 -1.63 23.67
C ARG A 343 -19.03 -2.27 22.51
N ILE A 344 -19.54 -3.40 22.02
CA ILE A 344 -18.88 -4.08 20.91
C ILE A 344 -19.06 -3.28 19.62
N ASP A 345 -20.27 -2.77 19.35
CA ASP A 345 -20.50 -1.92 18.18
C ASP A 345 -19.52 -0.74 18.20
N ALA A 346 -19.34 -0.17 19.38
CA ALA A 346 -18.52 1.03 19.54
C ALA A 346 -17.02 0.72 19.35
N ALA A 347 -16.59 -0.43 19.83
CA ALA A 347 -15.21 -0.86 19.67
C ALA A 347 -14.90 -1.18 18.22
N ILE A 348 -15.84 -1.84 17.54
CA ILE A 348 -15.67 -2.12 16.12
C ILE A 348 -15.61 -0.80 15.33
N ALA A 349 -16.48 0.15 15.70
CA ALA A 349 -16.54 1.42 14.99
C ALA A 349 -15.26 2.22 15.19
N ALA A 350 -14.70 2.15 16.39
CA ALA A 350 -13.48 2.87 16.72
C ALA A 350 -12.31 2.28 15.94
N THR A 351 -12.33 0.97 15.76
CA THR A 351 -11.28 0.26 15.05
C THR A 351 -11.35 0.63 13.58
N ARG A 352 -12.54 0.59 13.00
CA ARG A 352 -12.75 0.96 11.61
C ARG A 352 -12.30 2.40 11.36
N ASN A 353 -12.70 3.30 12.25
CA ASN A 353 -12.32 4.71 12.14
C ASN A 353 -10.80 4.91 12.22
N PHE A 354 -10.15 4.16 13.09
CA PHE A 354 -8.70 4.25 13.25
C PHE A 354 -8.01 3.92 11.93
N PHE A 355 -8.41 2.82 11.32
CA PHE A 355 -7.88 2.41 10.01
C PHE A 355 -8.16 3.49 8.96
N GLU A 356 -9.39 3.95 8.90
CA GLU A 356 -9.78 4.97 7.90
C GLU A 356 -8.97 6.26 8.06
N GLN A 357 -8.70 6.63 9.31
CA GLN A 357 -7.99 7.88 9.59
C GLN A 357 -6.49 7.75 9.29
N LEU A 358 -5.98 6.51 9.25
CA LEU A 358 -4.62 6.24 8.79
C LEU A 358 -4.51 6.32 7.26
N GLY A 359 -5.65 6.32 6.58
CA GLY A 359 -5.69 6.33 5.12
C GLY A 359 -5.94 4.96 4.52
N VAL A 360 -6.48 4.03 5.32
CA VAL A 360 -6.76 2.66 4.87
C VAL A 360 -8.27 2.38 4.87
N PRO A 361 -8.92 2.57 3.72
CA PRO A 361 -10.37 2.34 3.62
C PRO A 361 -10.79 0.91 3.98
N THR A 362 -12.05 0.75 4.37
CA THR A 362 -12.49 -0.50 5.00
C THR A 362 -13.65 -1.19 4.31
N HIS A 363 -13.98 -0.76 3.10
CA HIS A 363 -14.98 -1.45 2.29
C HIS A 363 -14.43 -1.79 0.92
N LEU A 364 -14.88 -2.92 0.40
CA LEU A 364 -14.52 -3.36 -0.93
C LEU A 364 -14.80 -2.30 -1.99
N SER A 365 -15.91 -1.60 -1.86
CA SER A 365 -16.32 -0.57 -2.82
C SER A 365 -15.32 0.60 -2.90
N ASP A 366 -14.55 0.81 -1.83
CA ASP A 366 -13.52 1.86 -1.81
C ASP A 366 -12.36 1.51 -2.72
N TYR A 367 -12.24 0.24 -3.09
CA TYR A 367 -11.21 -0.20 -4.01
C TYR A 367 -11.79 -0.58 -5.37
N GLY A 368 -13.02 -0.13 -5.62
CA GLY A 368 -13.72 -0.38 -6.86
C GLY A 368 -14.16 -1.81 -7.06
N LEU A 369 -14.35 -2.55 -5.97
CA LEU A 369 -14.79 -3.94 -6.04
C LEU A 369 -16.23 -4.07 -5.55
N ASP A 370 -17.10 -4.59 -6.39
CA ASP A 370 -18.53 -4.59 -6.11
C ASP A 370 -19.03 -5.85 -5.41
N GLY A 371 -18.13 -6.79 -5.13
CA GLY A 371 -18.50 -8.04 -4.49
C GLY A 371 -18.89 -9.18 -5.43
N SER A 372 -18.93 -8.92 -6.74
CA SER A 372 -19.28 -9.97 -7.70
C SER A 372 -18.22 -11.07 -7.73
N SER A 373 -17.02 -10.77 -7.23
CA SER A 373 -15.93 -11.75 -7.15
C SER A 373 -16.01 -12.68 -5.94
N ILE A 374 -17.01 -12.51 -5.07
CA ILE A 374 -17.08 -13.29 -3.84
C ILE A 374 -17.18 -14.80 -4.12
N PRO A 375 -18.08 -15.27 -4.99
CA PRO A 375 -18.09 -16.69 -5.32
C PRO A 375 -16.68 -17.19 -5.72
N ALA A 376 -15.96 -16.42 -6.52
CA ALA A 376 -14.63 -16.82 -6.98
C ALA A 376 -13.62 -16.88 -5.82
N LEU A 377 -13.73 -15.97 -4.88
CA LEU A 377 -12.86 -15.95 -3.71
C LEU A 377 -13.09 -17.19 -2.85
N LEU A 378 -14.34 -17.62 -2.78
CA LEU A 378 -14.73 -18.78 -1.96
C LEU A 378 -14.18 -20.06 -2.58
N LYS A 379 -14.11 -20.10 -3.90
CA LYS A 379 -13.55 -21.23 -4.61
C LYS A 379 -12.06 -21.33 -4.35
N LYS A 380 -11.41 -20.17 -4.24
CA LYS A 380 -9.99 -20.13 -3.91
C LYS A 380 -9.75 -20.51 -2.45
N LEU A 381 -10.63 -20.08 -1.53
CA LEU A 381 -10.54 -20.50 -0.14
C LEU A 381 -10.63 -22.01 -0.03
N GLU A 382 -11.59 -22.59 -0.75
CA GLU A 382 -11.81 -24.03 -0.73
C GLU A 382 -10.61 -24.78 -1.29
N GLU A 383 -10.06 -24.27 -2.38
CA GLU A 383 -8.87 -24.85 -3.03
C GLU A 383 -7.69 -24.87 -2.06
N HIS A 384 -7.59 -23.84 -1.23
CA HIS A 384 -6.48 -23.68 -0.30
C HIS A 384 -6.75 -24.30 1.09
N GLY A 385 -7.87 -25.01 1.22
CA GLY A 385 -8.22 -25.68 2.46
C GLY A 385 -8.70 -24.77 3.57
N MET A 386 -9.22 -23.59 3.21
CA MET A 386 -9.64 -22.56 4.15
C MET A 386 -11.16 -22.61 4.40
N THR A 387 -11.66 -23.79 4.74
CA THR A 387 -13.10 -24.04 4.89
C THR A 387 -13.60 -24.11 6.34
N GLN A 388 -12.70 -24.08 7.32
CA GLN A 388 -13.06 -24.15 8.73
C GLN A 388 -12.18 -23.19 9.53
N LEU A 389 -12.31 -21.89 9.23
CA LEU A 389 -11.39 -20.90 9.76
C LEU A 389 -11.75 -20.43 11.17
N GLY A 390 -10.81 -19.72 11.78
CA GLY A 390 -11.00 -19.11 13.07
C GLY A 390 -10.57 -19.98 14.22
N GLU A 391 -10.45 -19.36 15.38
CA GLU A 391 -9.99 -20.06 16.58
C GLU A 391 -10.97 -21.20 16.99
N ASN A 392 -12.22 -21.10 16.57
CA ASN A 392 -13.23 -22.12 16.87
C ASN A 392 -13.46 -23.10 15.72
N HIS A 393 -12.73 -22.89 14.63
CA HIS A 393 -12.80 -23.74 13.44
C HIS A 393 -14.23 -23.80 12.91
N ASP A 394 -14.90 -22.65 12.94
CA ASP A 394 -16.33 -22.57 12.64
C ASP A 394 -16.68 -21.62 11.52
N ILE A 395 -15.68 -21.03 10.87
CA ILE A 395 -15.93 -20.09 9.79
C ILE A 395 -15.91 -20.90 8.49
N THR A 396 -17.08 -21.38 8.11
CA THR A 396 -17.24 -22.19 6.92
C THR A 396 -17.34 -21.27 5.72
N LEU A 397 -17.50 -21.84 4.53
CA LEU A 397 -17.58 -21.04 3.31
C LEU A 397 -18.82 -20.14 3.29
N ASP A 398 -19.93 -20.61 3.86
CA ASP A 398 -21.13 -19.76 3.98
C ASP A 398 -20.92 -18.59 4.95
N VAL A 399 -20.12 -18.81 5.99
CA VAL A 399 -19.78 -17.74 6.91
C VAL A 399 -18.82 -16.75 6.25
N SER A 400 -17.80 -17.27 5.58
CA SER A 400 -16.88 -16.43 4.83
C SER A 400 -17.59 -15.59 3.78
N ARG A 401 -18.57 -16.18 3.09
CA ARG A 401 -19.39 -15.44 2.13
C ARG A 401 -20.08 -14.28 2.81
N ARG A 402 -20.68 -14.54 3.98
CA ARG A 402 -21.37 -13.50 4.72
C ARG A 402 -20.44 -12.37 5.15
N ILE A 403 -19.23 -12.72 5.59
CA ILE A 403 -18.24 -11.71 5.99
C ILE A 403 -17.84 -10.83 4.79
N TYR A 404 -17.51 -11.46 3.67
CA TYR A 404 -17.10 -10.70 2.48
C TYR A 404 -18.27 -9.82 2.03
N GLU A 405 -19.49 -10.35 2.09
CA GLU A 405 -20.68 -9.61 1.68
C GLU A 405 -20.88 -8.39 2.58
N ALA A 406 -20.65 -8.57 3.87
CA ALA A 406 -20.80 -7.48 4.84
C ALA A 406 -19.76 -6.40 4.64
N ALA A 407 -18.62 -6.77 4.04
CA ALA A 407 -17.50 -5.87 3.81
C ALA A 407 -17.60 -5.09 2.50
N ARG A 408 -18.69 -5.25 1.76
CA ARG A 408 -18.85 -4.60 0.46
C ARG A 408 -18.83 -3.07 0.55
N LYS B 19 -29.12 1.04 -11.30
CA LYS B 19 -27.77 0.87 -11.92
C LYS B 19 -26.69 1.23 -10.92
N ALA B 20 -25.54 0.56 -11.02
CA ALA B 20 -24.38 0.89 -10.17
C ALA B 20 -23.78 2.23 -10.62
N GLY B 21 -22.84 2.75 -9.84
CA GLY B 21 -22.18 4.00 -10.17
C GLY B 21 -20.78 3.78 -10.69
N LEU B 22 -20.18 4.85 -11.21
CA LEU B 22 -18.78 4.86 -11.59
C LEU B 22 -17.92 4.57 -10.39
N ASN B 23 -16.93 3.70 -10.57
CA ASN B 23 -15.84 3.57 -9.62
C ASN B 23 -14.91 4.75 -9.79
N ASN B 24 -14.23 5.10 -8.71
CA ASN B 24 -13.13 6.04 -8.77
C ASN B 24 -12.09 5.53 -9.77
N PHE B 25 -11.50 6.45 -10.53
CA PHE B 25 -10.46 6.07 -11.45
C PHE B 25 -9.36 7.11 -11.54
N ASN B 26 -8.24 6.64 -12.07
CA ASN B 26 -7.08 7.43 -12.40
CA ASN B 26 -7.10 7.46 -12.42
C ASN B 26 -6.88 7.27 -13.92
N LEU B 27 -7.02 8.36 -14.68
CA LEU B 27 -6.92 8.31 -16.13
C LEU B 27 -5.83 9.26 -16.61
N HIS B 28 -4.84 8.68 -17.28
CA HIS B 28 -3.71 9.43 -17.84
C HIS B 28 -3.53 8.99 -19.29
N THR B 29 -3.63 9.95 -20.20
CA THR B 29 -3.46 9.72 -21.64
C THR B 29 -2.37 10.62 -22.19
N PRO B 30 -1.11 10.34 -21.86
CA PRO B 30 0.01 11.22 -22.19
C PRO B 30 0.53 11.16 -23.62
N THR B 31 0.13 10.16 -24.40
CA THR B 31 0.66 9.99 -25.76
C THR B 31 0.22 11.15 -26.65
N ARG B 32 1.21 11.86 -27.20
CA ARG B 32 0.97 12.88 -28.19
C ARG B 32 0.61 12.22 -29.51
N ILE B 33 -0.54 12.60 -30.07
CA ILE B 33 -0.98 12.08 -31.34
C ILE B 33 -0.65 13.09 -32.44
N LEU B 34 0.14 12.66 -33.43
CA LEU B 34 0.36 13.43 -34.64
C LEU B 34 -0.44 12.77 -35.74
N PHE B 35 -1.57 13.37 -36.09
CA PHE B 35 -2.53 12.77 -36.99
C PHE B 35 -2.53 13.41 -38.37
N GLY B 36 -2.64 12.59 -39.41
CA GLY B 36 -3.00 13.02 -40.73
C GLY B 36 -1.97 12.76 -41.82
N LYS B 37 -2.36 13.11 -43.03
CA LYS B 37 -1.54 12.94 -44.22
C LYS B 37 -0.27 13.77 -44.09
N GLY B 38 0.88 13.11 -44.13
CA GLY B 38 2.17 13.75 -43.99
C GLY B 38 2.60 14.06 -42.57
N ALA B 39 1.91 13.50 -41.59
CA ALA B 39 2.17 13.79 -40.17
C ALA B 39 3.58 13.40 -39.72
N ILE B 40 4.27 12.58 -40.51
CA ILE B 40 5.65 12.22 -40.22
C ILE B 40 6.57 13.45 -40.23
N ALA B 41 6.10 14.57 -40.78
CA ALA B 41 6.85 15.83 -40.73
C ALA B 41 7.11 16.30 -39.30
N GLY B 42 6.31 15.84 -38.35
CA GLY B 42 6.51 16.16 -36.94
C GLY B 42 7.35 15.17 -36.13
N LEU B 43 7.80 14.09 -36.76
CA LEU B 43 8.45 12.97 -36.05
C LEU B 43 9.80 13.35 -35.39
N ARG B 44 10.67 13.95 -36.19
CA ARG B 44 12.05 14.20 -35.78
C ARG B 44 12.09 15.08 -34.53
N GLU B 45 11.23 16.09 -34.53
CA GLU B 45 11.04 17.03 -33.44
C GLU B 45 10.77 16.34 -32.09
N GLN B 46 10.09 15.19 -32.12
CA GLN B 46 9.71 14.45 -30.91
C GLN B 46 10.85 13.67 -30.27
N ILE B 47 11.94 13.42 -31.00
CA ILE B 47 13.02 12.56 -30.53
C ILE B 47 14.25 13.41 -30.16
N PRO B 48 14.84 13.19 -28.99
CA PRO B 48 16.05 13.94 -28.61
C PRO B 48 17.12 13.78 -29.68
N HIS B 49 17.71 14.89 -30.09
CA HIS B 49 18.65 14.90 -31.20
C HIS B 49 19.85 13.97 -30.98
N ASP B 50 20.23 13.77 -29.73
CA ASP B 50 21.37 12.91 -29.38
C ASP B 50 20.98 11.50 -28.93
N ALA B 51 19.74 11.12 -29.19
CA ALA B 51 19.28 9.76 -28.91
C ALA B 51 19.97 8.74 -29.80
N ARG B 52 20.16 7.55 -29.27
CA ARG B 52 20.48 6.38 -30.06
C ARG B 52 19.14 5.65 -30.26
N VAL B 53 18.61 5.75 -31.47
CA VAL B 53 17.26 5.28 -31.79
C VAL B 53 17.31 3.88 -32.39
N LEU B 54 16.56 2.95 -31.81
CA LEU B 54 16.34 1.65 -32.46
C LEU B 54 14.95 1.65 -33.08
N ILE B 55 14.92 1.59 -34.42
CA ILE B 55 13.68 1.48 -35.15
C ILE B 55 13.34 -0.01 -35.27
N THR B 56 12.19 -0.40 -34.73
CA THR B 56 11.70 -1.77 -34.81
C THR B 56 10.62 -1.88 -35.86
N TYR B 57 10.56 -3.03 -36.53
CA TYR B 57 9.55 -3.29 -37.53
C TYR B 57 9.28 -4.80 -37.68
N GLY B 58 8.33 -5.13 -38.55
CA GLY B 58 7.82 -6.49 -38.67
C GLY B 58 8.49 -7.31 -39.75
N GLY B 59 7.68 -8.00 -40.54
CA GLY B 59 8.15 -8.97 -41.52
C GLY B 59 8.74 -8.40 -42.80
N GLY B 60 8.62 -7.10 -43.03
CA GLY B 60 9.21 -6.44 -44.18
C GLY B 60 8.27 -5.62 -45.06
N SER B 61 6.97 -5.65 -44.77
CA SER B 61 6.03 -4.84 -45.55
C SER B 61 6.41 -3.36 -45.56
N VAL B 62 6.93 -2.82 -44.45
CA VAL B 62 7.30 -1.39 -44.38
C VAL B 62 8.43 -1.00 -45.33
N LYS B 63 9.26 -1.95 -45.72
CA LYS B 63 10.29 -1.68 -46.75
C LYS B 63 9.69 -1.73 -48.15
N LYS B 64 8.71 -2.62 -48.34
CA LYS B 64 7.97 -2.75 -49.60
C LYS B 64 7.16 -1.50 -49.96
N THR B 65 6.66 -0.79 -48.95
CA THR B 65 5.73 0.33 -49.16
C THR B 65 6.42 1.69 -49.21
N GLY B 66 7.67 1.76 -48.78
CA GLY B 66 8.37 3.03 -48.68
C GLY B 66 8.18 3.74 -47.35
N VAL B 67 7.36 3.20 -46.45
CA VAL B 67 7.10 3.87 -45.18
C VAL B 67 8.37 3.93 -44.34
N LEU B 68 9.12 2.84 -44.27
CA LEU B 68 10.34 2.85 -43.47
C LEU B 68 11.36 3.88 -43.99
N ASP B 69 11.42 4.06 -45.32
CA ASP B 69 12.33 5.03 -45.92
C ASP B 69 11.94 6.46 -45.55
N GLN B 70 10.63 6.72 -45.46
CA GLN B 70 10.16 8.03 -44.99
C GLN B 70 10.61 8.29 -43.55
N VAL B 71 10.60 7.26 -42.72
CA VAL B 71 11.06 7.38 -41.33
C VAL B 71 12.57 7.66 -41.26
N LEU B 72 13.35 6.94 -42.05
CA LEU B 72 14.82 7.09 -42.08
C LEU B 72 15.24 8.45 -42.64
N ASP B 73 14.48 8.96 -43.60
CA ASP B 73 14.71 10.29 -44.17
C ASP B 73 14.39 11.35 -43.13
N ALA B 74 13.34 11.14 -42.35
CA ALA B 74 12.95 12.08 -41.30
C ALA B 74 14.04 12.17 -40.25
N LEU B 75 14.69 11.03 -39.98
CA LEU B 75 15.72 10.94 -38.95
C LEU B 75 17.13 10.97 -39.50
N LYS B 76 17.29 11.43 -40.74
CA LYS B 76 18.60 11.45 -41.40
C LYS B 76 19.63 12.20 -40.57
N GLY B 77 20.78 11.57 -40.34
CA GLY B 77 21.87 12.19 -39.60
C GLY B 77 21.87 11.87 -38.11
N MET B 78 20.77 11.32 -37.61
CA MET B 78 20.70 10.89 -36.23
C MET B 78 21.29 9.48 -36.12
N ASP B 79 21.62 9.09 -34.89
CA ASP B 79 22.21 7.80 -34.60
C ASP B 79 21.10 6.75 -34.54
N VAL B 80 20.82 6.09 -35.66
CA VAL B 80 19.74 5.10 -35.70
C VAL B 80 20.19 3.69 -36.10
N LEU B 81 19.62 2.71 -35.40
CA LEU B 81 19.76 1.29 -35.71
C LEU B 81 18.40 0.70 -36.09
N GLU B 82 18.42 -0.49 -36.67
CA GLU B 82 17.22 -1.19 -37.13
C GLU B 82 17.14 -2.58 -36.51
N PHE B 83 15.93 -3.00 -36.14
CA PHE B 83 15.66 -4.36 -35.74
C PHE B 83 14.34 -4.78 -36.36
N GLY B 84 14.40 -5.69 -37.33
CA GLY B 84 13.21 -6.21 -37.98
C GLY B 84 12.87 -7.60 -37.50
N GLY B 85 11.71 -8.07 -37.90
CA GLY B 85 11.32 -9.45 -37.70
C GLY B 85 10.31 -9.67 -36.59
N ILE B 86 9.69 -8.61 -36.07
CA ILE B 86 8.64 -8.79 -35.08
C ILE B 86 7.37 -9.25 -35.80
N GLU B 87 7.07 -10.53 -35.66
CA GLU B 87 5.97 -11.14 -36.41
C GLU B 87 4.64 -11.01 -35.66
N PRO B 88 3.52 -11.25 -36.36
CA PRO B 88 2.22 -11.23 -35.69
C PRO B 88 2.23 -12.21 -34.52
N ASN B 89 1.69 -11.76 -33.40
CA ASN B 89 1.83 -12.47 -32.14
C ASN B 89 3.29 -12.46 -31.73
N PRO B 90 3.79 -11.29 -31.34
CA PRO B 90 5.23 -11.07 -31.13
C PRO B 90 5.79 -12.07 -30.14
N ALA B 91 6.91 -12.69 -30.49
CA ALA B 91 7.45 -13.84 -29.78
C ALA B 91 8.58 -13.40 -28.86
N TYR B 92 8.44 -13.75 -27.59
CA TYR B 92 9.47 -13.53 -26.58
C TYR B 92 10.88 -13.86 -27.05
N GLU B 93 11.00 -15.00 -27.72
CA GLU B 93 12.28 -15.51 -28.21
C GLU B 93 12.95 -14.50 -29.17
N THR B 94 12.17 -13.98 -30.10
CA THR B 94 12.64 -12.94 -31.03
C THR B 94 12.96 -11.64 -30.31
N LEU B 95 12.06 -11.24 -29.42
CA LEU B 95 12.16 -9.95 -28.77
C LEU B 95 13.38 -9.87 -27.89
N MET B 96 13.78 -11.00 -27.30
CA MET B 96 14.95 -11.05 -26.42
C MET B 96 16.25 -10.76 -27.17
N ASN B 97 16.28 -11.04 -28.47
CA ASN B 97 17.42 -10.64 -29.31
C ASN B 97 17.54 -9.12 -29.38
N ALA B 98 16.41 -8.43 -29.54
CA ALA B 98 16.39 -6.97 -29.52
C ALA B 98 16.76 -6.43 -28.15
N VAL B 99 16.32 -7.10 -27.09
CA VAL B 99 16.63 -6.68 -25.73
C VAL B 99 18.16 -6.69 -25.54
N LYS B 100 18.80 -7.77 -25.95
CA LYS B 100 20.26 -7.91 -25.89
C LYS B 100 20.93 -6.74 -26.64
N LEU B 101 20.45 -6.47 -27.84
CA LEU B 101 20.94 -5.37 -28.69
C LEU B 101 20.84 -4.03 -27.95
N VAL B 102 19.68 -3.75 -27.37
CA VAL B 102 19.41 -2.51 -26.66
C VAL B 102 20.35 -2.28 -25.47
N ARG B 103 20.59 -3.33 -24.70
CA ARG B 103 21.50 -3.25 -23.55
C ARG B 103 22.95 -3.03 -23.99
N GLU B 104 23.39 -3.81 -24.97
CA GLU B 104 24.77 -3.80 -25.44
C GLU B 104 25.15 -2.47 -26.11
N GLN B 105 24.24 -1.97 -26.94
CA GLN B 105 24.48 -0.78 -27.75
C GLN B 105 23.99 0.50 -27.08
N LYS B 106 23.45 0.39 -25.87
CA LYS B 106 22.98 1.55 -25.12
C LYS B 106 21.97 2.38 -25.90
N VAL B 107 20.96 1.71 -26.45
CA VAL B 107 19.84 2.38 -27.08
C VAL B 107 19.09 3.20 -26.02
N THR B 108 18.72 4.43 -26.38
CA THR B 108 17.98 5.32 -25.47
C THR B 108 16.58 5.70 -25.96
N PHE B 109 16.23 5.28 -27.16
CA PHE B 109 14.90 5.55 -27.70
C PHE B 109 14.47 4.47 -28.69
N LEU B 110 13.22 4.01 -28.56
CA LEU B 110 12.66 3.00 -29.45
C LEU B 110 11.57 3.60 -30.34
N LEU B 111 11.61 3.30 -31.63
CA LEU B 111 10.60 3.79 -32.57
C LEU B 111 10.00 2.61 -33.33
N ALA B 112 8.78 2.25 -32.95
CA ALA B 112 8.06 1.13 -33.55
C ALA B 112 7.35 1.59 -34.82
N VAL B 113 7.62 0.92 -35.92
CA VAL B 113 7.03 1.27 -37.22
C VAL B 113 6.35 0.02 -37.73
N GLY B 114 5.03 -0.02 -37.63
CA GLY B 114 4.25 -1.19 -38.02
C GLY B 114 2.89 -1.23 -37.32
N GLY B 115 2.29 -2.41 -37.28
CA GLY B 115 1.03 -2.62 -36.61
C GLY B 115 1.19 -2.95 -35.15
N GLY B 116 0.09 -3.36 -34.52
CA GLY B 116 0.04 -3.72 -33.12
C GLY B 116 1.07 -4.70 -32.62
N SER B 117 1.41 -5.70 -33.42
CA SER B 117 2.43 -6.68 -33.03
C SER B 117 3.78 -6.02 -32.84
N VAL B 118 4.14 -5.12 -33.74
CA VAL B 118 5.40 -4.38 -33.65
C VAL B 118 5.40 -3.45 -32.44
N LEU B 119 4.33 -2.69 -32.26
CA LEU B 119 4.22 -1.82 -31.09
C LEU B 119 4.30 -2.60 -29.78
N ASP B 120 3.55 -3.70 -29.69
CA ASP B 120 3.53 -4.53 -28.48
C ASP B 120 4.87 -5.15 -28.19
N GLY B 121 5.51 -5.67 -29.24
CA GLY B 121 6.83 -6.26 -29.11
C GLY B 121 7.80 -5.22 -28.60
N THR B 122 7.67 -4.01 -29.13
CA THR B 122 8.54 -2.90 -28.77
C THR B 122 8.30 -2.45 -27.32
N LYS B 123 7.05 -2.47 -26.88
CA LYS B 123 6.73 -2.22 -25.47
C LYS B 123 7.44 -3.21 -24.56
N PHE B 124 7.44 -4.49 -24.94
CA PHE B 124 8.13 -5.50 -24.16
C PHE B 124 9.62 -5.24 -24.14
N ILE B 125 10.21 -4.89 -25.29
CA ILE B 125 11.64 -4.61 -25.36
C ILE B 125 11.99 -3.45 -24.43
N ALA B 126 11.17 -2.40 -24.48
CA ALA B 126 11.40 -1.20 -23.69
C ALA B 126 11.44 -1.52 -22.19
N ALA B 127 10.56 -2.40 -21.73
CA ALA B 127 10.48 -2.77 -20.30
C ALA B 127 11.54 -3.81 -19.92
N ALA B 128 11.74 -4.77 -20.81
CA ALA B 128 12.68 -5.87 -20.57
C ALA B 128 14.11 -5.37 -20.46
N ALA B 129 14.46 -4.35 -21.24
CA ALA B 129 15.83 -3.83 -21.25
C ALA B 129 16.25 -3.28 -19.89
N ASN B 130 15.31 -2.67 -19.18
CA ASN B 130 15.55 -2.05 -17.87
C ASN B 130 15.22 -2.99 -16.67
N TYR B 131 14.76 -4.20 -16.95
CA TYR B 131 14.32 -5.13 -15.89
C TYR B 131 15.52 -5.60 -15.05
N PRO B 132 15.32 -5.91 -13.77
CA PRO B 132 16.44 -6.38 -12.94
C PRO B 132 17.18 -7.53 -13.63
N GLU B 133 18.50 -7.46 -13.61
CA GLU B 133 19.36 -8.32 -14.42
C GLU B 133 19.18 -9.83 -14.20
N ASN B 134 18.88 -10.23 -12.97
CA ASN B 134 18.78 -11.65 -12.62
C ASN B 134 17.42 -12.26 -12.84
N ILE B 135 16.47 -11.47 -13.34
CA ILE B 135 15.11 -11.98 -13.54
C ILE B 135 14.77 -12.11 -15.02
N ASP B 136 14.53 -13.34 -15.46
CA ASP B 136 14.05 -13.62 -16.81
C ASP B 136 12.82 -12.74 -17.07
N PRO B 137 12.88 -11.83 -18.04
CA PRO B 137 11.79 -10.89 -18.27
C PRO B 137 10.46 -11.48 -18.75
N TRP B 138 10.38 -12.78 -18.99
CA TRP B 138 9.07 -13.41 -19.14
C TRP B 138 8.24 -13.22 -17.86
N HIS B 139 8.90 -12.97 -16.75
CA HIS B 139 8.25 -12.60 -15.49
C HIS B 139 7.23 -11.45 -15.67
N ILE B 140 7.53 -10.53 -16.57
CA ILE B 140 6.61 -9.45 -16.95
C ILE B 140 5.23 -10.00 -17.32
N LEU B 141 5.20 -11.02 -18.15
CA LEU B 141 3.93 -11.63 -18.56
C LEU B 141 3.28 -12.47 -17.47
N GLN B 142 4.08 -13.02 -16.57
CA GLN B 142 3.54 -13.80 -15.46
C GLN B 142 2.91 -12.92 -14.37
N THR B 143 3.30 -11.65 -14.31
CA THR B 143 2.83 -10.73 -13.28
C THR B 143 2.02 -9.56 -13.87
N GLY B 144 1.73 -9.63 -15.17
CA GLY B 144 0.92 -8.61 -15.81
C GLY B 144 1.60 -7.26 -15.94
N GLY B 145 2.91 -7.18 -15.72
CA GLY B 145 3.67 -5.97 -15.92
C GLY B 145 3.70 -5.04 -14.70
N LYS B 146 3.14 -5.50 -13.60
CA LYS B 146 3.01 -4.69 -12.39
C LYS B 146 4.35 -4.22 -11.82
N GLU B 147 5.40 -5.01 -11.99
CA GLU B 147 6.70 -4.70 -11.39
C GLU B 147 7.67 -3.95 -12.31
N ILE B 148 7.22 -3.56 -13.49
CA ILE B 148 8.00 -2.69 -14.35
C ILE B 148 8.12 -1.33 -13.65
N LYS B 149 9.35 -0.86 -13.50
CA LYS B 149 9.67 0.38 -12.80
C LYS B 149 10.05 1.49 -13.74
N SER B 150 10.58 1.13 -14.89
CA SER B 150 10.93 2.08 -15.94
C SER B 150 11.00 1.35 -17.27
N ALA B 151 11.09 2.13 -18.33
CA ALA B 151 11.21 1.57 -19.68
C ALA B 151 11.89 2.58 -20.58
N ILE B 152 12.53 2.09 -21.62
CA ILE B 152 13.13 2.97 -22.58
C ILE B 152 11.97 3.70 -23.27
N PRO B 153 12.04 5.02 -23.36
CA PRO B 153 10.98 5.77 -24.03
C PRO B 153 10.80 5.31 -25.46
N MET B 154 9.57 5.38 -25.94
CA MET B 154 9.24 4.87 -27.26
C MET B 154 8.18 5.74 -27.93
N GLY B 155 8.26 5.83 -29.25
CA GLY B 155 7.17 6.38 -30.03
C GLY B 155 6.80 5.38 -31.10
N CYS B 156 5.83 5.74 -31.93
CA CYS B 156 5.46 4.85 -33.01
C CYS B 156 4.92 5.54 -34.24
N VAL B 157 4.93 4.78 -35.32
CA VAL B 157 4.34 5.14 -36.58
C VAL B 157 3.47 3.94 -36.94
N LEU B 158 2.17 4.10 -36.80
CA LEU B 158 1.22 3.00 -36.90
C LEU B 158 0.80 2.77 -38.33
N THR B 159 0.89 1.52 -38.80
CA THR B 159 0.51 1.15 -40.16
C THR B 159 -0.76 0.29 -40.24
N LEU B 160 -1.27 -0.17 -39.09
CA LEU B 160 -2.46 -1.02 -39.04
C LEU B 160 -3.30 -0.63 -37.82
N PRO B 161 -4.48 -0.05 -38.05
CA PRO B 161 -5.38 0.30 -36.95
C PRO B 161 -6.20 -0.90 -36.51
N ALA B 162 -6.05 -1.27 -35.24
CA ALA B 162 -6.74 -2.42 -34.69
C ALA B 162 -6.75 -2.39 -33.16
N THR B 163 -5.55 -2.29 -32.58
CA THR B 163 -5.37 -2.57 -31.15
C THR B 163 -5.44 -1.36 -30.22
N GLY B 164 -5.27 -0.15 -30.73
CA GLY B 164 -5.16 1.02 -29.86
C GLY B 164 -3.84 1.05 -29.11
N SER B 165 -2.91 0.13 -29.46
CA SER B 165 -1.61 0.04 -28.78
C SER B 165 -0.80 1.33 -28.90
N GLU B 166 -1.05 2.10 -29.97
CA GLU B 166 -0.37 3.37 -30.23
C GLU B 166 -0.50 4.41 -29.11
N SER B 167 -1.57 4.32 -28.33
CA SER B 167 -1.78 5.24 -27.21
C SER B 167 -2.42 4.54 -26.02
N ASN B 168 -2.01 3.29 -25.75
CA ASN B 168 -2.32 2.64 -24.49
C ASN B 168 -1.08 2.02 -23.85
N ALA B 169 -1.27 1.42 -22.67
CA ALA B 169 -0.18 0.93 -21.83
C ALA B 169 -0.07 -0.60 -21.85
N GLY B 170 -0.72 -1.24 -22.80
CA GLY B 170 -0.85 -2.69 -22.80
C GLY B 170 -0.14 -3.33 -23.95
N ALA B 171 0.12 -4.62 -23.81
CA ALA B 171 0.79 -5.39 -24.85
C ALA B 171 0.53 -6.87 -24.65
N VAL B 172 0.47 -7.62 -25.75
CA VAL B 172 0.27 -9.06 -25.70
C VAL B 172 1.46 -9.75 -26.37
N ILE B 173 2.16 -10.56 -25.59
CA ILE B 173 3.38 -11.24 -26.01
C ILE B 173 3.21 -12.76 -25.94
N SER B 174 3.76 -13.45 -26.92
CA SER B 174 3.69 -14.88 -27.02
C SER B 174 5.02 -15.51 -26.64
N ARG B 175 4.99 -16.69 -26.04
CA ARG B 175 6.17 -17.50 -25.86
C ARG B 175 5.90 -18.85 -26.55
N LYS B 176 6.51 -19.02 -27.72
CA LYS B 176 6.20 -20.15 -28.59
C LYS B 176 6.67 -21.48 -28.01
N THR B 177 7.74 -21.44 -27.22
CA THR B 177 8.33 -22.65 -26.64
C THR B 177 7.41 -23.31 -25.61
N THR B 178 6.53 -22.53 -24.99
CA THR B 178 5.60 -23.06 -24.00
C THR B 178 4.13 -22.92 -24.40
N GLY B 179 3.86 -22.37 -25.57
CA GLY B 179 2.50 -22.20 -26.06
C GLY B 179 1.66 -21.16 -25.34
N ASP B 180 2.31 -20.07 -24.94
CA ASP B 180 1.66 -19.01 -24.16
C ASP B 180 1.43 -17.76 -24.99
N LYS B 181 0.33 -17.09 -24.70
CA LYS B 181 0.03 -15.78 -25.24
C LYS B 181 -0.64 -15.01 -24.11
N GLN B 182 0.05 -14.01 -23.58
CA GLN B 182 -0.34 -13.34 -22.33
C GLN B 182 -0.17 -11.83 -22.44
N ALA B 183 -0.96 -11.10 -21.67
CA ALA B 183 -0.94 -9.64 -21.70
C ALA B 183 -0.17 -9.07 -20.51
N PHE B 184 0.41 -7.89 -20.71
CA PHE B 184 0.86 -7.07 -19.61
C PHE B 184 0.48 -5.62 -19.83
N HIS B 185 0.50 -4.84 -18.74
CA HIS B 185 0.21 -3.42 -18.80
CA HIS B 185 0.18 -3.42 -18.76
C HIS B 185 1.16 -2.67 -17.86
N SER B 186 1.61 -1.49 -18.29
CA SER B 186 2.41 -0.61 -17.45
C SER B 186 2.43 0.80 -18.03
N ALA B 187 2.17 1.80 -17.19
CA ALA B 187 2.26 3.19 -17.61
C ALA B 187 3.61 3.51 -18.25
N HIS B 188 4.65 2.78 -17.86
CA HIS B 188 5.99 3.04 -18.39
C HIS B 188 6.17 2.70 -19.87
N VAL B 189 5.28 1.87 -20.44
CA VAL B 189 5.37 1.51 -21.86
C VAL B 189 4.34 2.24 -22.72
N GLN B 190 3.61 3.18 -22.14
CA GLN B 190 2.76 4.05 -22.95
C GLN B 190 3.64 4.91 -23.88
N PRO B 191 3.37 4.87 -25.19
CA PRO B 191 4.18 5.64 -26.13
C PRO B 191 4.17 7.15 -25.82
N VAL B 192 5.33 7.76 -25.97
CA VAL B 192 5.48 9.21 -25.84
C VAL B 192 4.70 9.91 -26.95
N PHE B 193 4.74 9.35 -28.14
CA PHE B 193 3.99 9.88 -29.27
C PHE B 193 3.59 8.77 -30.26
N ALA B 194 2.65 9.09 -31.12
CA ALA B 194 2.18 8.21 -32.17
C ALA B 194 1.87 9.03 -33.40
N VAL B 195 2.53 8.69 -34.50
CA VAL B 195 2.22 9.25 -35.82
C VAL B 195 1.15 8.36 -36.46
N LEU B 196 -0.01 8.95 -36.70
CA LEU B 196 -1.17 8.28 -37.26
C LEU B 196 -1.54 8.92 -38.58
N ASP B 197 -0.99 8.37 -39.65
CA ASP B 197 -1.24 8.82 -41.01
C ASP B 197 -2.10 7.77 -41.70
N PRO B 198 -3.37 8.10 -41.94
CA PRO B 198 -4.28 7.15 -42.61
C PRO B 198 -3.77 6.62 -43.97
N VAL B 199 -2.95 7.40 -44.67
CA VAL B 199 -2.39 6.99 -45.96
C VAL B 199 -1.55 5.71 -45.83
N TYR B 200 -0.84 5.56 -44.71
CA TYR B 200 -0.04 4.36 -44.48
C TYR B 200 -0.87 3.08 -44.33
N THR B 201 -2.18 3.22 -44.06
CA THR B 201 -3.05 2.07 -43.95
C THR B 201 -3.60 1.58 -45.30
N TYR B 202 -3.38 2.35 -46.36
CA TYR B 202 -3.94 2.03 -47.68
C TYR B 202 -3.49 0.67 -48.20
N THR B 203 -2.26 0.28 -47.88
CA THR B 203 -1.64 -0.93 -48.42
C THR B 203 -2.01 -2.21 -47.67
N LEU B 204 -2.75 -2.09 -46.58
CA LEU B 204 -3.16 -3.27 -45.81
C LEU B 204 -3.91 -4.30 -46.64
N PRO B 205 -3.54 -5.57 -46.51
CA PRO B 205 -4.36 -6.66 -47.03
C PRO B 205 -5.79 -6.50 -46.50
N PRO B 206 -6.81 -6.72 -47.32
CA PRO B 206 -8.20 -6.62 -46.87
C PRO B 206 -8.53 -7.41 -45.62
N ARG B 207 -7.94 -8.58 -45.46
CA ARG B 207 -8.23 -9.37 -44.28
C ARG B 207 -7.64 -8.75 -42.99
N GLN B 208 -6.53 -8.01 -43.11
CA GLN B 208 -5.99 -7.30 -41.96
C GLN B 208 -6.80 -6.05 -41.59
N VAL B 209 -7.35 -5.38 -42.60
CA VAL B 209 -8.25 -4.26 -42.37
C VAL B 209 -9.46 -4.79 -41.58
N ALA B 210 -10.02 -5.89 -42.06
CA ALA B 210 -11.17 -6.53 -41.42
C ALA B 210 -10.85 -6.93 -39.98
N ASN B 211 -9.68 -7.53 -39.78
CA ASN B 211 -9.22 -7.91 -38.44
C ASN B 211 -9.18 -6.71 -37.49
N GLY B 212 -8.73 -5.57 -38.00
CA GLY B 212 -8.64 -4.37 -37.21
C GLY B 212 -10.00 -3.81 -36.82
N VAL B 213 -10.94 -3.86 -37.75
CA VAL B 213 -12.29 -3.41 -37.49
C VAL B 213 -12.88 -4.30 -36.41
N VAL B 214 -12.71 -5.60 -36.53
CA VAL B 214 -13.25 -6.54 -35.55
C VAL B 214 -12.60 -6.30 -34.18
N ASP B 215 -11.29 -6.11 -34.15
CA ASP B 215 -10.58 -5.96 -32.89
C ASP B 215 -11.02 -4.69 -32.16
N ALA B 216 -11.10 -3.58 -32.89
CA ALA B 216 -11.58 -2.32 -32.34
C ALA B 216 -13.01 -2.44 -31.80
N PHE B 217 -13.85 -3.12 -32.58
CA PHE B 217 -15.24 -3.39 -32.22
C PHE B 217 -15.31 -4.18 -30.91
N VAL B 218 -14.52 -5.25 -30.81
CA VAL B 218 -14.57 -6.11 -29.64
C VAL B 218 -13.98 -5.40 -28.42
N HIS B 219 -12.90 -4.64 -28.60
CA HIS B 219 -12.35 -3.80 -27.52
C HIS B 219 -13.40 -2.91 -26.90
N THR B 220 -14.22 -2.32 -27.74
CA THR B 220 -15.28 -1.47 -27.29
C THR B 220 -16.32 -2.23 -26.48
N VAL B 221 -16.80 -3.36 -26.99
CA VAL B 221 -17.84 -4.12 -26.27
C VAL B 221 -17.30 -4.77 -24.98
N GLU B 222 -16.00 -5.04 -24.91
CA GLU B 222 -15.40 -5.57 -23.68
C GLU B 222 -15.52 -4.57 -22.54
N GLN B 223 -15.69 -3.30 -22.89
CA GLN B 223 -15.75 -2.22 -21.92
C GLN B 223 -17.16 -1.63 -21.76
N TYR B 224 -18.12 -2.17 -22.50
CA TYR B 224 -19.45 -1.56 -22.63
C TYR B 224 -20.60 -2.55 -22.46
N VAL B 225 -20.52 -3.71 -23.10
CA VAL B 225 -21.55 -4.74 -22.96
C VAL B 225 -21.22 -5.59 -21.74
N THR B 226 -21.50 -5.02 -20.57
CA THR B 226 -21.08 -5.57 -19.29
C THR B 226 -22.26 -5.63 -18.32
N LYS B 227 -22.19 -4.87 -17.23
CA LYS B 227 -23.31 -4.73 -16.32
C LYS B 227 -23.64 -3.25 -16.21
N PRO B 228 -24.90 -2.94 -15.92
CA PRO B 228 -25.38 -1.56 -16.00
C PRO B 228 -24.76 -0.65 -14.95
N VAL B 229 -24.12 0.39 -15.46
CA VAL B 229 -23.58 1.44 -14.65
C VAL B 229 -24.08 2.70 -15.32
N ASP B 230 -24.42 3.71 -14.53
CA ASP B 230 -24.96 4.94 -15.07
C ASP B 230 -23.80 5.82 -15.49
N ALA B 231 -23.09 5.39 -16.52
CA ALA B 231 -21.96 6.11 -17.07
C ALA B 231 -22.36 6.54 -18.47
N LYS B 232 -23.07 7.66 -18.56
CA LYS B 232 -23.69 8.07 -19.81
C LYS B 232 -22.70 8.43 -20.89
N ILE B 233 -21.63 9.13 -20.53
CA ILE B 233 -20.61 9.50 -21.52
C ILE B 233 -19.92 8.26 -22.05
N HIS B 234 -19.54 7.35 -21.14
CA HIS B 234 -18.88 6.10 -21.55
C HIS B 234 -19.74 5.32 -22.54
N ASP B 235 -21.03 5.21 -22.25
CA ASP B 235 -21.96 4.51 -23.12
C ASP B 235 -22.05 5.18 -24.50
N ARG B 236 -22.26 6.50 -24.50
CA ARG B 236 -22.38 7.21 -25.77
C ARG B 236 -21.11 7.10 -26.61
N PHE B 237 -19.96 7.23 -25.97
CA PHE B 237 -18.68 7.17 -26.68
C PHE B 237 -18.47 5.77 -27.25
N ALA B 238 -18.70 4.75 -26.42
CA ALA B 238 -18.64 3.37 -26.87
C ALA B 238 -19.59 3.10 -28.04
N GLU B 239 -20.83 3.51 -27.88
CA GLU B 239 -21.82 3.34 -28.93
C GLU B 239 -21.41 4.07 -30.21
N GLY B 240 -20.83 5.25 -30.05
CA GLY B 240 -20.35 6.04 -31.18
C GLY B 240 -19.24 5.37 -31.95
N ILE B 241 -18.33 4.71 -31.26
CA ILE B 241 -17.22 3.99 -31.90
C ILE B 241 -17.79 2.83 -32.70
N LEU B 242 -18.72 2.11 -32.08
CA LEU B 242 -19.34 0.96 -32.71
C LEU B 242 -20.11 1.34 -33.96
N LEU B 243 -20.91 2.40 -33.87
CA LEU B 243 -21.71 2.90 -34.99
C LEU B 243 -20.81 3.33 -36.14
N THR B 244 -19.68 3.93 -35.81
CA THR B 244 -18.72 4.39 -36.80
C THR B 244 -18.03 3.21 -37.50
N LEU B 245 -17.69 2.17 -36.74
CA LEU B 245 -17.06 0.99 -37.31
C LEU B 245 -18.03 0.24 -38.21
N ILE B 246 -19.30 0.21 -37.84
CA ILE B 246 -20.30 -0.48 -38.65
C ILE B 246 -20.51 0.25 -39.98
N GLU B 247 -20.49 1.58 -39.97
CA GLU B 247 -20.69 2.34 -41.22
C GLU B 247 -19.42 2.34 -42.08
N ASP B 248 -18.26 2.67 -41.52
CA ASP B 248 -17.06 2.91 -42.33
C ASP B 248 -16.09 1.72 -42.42
N GLY B 249 -16.20 0.75 -41.51
CA GLY B 249 -15.43 -0.48 -41.59
C GLY B 249 -15.60 -1.23 -42.91
N PRO B 250 -16.83 -1.56 -43.29
CA PRO B 250 -17.09 -2.17 -44.60
C PRO B 250 -16.58 -1.31 -45.76
N LYS B 251 -16.67 0.02 -45.62
CA LYS B 251 -16.21 0.93 -46.66
C LYS B 251 -14.69 0.89 -46.85
N ALA B 252 -13.96 0.62 -45.78
CA ALA B 252 -12.50 0.58 -45.85
C ALA B 252 -12.01 -0.60 -46.70
N LEU B 253 -12.82 -1.66 -46.76
CA LEU B 253 -12.56 -2.81 -47.63
C LEU B 253 -12.85 -2.49 -49.11
N LYS B 254 -13.92 -1.75 -49.35
CA LYS B 254 -14.37 -1.43 -50.72
C LYS B 254 -13.67 -0.21 -51.31
N GLU B 255 -13.24 0.70 -50.44
CA GLU B 255 -12.62 1.96 -50.85
C GLU B 255 -11.34 2.14 -50.03
N PRO B 256 -10.29 1.38 -50.36
CA PRO B 256 -9.08 1.34 -49.54
C PRO B 256 -8.32 2.67 -49.46
N GLU B 257 -8.44 3.52 -50.48
CA GLU B 257 -7.72 4.78 -50.53
C GLU B 257 -8.64 5.99 -50.32
N ASN B 258 -9.83 5.78 -49.78
CA ASN B 258 -10.70 6.87 -49.37
C ASN B 258 -10.21 7.37 -48.02
N TYR B 259 -9.53 8.51 -48.04
CA TYR B 259 -8.89 9.08 -46.85
C TYR B 259 -9.82 9.24 -45.63
N ASP B 260 -11.03 9.73 -45.88
CA ASP B 260 -11.97 9.99 -44.80
C ASP B 260 -12.44 8.71 -44.14
N VAL B 261 -12.70 7.68 -44.94
CA VAL B 261 -13.08 6.36 -44.42
C VAL B 261 -11.94 5.77 -43.60
N ARG B 262 -10.73 5.79 -44.15
CA ARG B 262 -9.57 5.23 -43.46
C ARG B 262 -9.23 6.03 -42.19
N ALA B 263 -9.49 7.34 -42.19
CA ALA B 263 -9.26 8.18 -41.03
C ALA B 263 -10.26 7.88 -39.91
N ASN B 264 -11.52 7.71 -40.27
CA ASN B 264 -12.56 7.34 -39.29
C ASN B 264 -12.26 5.99 -38.66
N VAL B 265 -11.86 5.01 -39.46
CA VAL B 265 -11.55 3.69 -38.92
C VAL B 265 -10.34 3.78 -38.00
N MET B 266 -9.29 4.48 -38.44
CA MET B 266 -8.07 4.64 -37.66
C MET B 266 -8.33 5.32 -36.31
N TRP B 267 -9.08 6.41 -36.32
CA TRP B 267 -9.35 7.16 -35.09
C TRP B 267 -10.29 6.38 -34.16
N ALA B 268 -11.22 5.63 -34.74
CA ALA B 268 -12.10 4.78 -33.96
C ALA B 268 -11.30 3.73 -33.18
N ALA B 269 -10.31 3.13 -33.85
CA ALA B 269 -9.51 2.09 -33.23
C ALA B 269 -8.66 2.67 -32.09
N THR B 270 -8.21 3.91 -32.25
CA THR B 270 -7.46 4.60 -31.21
C THR B 270 -8.31 4.81 -29.97
N GLN B 271 -9.53 5.30 -30.18
CA GLN B 271 -10.42 5.65 -29.09
C GLN B 271 -11.02 4.42 -28.42
N ALA B 272 -10.99 3.27 -29.10
CA ALA B 272 -11.57 2.05 -28.56
C ALA B 272 -10.83 1.53 -27.32
N LEU B 273 -9.55 1.85 -27.20
CA LEU B 273 -8.74 1.32 -26.09
C LEU B 273 -7.59 2.24 -25.72
N ASN B 274 -7.89 3.48 -25.36
CA ASN B 274 -6.86 4.38 -24.82
C ASN B 274 -7.11 4.70 -23.34
N GLY B 275 -8.08 4.01 -22.73
CA GLY B 275 -8.43 4.21 -21.33
C GLY B 275 -9.74 4.96 -21.09
N LEU B 276 -10.09 5.85 -22.00
CA LEU B 276 -11.19 6.78 -21.81
C LEU B 276 -12.55 6.09 -21.60
N ILE B 277 -12.94 5.18 -22.51
CA ILE B 277 -14.27 4.59 -22.41
C ILE B 277 -14.40 3.53 -21.32
N GLY B 278 -13.28 3.06 -20.79
CA GLY B 278 -13.27 2.04 -19.76
C GLY B 278 -13.02 2.59 -18.36
N ALA B 279 -12.81 3.91 -18.23
CA ALA B 279 -12.45 4.51 -16.95
C ALA B 279 -13.55 4.39 -15.90
N GLY B 280 -13.30 3.60 -14.87
CA GLY B 280 -14.21 3.43 -13.76
C GLY B 280 -15.40 2.50 -13.97
N VAL B 281 -15.47 1.83 -15.12
CA VAL B 281 -16.61 0.97 -15.44
C VAL B 281 -16.15 -0.47 -15.50
N PRO B 282 -17.09 -1.40 -15.28
CA PRO B 282 -16.78 -2.82 -15.37
C PRO B 282 -16.23 -3.18 -16.75
N GLN B 283 -15.27 -4.09 -16.75
CA GLN B 283 -14.71 -4.60 -18.00
C GLN B 283 -14.64 -6.12 -17.98
N ASP B 284 -14.90 -6.70 -19.15
CA ASP B 284 -15.08 -8.13 -19.30
C ASP B 284 -13.72 -8.78 -19.62
N TRP B 285 -13.34 -8.77 -20.89
CA TRP B 285 -12.07 -9.33 -21.39
C TRP B 285 -12.02 -10.85 -21.50
N ALA B 286 -13.11 -11.53 -21.14
CA ALA B 286 -13.17 -12.98 -21.25
C ALA B 286 -13.08 -13.45 -22.70
N THR B 287 -13.71 -12.74 -23.62
CA THR B 287 -13.59 -13.05 -25.03
C THR B 287 -12.14 -13.03 -25.47
N HIS B 288 -11.41 -12.01 -25.02
CA HIS B 288 -9.97 -11.91 -25.31
C HIS B 288 -9.18 -13.06 -24.70
N MET B 289 -9.46 -13.39 -23.44
CA MET B 289 -8.68 -14.43 -22.76
C MET B 289 -8.89 -15.81 -23.43
N LEU B 290 -10.14 -16.14 -23.74
CA LEU B 290 -10.48 -17.37 -24.44
C LEU B 290 -9.92 -17.37 -25.84
N GLY B 291 -9.90 -16.20 -26.46
CA GLY B 291 -9.41 -16.04 -27.82
C GLY B 291 -7.91 -16.22 -27.91
N HIS B 292 -7.18 -15.69 -26.94
CA HIS B 292 -5.73 -15.79 -26.93
C HIS B 292 -5.28 -17.24 -26.96
N GLU B 293 -6.01 -18.10 -26.24
CA GLU B 293 -5.65 -19.51 -26.20
C GLU B 293 -5.84 -20.16 -27.58
N LEU B 294 -6.85 -19.73 -28.33
CA LEU B 294 -7.04 -20.21 -29.69
C LEU B 294 -5.89 -19.78 -30.60
N THR B 295 -5.36 -18.57 -30.40
CA THR B 295 -4.21 -18.14 -31.16
C THR B 295 -2.96 -18.95 -30.81
N ALA B 296 -2.73 -19.15 -29.51
CA ALA B 296 -1.54 -19.83 -29.05
C ALA B 296 -1.52 -21.28 -29.50
N MET B 297 -2.67 -21.94 -29.48
CA MET B 297 -2.78 -23.35 -29.83
C MET B 297 -2.87 -23.62 -31.32
N HIS B 298 -3.63 -22.77 -32.03
CA HIS B 298 -4.00 -23.04 -33.42
C HIS B 298 -3.49 -22.03 -34.45
N GLY B 299 -2.89 -20.94 -33.98
CA GLY B 299 -2.27 -19.98 -34.86
C GLY B 299 -3.23 -19.02 -35.55
N LEU B 300 -4.50 -19.01 -35.14
CA LEU B 300 -5.47 -18.10 -35.75
C LEU B 300 -5.13 -16.65 -35.46
N ASP B 301 -5.41 -15.76 -36.41
CA ASP B 301 -5.28 -14.32 -36.16
C ASP B 301 -6.13 -13.93 -34.95
N HIS B 302 -5.63 -12.98 -34.18
CA HIS B 302 -6.30 -12.50 -32.97
C HIS B 302 -7.78 -12.18 -33.20
N ALA B 303 -8.06 -11.41 -34.24
CA ALA B 303 -9.42 -10.95 -34.51
C ALA B 303 -10.33 -12.10 -34.92
N GLN B 304 -9.76 -13.12 -35.58
CA GLN B 304 -10.52 -14.33 -35.90
C GLN B 304 -10.98 -15.05 -34.63
N THR B 305 -10.13 -15.11 -33.61
CA THR B 305 -10.50 -15.77 -32.36
C THR B 305 -11.63 -15.02 -31.65
N LEU B 306 -11.65 -13.70 -31.77
CA LEU B 306 -12.69 -12.88 -31.15
C LEU B 306 -14.02 -13.03 -31.86
N ALA B 307 -13.98 -13.12 -33.18
CA ALA B 307 -15.18 -13.30 -33.98
C ALA B 307 -15.86 -14.63 -33.67
N ILE B 308 -15.05 -15.64 -33.34
CA ILE B 308 -15.57 -16.95 -32.97
C ILE B 308 -16.19 -16.90 -31.57
N VAL B 309 -15.45 -16.37 -30.60
CA VAL B 309 -15.82 -16.49 -29.19
C VAL B 309 -16.96 -15.54 -28.81
N LEU B 310 -16.92 -14.29 -29.27
CA LEU B 310 -17.84 -13.26 -28.82
C LEU B 310 -19.30 -13.66 -28.90
N PRO B 311 -19.80 -14.07 -30.06
CA PRO B 311 -21.23 -14.41 -30.16
C PRO B 311 -21.62 -15.58 -29.25
N ALA B 312 -20.75 -16.58 -29.13
CA ALA B 312 -20.99 -17.70 -28.23
C ALA B 312 -20.99 -17.25 -26.76
N LEU B 313 -20.04 -16.39 -26.39
CA LEU B 313 -19.94 -15.90 -25.03
C LEU B 313 -21.17 -15.06 -24.66
N TRP B 314 -21.56 -14.16 -25.55
CA TRP B 314 -22.76 -13.34 -25.34
C TRP B 314 -24.01 -14.17 -25.11
N ASN B 315 -24.20 -15.22 -25.91
CA ASN B 315 -25.36 -16.09 -25.72
C ASN B 315 -25.33 -16.77 -24.35
N GLU B 316 -24.15 -17.24 -23.95
CA GLU B 316 -23.96 -17.89 -22.67
C GLU B 316 -24.21 -16.96 -21.49
N LYS B 317 -23.82 -15.69 -21.65
CA LYS B 317 -23.88 -14.70 -20.57
C LYS B 317 -25.04 -13.72 -20.76
N ARG B 318 -26.06 -14.13 -21.51
CA ARG B 318 -27.15 -13.22 -21.86
C ARG B 318 -27.96 -12.78 -20.64
N ASP B 319 -27.92 -13.58 -19.57
CA ASP B 319 -28.60 -13.21 -18.33
C ASP B 319 -27.90 -12.07 -17.57
N THR B 320 -26.61 -12.19 -17.31
CA THR B 320 -25.90 -11.12 -16.59
C THR B 320 -25.62 -9.91 -17.45
N LYS B 321 -25.61 -10.08 -18.77
CA LYS B 321 -25.38 -8.97 -19.70
C LYS B 321 -26.68 -8.44 -20.29
N ARG B 322 -27.82 -8.88 -19.78
CA ARG B 322 -29.12 -8.56 -20.36
C ARG B 322 -29.33 -7.07 -20.66
N ALA B 323 -29.16 -6.22 -19.65
CA ALA B 323 -29.44 -4.79 -19.79
C ALA B 323 -28.57 -4.12 -20.84
N LYS B 324 -27.26 -4.39 -20.82
CA LYS B 324 -26.36 -3.76 -21.78
C LYS B 324 -26.47 -4.38 -23.17
N LEU B 325 -26.85 -5.65 -23.26
CA LEU B 325 -27.15 -6.27 -24.57
C LEU B 325 -28.38 -5.62 -25.17
N LEU B 326 -29.37 -5.30 -24.34
CA LEU B 326 -30.57 -4.67 -24.83
C LEU B 326 -30.31 -3.22 -25.27
N GLN B 327 -29.44 -2.51 -24.54
CA GLN B 327 -29.08 -1.14 -24.91
C GLN B 327 -28.25 -1.11 -26.18
N TYR B 328 -27.29 -2.01 -26.26
CA TYR B 328 -26.50 -2.24 -27.48
C TYR B 328 -27.41 -2.52 -28.66
N ALA B 329 -28.38 -3.41 -28.47
CA ALA B 329 -29.31 -3.77 -29.54
C ALA B 329 -30.03 -2.54 -30.08
N GLU B 330 -30.51 -1.69 -29.18
CA GLU B 330 -31.28 -0.51 -29.58
C GLU B 330 -30.40 0.61 -30.12
N ARG B 331 -29.34 0.96 -29.40
CA ARG B 331 -28.51 2.12 -29.74
C ARG B 331 -27.57 1.89 -30.93
N VAL B 332 -27.10 0.66 -31.08
CA VAL B 332 -26.12 0.33 -32.12
C VAL B 332 -26.76 -0.30 -33.35
N TRP B 333 -27.79 -1.13 -33.15
CA TRP B 333 -28.43 -1.86 -34.24
C TRP B 333 -29.89 -1.50 -34.51
N ASN B 334 -30.44 -0.55 -33.75
CA ASN B 334 -31.84 -0.12 -33.88
C ASN B 334 -32.85 -1.27 -33.76
N ILE B 335 -32.53 -2.24 -32.89
CA ILE B 335 -33.42 -3.34 -32.57
C ILE B 335 -34.23 -2.98 -31.33
N THR B 336 -35.52 -2.70 -31.52
CA THR B 336 -36.44 -2.33 -30.43
C THR B 336 -37.61 -3.30 -30.23
N GLU B 337 -37.92 -4.09 -31.25
CA GLU B 337 -39.15 -4.86 -31.30
C GLU B 337 -38.96 -6.28 -30.78
N GLY B 338 -40.02 -6.81 -30.17
CA GLY B 338 -40.05 -8.19 -29.72
C GLY B 338 -39.65 -8.30 -28.27
N SER B 339 -39.65 -9.53 -27.75
CA SER B 339 -39.28 -9.78 -26.38
C SER B 339 -37.80 -9.50 -26.17
N ASP B 340 -37.38 -9.54 -24.91
CA ASP B 340 -35.98 -9.34 -24.58
C ASP B 340 -35.09 -10.38 -25.24
N ASP B 341 -35.51 -11.64 -25.21
CA ASP B 341 -34.72 -12.71 -25.80
C ASP B 341 -34.60 -12.52 -27.32
N GLU B 342 -35.70 -12.11 -27.95
CA GLU B 342 -35.71 -11.88 -29.39
C GLU B 342 -34.79 -10.75 -29.79
N ARG B 343 -34.81 -9.66 -29.02
CA ARG B 343 -33.94 -8.52 -29.26
C ARG B 343 -32.48 -8.89 -29.07
N ILE B 344 -32.19 -9.68 -28.04
CA ILE B 344 -30.82 -10.13 -27.78
C ILE B 344 -30.38 -11.11 -28.87
N ASP B 345 -31.24 -12.05 -29.26
CA ASP B 345 -30.95 -12.97 -30.37
C ASP B 345 -30.57 -12.18 -31.63
N ALA B 346 -31.32 -11.12 -31.91
CA ALA B 346 -31.14 -10.35 -33.14
C ALA B 346 -29.86 -9.55 -33.08
N ALA B 347 -29.50 -9.05 -31.90
CA ALA B 347 -28.29 -8.26 -31.74
C ALA B 347 -27.07 -9.16 -31.90
N ILE B 348 -27.14 -10.37 -31.35
CA ILE B 348 -26.05 -11.33 -31.53
C ILE B 348 -25.93 -11.72 -33.00
N ALA B 349 -27.08 -11.91 -33.66
CA ALA B 349 -27.11 -12.29 -35.06
C ALA B 349 -26.54 -11.17 -35.96
N ALA B 350 -26.89 -9.93 -35.67
CA ALA B 350 -26.38 -8.79 -36.44
C ALA B 350 -24.87 -8.65 -36.28
N THR B 351 -24.37 -8.95 -35.09
CA THR B 351 -22.95 -8.85 -34.76
C THR B 351 -22.15 -9.91 -35.52
N ARG B 352 -22.62 -11.15 -35.44
CA ARG B 352 -22.07 -12.28 -36.17
C ARG B 352 -22.06 -11.99 -37.67
N ASN B 353 -23.17 -11.51 -38.18
CA ASN B 353 -23.28 -11.17 -39.60
C ASN B 353 -22.31 -10.07 -40.01
N PHE B 354 -22.12 -9.09 -39.14
CA PHE B 354 -21.21 -7.98 -39.40
C PHE B 354 -19.78 -8.48 -39.59
N PHE B 355 -19.32 -9.32 -38.67
CA PHE B 355 -18.01 -9.94 -38.75
C PHE B 355 -17.84 -10.80 -40.02
N GLU B 356 -18.85 -11.62 -40.29
CA GLU B 356 -18.82 -12.49 -41.46
C GLU B 356 -18.71 -11.69 -42.75
N GLN B 357 -19.46 -10.59 -42.83
CA GLN B 357 -19.50 -9.78 -44.04
C GLN B 357 -18.19 -9.00 -44.21
N LEU B 358 -17.47 -8.76 -43.10
CA LEU B 358 -16.11 -8.22 -43.18
C LEU B 358 -15.12 -9.26 -43.70
N GLY B 359 -15.53 -10.53 -43.70
CA GLY B 359 -14.69 -11.63 -44.14
C GLY B 359 -13.99 -12.37 -43.01
N VAL B 360 -14.57 -12.30 -41.81
CA VAL B 360 -14.04 -12.97 -40.64
C VAL B 360 -15.09 -13.99 -40.14
N PRO B 361 -14.92 -15.27 -40.48
CA PRO B 361 -15.83 -16.33 -40.03
C PRO B 361 -15.90 -16.51 -38.51
N THR B 362 -17.01 -17.03 -38.02
CA THR B 362 -17.33 -17.00 -36.59
C THR B 362 -17.53 -18.38 -35.94
N HIS B 363 -17.14 -19.46 -36.63
CA HIS B 363 -17.19 -20.80 -36.06
C HIS B 363 -15.85 -21.49 -36.17
N LEU B 364 -15.50 -22.29 -35.16
CA LEU B 364 -14.26 -23.07 -35.22
C LEU B 364 -14.16 -23.91 -36.50
N SER B 365 -15.28 -24.51 -36.92
CA SER B 365 -15.30 -25.36 -38.11
C SER B 365 -14.99 -24.60 -39.40
N ASP B 366 -15.21 -23.28 -39.43
CA ASP B 366 -14.81 -22.46 -40.58
C ASP B 366 -13.30 -22.42 -40.79
N TYR B 367 -12.55 -22.72 -39.73
CA TYR B 367 -11.09 -22.81 -39.80
C TYR B 367 -10.56 -24.26 -39.71
N GLY B 368 -11.44 -25.23 -39.94
CA GLY B 368 -11.06 -26.64 -39.92
C GLY B 368 -10.83 -27.23 -38.54
N LEU B 369 -11.31 -26.54 -37.50
CA LEU B 369 -11.18 -27.00 -36.13
C LEU B 369 -12.49 -27.61 -35.63
N ASP B 370 -12.44 -28.88 -35.19
CA ASP B 370 -13.66 -29.62 -34.86
C ASP B 370 -14.03 -29.56 -33.37
N GLY B 371 -13.27 -28.82 -32.58
CA GLY B 371 -13.51 -28.76 -31.14
C GLY B 371 -12.87 -29.85 -30.30
N SER B 372 -12.14 -30.79 -30.92
CA SER B 372 -11.41 -31.81 -30.16
C SER B 372 -10.30 -31.23 -29.28
N SER B 373 -9.87 -30.01 -29.56
CA SER B 373 -8.82 -29.35 -28.77
C SER B 373 -9.34 -28.66 -27.52
N ILE B 374 -10.65 -28.67 -27.29
CA ILE B 374 -11.22 -27.89 -26.20
C ILE B 374 -10.67 -28.28 -24.84
N PRO B 375 -10.57 -29.57 -24.51
CA PRO B 375 -9.92 -29.96 -23.25
C PRO B 375 -8.52 -29.37 -23.10
N ALA B 376 -7.73 -29.37 -24.18
CA ALA B 376 -6.39 -28.81 -24.13
C ALA B 376 -6.44 -27.29 -23.90
N LEU B 377 -7.42 -26.60 -24.50
CA LEU B 377 -7.59 -25.17 -24.28
C LEU B 377 -7.92 -24.86 -22.81
N LEU B 378 -8.78 -25.68 -22.21
CA LEU B 378 -9.19 -25.49 -20.83
C LEU B 378 -8.02 -25.73 -19.89
N LYS B 379 -7.14 -26.66 -20.27
CA LYS B 379 -5.93 -26.94 -19.52
C LYS B 379 -5.03 -25.71 -19.51
N LYS B 380 -4.97 -25.00 -20.63
CA LYS B 380 -4.15 -23.81 -20.72
C LYS B 380 -4.75 -22.66 -19.92
N LEU B 381 -6.07 -22.48 -19.99
CA LEU B 381 -6.74 -21.49 -19.17
C LEU B 381 -6.44 -21.71 -17.68
N GLU B 382 -6.53 -22.96 -17.25
CA GLU B 382 -6.26 -23.31 -15.87
C GLU B 382 -4.83 -22.98 -15.47
N GLU B 383 -3.90 -23.32 -16.35
CA GLU B 383 -2.46 -23.09 -16.11
C GLU B 383 -2.16 -21.59 -15.90
N HIS B 384 -2.93 -20.72 -16.53
CA HIS B 384 -2.71 -19.28 -16.44
C HIS B 384 -3.65 -18.56 -15.47
N GLY B 385 -4.29 -19.32 -14.58
CA GLY B 385 -5.19 -18.77 -13.58
C GLY B 385 -6.44 -18.12 -14.13
N MET B 386 -6.89 -18.52 -15.32
CA MET B 386 -8.05 -17.94 -15.99
CA MET B 386 -8.06 -17.94 -15.97
C MET B 386 -9.29 -18.76 -15.64
N THR B 387 -9.57 -18.87 -14.35
CA THR B 387 -10.63 -19.71 -13.81
C THR B 387 -11.85 -18.94 -13.31
N GLN B 388 -11.78 -17.61 -13.36
CA GLN B 388 -12.93 -16.79 -12.96
C GLN B 388 -12.99 -15.52 -13.81
N LEU B 389 -13.25 -15.72 -15.08
CA LEU B 389 -13.20 -14.65 -16.07
C LEU B 389 -14.47 -13.83 -16.10
N GLY B 390 -14.42 -12.70 -16.81
CA GLY B 390 -15.57 -11.84 -16.98
C GLY B 390 -15.68 -10.77 -15.92
N GLU B 391 -16.49 -9.75 -16.21
CA GLU B 391 -16.74 -8.64 -15.30
C GLU B 391 -17.36 -9.09 -13.96
N ASN B 392 -18.02 -10.24 -13.96
CA ASN B 392 -18.60 -10.80 -12.73
C ASN B 392 -17.76 -11.90 -12.11
N HIS B 393 -16.57 -12.18 -12.65
CA HIS B 393 -15.68 -13.22 -12.14
C HIS B 393 -16.42 -14.57 -12.02
N ASP B 394 -17.25 -14.88 -13.01
CA ASP B 394 -18.12 -16.05 -12.97
C ASP B 394 -18.00 -17.00 -14.19
N ILE B 395 -17.05 -16.73 -15.07
CA ILE B 395 -16.77 -17.64 -16.18
C ILE B 395 -15.69 -18.62 -15.73
N THR B 396 -16.16 -19.72 -15.17
CA THR B 396 -15.32 -20.80 -14.70
C THR B 396 -14.88 -21.65 -15.88
N LEU B 397 -14.03 -22.64 -15.60
CA LEU B 397 -13.58 -23.57 -16.64
C LEU B 397 -14.75 -24.31 -17.29
N ASP B 398 -15.80 -24.62 -16.52
CA ASP B 398 -16.95 -25.30 -17.10
C ASP B 398 -17.75 -24.38 -18.02
N VAL B 399 -17.84 -23.10 -17.65
CA VAL B 399 -18.52 -22.13 -18.49
C VAL B 399 -17.72 -21.91 -19.78
N SER B 400 -16.41 -21.77 -19.66
CA SER B 400 -15.53 -21.62 -20.82
C SER B 400 -15.68 -22.81 -21.77
N ARG B 401 -15.83 -24.02 -21.22
CA ARG B 401 -16.04 -25.21 -22.06
C ARG B 401 -17.32 -25.07 -22.88
N ARG B 402 -18.39 -24.64 -22.22
CA ARG B 402 -19.68 -24.46 -22.88
C ARG B 402 -19.57 -23.41 -23.99
N ILE B 403 -18.79 -22.36 -23.74
CA ILE B 403 -18.63 -21.29 -24.71
C ILE B 403 -17.89 -21.79 -25.95
N TYR B 404 -16.77 -22.48 -25.75
CA TYR B 404 -16.02 -23.03 -26.88
C TYR B 404 -16.86 -24.05 -27.65
N GLU B 405 -17.60 -24.88 -26.94
CA GLU B 405 -18.44 -25.91 -27.55
C GLU B 405 -19.55 -25.29 -28.41
N ALA B 406 -20.12 -24.19 -27.94
CA ALA B 406 -21.14 -23.46 -28.69
C ALA B 406 -20.54 -22.76 -29.91
N ALA B 407 -19.25 -22.46 -29.83
CA ALA B 407 -18.53 -21.81 -30.92
C ALA B 407 -18.06 -22.76 -32.03
N ARG B 408 -18.39 -24.05 -31.93
CA ARG B 408 -17.89 -25.04 -32.88
C ARG B 408 -18.40 -24.81 -34.30
N LYS C 19 -18.87 16.42 -47.95
CA LYS C 19 -18.25 16.92 -46.69
C LYS C 19 -16.73 16.98 -46.84
N ALA C 20 -16.10 17.95 -46.17
CA ALA C 20 -14.64 18.11 -46.18
C ALA C 20 -13.98 17.05 -45.30
N GLY C 21 -12.66 17.08 -45.23
CA GLY C 21 -11.93 16.10 -44.44
C GLY C 21 -11.34 16.69 -43.17
N LEU C 22 -10.95 15.79 -42.26
CA LEU C 22 -10.19 16.18 -41.07
C LEU C 22 -8.93 16.91 -41.47
N ASN C 23 -8.66 18.02 -40.79
CA ASN C 23 -7.33 18.60 -40.85
C ASN C 23 -6.37 17.80 -39.97
N ASN C 24 -5.10 17.83 -40.34
CA ASN C 24 -4.03 17.26 -39.52
C ASN C 24 -4.03 17.93 -38.16
N PHE C 25 -3.73 17.15 -37.14
CA PHE C 25 -3.66 17.72 -35.81
C PHE C 25 -2.58 17.10 -34.94
N ASN C 26 -2.30 17.81 -33.85
CA ASN C 26 -1.32 17.45 -32.84
C ASN C 26 -2.07 17.52 -31.50
N LEU C 27 -2.45 16.37 -30.96
CA LEU C 27 -3.28 16.32 -29.76
C LEU C 27 -2.45 15.81 -28.58
N HIS C 28 -2.39 16.61 -27.53
CA HIS C 28 -1.62 16.24 -26.34
C HIS C 28 -2.39 16.72 -25.11
N THR C 29 -2.84 15.77 -24.31
CA THR C 29 -3.65 16.05 -23.13
C THR C 29 -3.06 15.30 -21.94
N PRO C 30 -1.95 15.81 -21.41
CA PRO C 30 -1.15 15.11 -20.40
C PRO C 30 -1.60 15.23 -18.93
N THR C 31 -2.61 16.04 -18.62
CA THR C 31 -3.07 16.16 -17.24
C THR C 31 -3.78 14.89 -16.79
N ARG C 32 -3.24 14.27 -15.75
CA ARG C 32 -3.84 13.10 -15.12
C ARG C 32 -5.12 13.48 -14.39
N ILE C 33 -6.16 12.67 -14.55
CA ILE C 33 -7.41 12.89 -13.86
C ILE C 33 -7.56 11.87 -12.73
N LEU C 34 -7.77 12.36 -11.51
CA LEU C 34 -8.16 11.53 -10.38
C LEU C 34 -9.64 11.80 -10.13
N PHE C 35 -10.50 10.87 -10.54
CA PHE C 35 -11.94 11.05 -10.48
C PHE C 35 -12.60 10.25 -9.36
N GLY C 36 -13.52 10.90 -8.66
CA GLY C 36 -14.51 10.19 -7.85
C GLY C 36 -14.59 10.67 -6.43
N LYS C 37 -15.57 10.11 -5.70
CA LYS C 37 -15.78 10.41 -4.30
C LYS C 37 -14.54 10.08 -3.48
N GLY C 38 -14.02 11.05 -2.74
CA GLY C 38 -12.80 10.90 -1.96
C GLY C 38 -11.53 10.70 -2.77
N ALA C 39 -11.51 11.14 -4.03
CA ALA C 39 -10.34 10.93 -4.89
C ALA C 39 -9.11 11.71 -4.44
N ILE C 40 -9.30 12.68 -3.54
CA ILE C 40 -8.18 13.36 -2.91
C ILE C 40 -7.25 12.40 -2.15
N ALA C 41 -7.73 11.20 -1.84
CA ALA C 41 -6.91 10.18 -1.19
C ALA C 41 -5.68 9.81 -2.02
N GLY C 42 -5.75 10.06 -3.33
CA GLY C 42 -4.63 9.83 -4.24
C GLY C 42 -3.62 10.96 -4.36
N LEU C 43 -3.86 12.08 -3.67
CA LEU C 43 -3.01 13.28 -3.79
C LEU C 43 -1.55 13.02 -3.49
N ARG C 44 -1.32 12.35 -2.38
CA ARG C 44 0.02 12.15 -1.86
C ARG C 44 0.91 11.37 -2.82
N GLU C 45 0.33 10.43 -3.56
CA GLU C 45 1.10 9.65 -4.52
C GLU C 45 1.35 10.39 -5.82
N GLN C 46 0.73 11.55 -6.00
CA GLN C 46 0.95 12.38 -7.17
C GLN C 46 1.92 13.54 -6.92
N ILE C 47 2.23 13.84 -5.66
CA ILE C 47 3.13 14.93 -5.31
C ILE C 47 4.46 14.33 -4.85
N PRO C 48 5.60 14.88 -5.27
CA PRO C 48 6.89 14.42 -4.75
C PRO C 48 6.92 14.40 -3.23
N HIS C 49 7.48 13.33 -2.68
CA HIS C 49 7.50 13.04 -1.24
C HIS C 49 7.97 14.19 -0.35
N ASP C 50 9.00 14.90 -0.80
CA ASP C 50 9.65 15.98 -0.05
CA ASP C 50 9.65 15.97 -0.04
C ASP C 50 9.29 17.37 -0.56
N ALA C 51 8.23 17.47 -1.37
CA ALA C 51 7.81 18.75 -1.92
C ALA C 51 7.40 19.72 -0.79
N ARG C 52 7.80 20.98 -0.90
CA ARG C 52 7.18 22.01 -0.10
C ARG C 52 6.00 22.59 -0.88
N VAL C 53 4.79 22.30 -0.40
CA VAL C 53 3.56 22.59 -1.13
C VAL C 53 2.92 23.89 -0.68
N LEU C 54 2.52 24.73 -1.63
CA LEU C 54 1.61 25.84 -1.34
C LEU C 54 0.23 25.51 -1.88
N ILE C 55 -0.76 25.42 -1.00
CA ILE C 55 -2.14 25.30 -1.42
C ILE C 55 -2.69 26.68 -1.70
N THR C 56 -3.24 26.89 -2.88
CA THR C 56 -3.88 28.15 -3.21
C THR C 56 -5.39 28.01 -3.25
N TYR C 57 -6.11 29.07 -2.93
CA TYR C 57 -7.58 29.06 -3.01
C TYR C 57 -8.16 30.48 -3.18
N GLY C 58 -9.47 30.55 -3.32
CA GLY C 58 -10.16 31.79 -3.63
C GLY C 58 -10.71 32.49 -2.40
N GLY C 59 -12.02 32.71 -2.38
CA GLY C 59 -12.65 33.55 -1.36
C GLY C 59 -12.73 32.98 0.05
N GLY C 60 -12.68 31.66 0.20
CA GLY C 60 -12.76 31.04 1.52
C GLY C 60 -13.87 30.03 1.71
N SER C 61 -14.79 29.91 0.75
CA SER C 61 -15.84 28.92 0.86
C SER C 61 -15.28 27.50 0.92
N VAL C 62 -14.12 27.23 0.31
CA VAL C 62 -13.52 25.88 0.41
C VAL C 62 -13.10 25.57 1.84
N LYS C 63 -12.81 26.60 2.64
CA LYS C 63 -12.61 26.41 4.07
C LYS C 63 -13.93 26.11 4.79
N LYS C 64 -14.96 26.88 4.48
CA LYS C 64 -16.29 26.70 5.09
C LYS C 64 -16.86 25.30 4.87
N THR C 65 -16.71 24.77 3.67
CA THR C 65 -17.28 23.47 3.31
C THR C 65 -16.50 22.29 3.88
N GLY C 66 -15.28 22.56 4.38
CA GLY C 66 -14.40 21.49 4.84
C GLY C 66 -13.49 20.91 3.75
N VAL C 67 -13.62 21.35 2.50
CA VAL C 67 -12.77 20.81 1.44
C VAL C 67 -11.28 21.10 1.72
N LEU C 68 -10.94 22.32 2.16
CA LEU C 68 -9.54 22.66 2.41
C LEU C 68 -8.95 21.78 3.51
N ASP C 69 -9.70 21.55 4.58
CA ASP C 69 -9.27 20.66 5.66
C ASP C 69 -9.05 19.22 5.18
N GLN C 70 -9.87 18.75 4.24
CA GLN C 70 -9.65 17.44 3.65
C GLN C 70 -8.32 17.36 2.91
N VAL C 71 -8.01 18.42 2.16
CA VAL C 71 -6.78 18.48 1.39
C VAL C 71 -5.59 18.49 2.36
N LEU C 72 -5.68 19.32 3.40
CA LEU C 72 -4.61 19.43 4.39
C LEU C 72 -4.36 18.10 5.08
N ASP C 73 -5.43 17.39 5.40
CA ASP C 73 -5.38 16.05 5.98
C ASP C 73 -4.68 15.07 5.04
N ALA C 74 -4.97 15.15 3.75
CA ALA C 74 -4.36 14.26 2.77
C ALA C 74 -2.87 14.51 2.66
N LEU C 75 -2.42 15.71 3.01
CA LEU C 75 -1.02 16.09 2.88
C LEU C 75 -0.29 16.12 4.24
N LYS C 76 -0.85 15.48 5.26
CA LYS C 76 -0.21 15.53 6.59
C LYS C 76 1.19 14.91 6.54
N GLY C 77 2.13 15.48 7.28
CA GLY C 77 3.52 15.05 7.21
C GLY C 77 4.36 15.83 6.20
N MET C 78 3.72 16.55 5.29
CA MET C 78 4.43 17.40 4.34
C MET C 78 4.56 18.82 4.88
N ASP C 79 5.52 19.58 4.33
CA ASP C 79 5.61 21.01 4.57
C ASP C 79 4.57 21.68 3.68
N VAL C 80 3.51 22.21 4.29
CA VAL C 80 2.41 22.81 3.55
C VAL C 80 2.17 24.23 4.03
N LEU C 81 2.01 25.14 3.07
CA LEU C 81 1.60 26.50 3.29
C LEU C 81 0.29 26.76 2.56
N GLU C 82 -0.35 27.88 2.90
CA GLU C 82 -1.64 28.25 2.33
C GLU C 82 -1.61 29.70 1.88
N PHE C 83 -2.25 29.97 0.75
CA PHE C 83 -2.45 31.32 0.26
C PHE C 83 -3.87 31.41 -0.31
N GLY C 84 -4.72 32.20 0.34
CA GLY C 84 -6.09 32.39 -0.10
C GLY C 84 -6.24 33.76 -0.75
N GLY C 85 -7.38 33.98 -1.38
CA GLY C 85 -7.77 35.31 -1.85
C GLY C 85 -7.66 35.55 -3.34
N ILE C 86 -7.40 34.50 -4.12
CA ILE C 86 -7.39 34.65 -5.58
C ILE C 86 -8.81 34.96 -6.09
N GLU C 87 -8.92 36.04 -6.85
CA GLU C 87 -10.20 36.64 -7.22
C GLU C 87 -10.80 35.90 -8.40
N PRO C 88 -12.12 35.99 -8.56
CA PRO C 88 -12.79 35.50 -9.78
C PRO C 88 -12.14 35.97 -11.09
N ASN C 89 -11.65 37.21 -11.10
CA ASN C 89 -10.76 37.71 -12.14
C ASN C 89 -9.39 37.84 -11.48
N PRO C 90 -8.57 36.79 -11.54
CA PRO C 90 -7.35 36.76 -10.73
C PRO C 90 -6.47 37.97 -11.01
N ALA C 91 -6.13 38.71 -9.97
CA ALA C 91 -5.44 39.99 -10.11
C ALA C 91 -3.96 39.85 -9.84
N TYR C 92 -3.16 40.41 -10.76
CA TYR C 92 -1.72 40.45 -10.68
C TYR C 92 -1.21 40.86 -9.30
N GLU C 93 -1.84 41.89 -8.73
CA GLU C 93 -1.39 42.48 -7.47
C GLU C 93 -1.52 41.48 -6.31
N THR C 94 -2.59 40.71 -6.32
CA THR C 94 -2.78 39.67 -5.32
C THR C 94 -1.81 38.53 -5.55
N LEU C 95 -1.68 38.08 -6.80
CA LEU C 95 -0.84 36.94 -7.13
C LEU C 95 0.63 37.20 -6.82
N MET C 96 1.07 38.45 -6.90
CA MET C 96 2.46 38.79 -6.60
C MET C 96 2.81 38.57 -5.12
N ASN C 97 1.83 38.68 -4.24
CA ASN C 97 2.05 38.34 -2.83
C ASN C 97 2.38 36.86 -2.72
N ALA C 98 1.68 36.03 -3.49
CA ALA C 98 1.95 34.59 -3.51
C ALA C 98 3.31 34.29 -4.11
N VAL C 99 3.67 35.00 -5.18
CA VAL C 99 4.96 34.79 -5.85
C VAL C 99 6.09 35.04 -4.86
N LYS C 100 5.99 36.14 -4.11
CA LYS C 100 7.00 36.53 -3.12
C LYS C 100 7.13 35.43 -2.05
N LEU C 101 6.00 34.93 -1.59
CA LEU C 101 5.96 33.84 -0.61
C LEU C 101 6.63 32.57 -1.16
N VAL C 102 6.31 32.22 -2.40
CA VAL C 102 6.88 31.05 -3.06
C VAL C 102 8.41 31.14 -3.15
N ARG C 103 8.94 32.30 -3.51
CA ARG C 103 10.39 32.49 -3.64
C ARG C 103 11.09 32.43 -2.29
N GLU C 104 10.51 33.12 -1.30
CA GLU C 104 11.10 33.24 0.02
C GLU C 104 11.13 31.89 0.76
N GLN C 105 10.03 31.14 0.64
CA GLN C 105 9.86 29.87 1.34
C GLN C 105 10.33 28.66 0.52
N LYS C 106 10.80 28.88 -0.70
CA LYS C 106 11.26 27.80 -1.58
C LYS C 106 10.19 26.71 -1.74
N VAL C 107 9.00 27.15 -2.13
CA VAL C 107 7.90 26.27 -2.50
C VAL C 107 8.24 25.58 -3.81
N THR C 108 8.01 24.26 -3.88
CA THR C 108 8.34 23.47 -5.06
C THR C 108 7.14 22.77 -5.72
N PHE C 109 5.95 22.89 -5.14
CA PHE C 109 4.74 22.38 -5.77
C PHE C 109 3.56 23.25 -5.37
N LEU C 110 2.70 23.56 -6.33
CA LEU C 110 1.50 24.36 -6.09
C LEU C 110 0.25 23.47 -6.21
N LEU C 111 -0.69 23.62 -5.28
CA LEU C 111 -1.94 22.87 -5.37
C LEU C 111 -3.12 23.82 -5.31
N ALA C 112 -3.77 24.03 -6.46
CA ALA C 112 -4.89 24.95 -6.58
C ALA C 112 -6.18 24.26 -6.15
N VAL C 113 -6.84 24.80 -5.13
CA VAL C 113 -8.11 24.26 -4.64
C VAL C 113 -9.19 25.28 -4.93
N GLY C 114 -9.99 25.02 -5.95
CA GLY C 114 -11.04 25.93 -6.36
C GLY C 114 -11.47 25.69 -7.79
N GLY C 115 -11.89 26.78 -8.45
CA GLY C 115 -12.35 26.70 -9.82
C GLY C 115 -11.34 27.31 -10.77
N GLY C 116 -11.82 27.70 -11.95
CA GLY C 116 -10.98 28.15 -13.03
C GLY C 116 -10.12 29.35 -12.71
N SER C 117 -10.65 30.27 -11.91
CA SER C 117 -9.94 31.48 -11.56
C SER C 117 -8.76 31.20 -10.64
N VAL C 118 -8.95 30.31 -9.67
CA VAL C 118 -7.86 29.90 -8.78
C VAL C 118 -6.77 29.16 -9.56
N LEU C 119 -7.19 28.28 -10.46
CA LEU C 119 -6.28 27.55 -11.33
C LEU C 119 -5.43 28.49 -12.18
N ASP C 120 -6.08 29.48 -12.80
CA ASP C 120 -5.42 30.44 -13.69
C ASP C 120 -4.40 31.27 -12.90
N GLY C 121 -4.82 31.74 -11.73
CA GLY C 121 -3.97 32.54 -10.88
C GLY C 121 -2.76 31.75 -10.46
N THR C 122 -2.97 30.47 -10.16
CA THR C 122 -1.90 29.59 -9.73
C THR C 122 -0.91 29.32 -10.86
N LYS C 123 -1.41 29.19 -12.09
CA LYS C 123 -0.52 29.06 -13.24
C LYS C 123 0.40 30.28 -13.35
N PHE C 124 -0.13 31.47 -13.12
CA PHE C 124 0.68 32.67 -13.16
C PHE C 124 1.72 32.63 -12.05
N ILE C 125 1.32 32.22 -10.85
CA ILE C 125 2.25 32.13 -9.73
C ILE C 125 3.37 31.16 -10.09
N ALA C 126 3.00 30.02 -10.68
CA ALA C 126 3.94 28.98 -11.08
C ALA C 126 5.00 29.50 -12.04
N ALA C 127 4.57 30.28 -13.04
CA ALA C 127 5.49 30.81 -14.03
C ALA C 127 6.27 32.01 -13.50
N ALA C 128 5.59 32.90 -12.77
CA ALA C 128 6.21 34.13 -12.26
C ALA C 128 7.31 33.84 -11.25
N ALA C 129 7.14 32.77 -10.47
CA ALA C 129 8.10 32.39 -9.44
C ALA C 129 9.46 32.08 -10.04
N ASN C 130 9.47 31.47 -11.23
CA ASN C 130 10.69 31.06 -11.91
C ASN C 130 11.19 32.07 -12.96
N TYR C 131 10.44 33.15 -13.17
CA TYR C 131 10.83 34.21 -14.11
C TYR C 131 11.99 35.00 -13.50
N PRO C 132 12.91 35.54 -14.30
CA PRO C 132 14.01 36.34 -13.74
C PRO C 132 13.49 37.44 -12.80
N GLU C 133 14.08 37.50 -11.61
CA GLU C 133 13.54 38.28 -10.49
C GLU C 133 13.42 39.77 -10.78
N ASN C 134 14.36 40.31 -11.55
CA ASN C 134 14.39 41.74 -11.82
C ASN C 134 13.39 42.17 -12.90
N ILE C 135 12.74 41.22 -13.57
CA ILE C 135 11.70 41.56 -14.55
C ILE C 135 10.37 41.65 -13.82
N ASP C 136 9.60 42.70 -14.10
CA ASP C 136 8.20 42.77 -13.67
C ASP C 136 7.47 41.58 -14.32
N PRO C 137 6.94 40.66 -13.53
CA PRO C 137 6.26 39.47 -14.07
C PRO C 137 5.05 39.73 -14.96
N TRP C 138 4.51 40.94 -14.97
CA TRP C 138 3.48 41.29 -15.95
C TRP C 138 3.99 41.12 -17.39
N HIS C 139 5.30 41.18 -17.57
CA HIS C 139 5.98 40.81 -18.82
C HIS C 139 5.46 39.50 -19.43
N ILE C 140 5.15 38.53 -18.57
CA ILE C 140 4.56 37.27 -19.00
C ILE C 140 3.30 37.51 -19.81
N LEU C 141 2.45 38.37 -19.29
CA LEU C 141 1.20 38.73 -19.95
C LEU C 141 1.42 39.54 -21.22
N GLN C 142 2.41 40.44 -21.20
CA GLN C 142 2.73 41.28 -22.36
C GLN C 142 3.23 40.45 -23.55
N THR C 143 3.84 39.30 -23.25
CA THR C 143 4.46 38.44 -24.27
C THR C 143 3.66 37.16 -24.49
N GLY C 144 2.50 37.03 -23.87
CA GLY C 144 1.67 35.85 -24.02
C GLY C 144 2.26 34.57 -23.42
N GLY C 145 3.26 34.70 -22.55
CA GLY C 145 3.91 33.56 -21.94
C GLY C 145 4.95 32.86 -22.80
N LYS C 146 5.27 33.44 -23.97
CA LYS C 146 6.14 32.76 -24.93
C LYS C 146 7.58 32.58 -24.44
N GLU C 147 7.99 33.41 -23.48
CA GLU C 147 9.35 33.37 -22.94
C GLU C 147 9.49 32.63 -21.59
N ILE C 148 8.41 32.02 -21.13
CA ILE C 148 8.48 31.15 -19.96
C ILE C 148 9.32 29.93 -20.32
N LYS C 149 10.39 29.68 -19.54
CA LYS C 149 11.28 28.54 -19.75
C LYS C 149 11.11 27.45 -18.69
N SER C 150 10.39 27.76 -17.62
CA SER C 150 10.02 26.77 -16.62
C SER C 150 8.96 27.34 -15.69
N ALA C 151 8.42 26.46 -14.88
CA ALA C 151 7.41 26.84 -13.91
C ALA C 151 7.33 25.80 -12.80
N ILE C 152 6.95 26.24 -11.62
CA ILE C 152 6.72 25.32 -10.52
C ILE C 152 5.59 24.37 -10.92
N PRO C 153 5.80 23.07 -10.74
CA PRO C 153 4.74 22.10 -11.05
C PRO C 153 3.50 22.36 -10.19
N MET C 154 2.34 22.09 -10.75
CA MET C 154 1.10 22.31 -10.03
C MET C 154 0.07 21.25 -10.33
N GLY C 155 -0.81 21.03 -9.38
CA GLY C 155 -1.98 20.20 -9.59
C GLY C 155 -3.17 20.96 -9.10
N CYS C 156 -4.34 20.38 -9.23
CA CYS C 156 -5.53 21.05 -8.76
C CYS C 156 -6.57 20.11 -8.18
N VAL C 157 -7.47 20.69 -7.39
CA VAL C 157 -8.64 20.01 -6.84
C VAL C 157 -9.81 20.92 -7.20
N LEU C 158 -10.67 20.47 -8.10
CA LEU C 158 -11.76 21.29 -8.60
C LEU C 158 -12.92 21.32 -7.63
N THR C 159 -13.43 22.51 -7.34
CA THR C 159 -14.63 22.65 -6.52
C THR C 159 -15.75 23.40 -7.24
N LEU C 160 -15.42 24.04 -8.37
CA LEU C 160 -16.43 24.68 -9.22
C LEU C 160 -16.55 23.90 -10.53
N PRO C 161 -17.63 24.12 -11.29
CA PRO C 161 -17.79 23.41 -12.57
C PRO C 161 -16.60 23.66 -13.50
N ALA C 162 -16.25 22.68 -14.31
CA ALA C 162 -15.04 22.76 -15.13
C ALA C 162 -15.16 23.87 -16.17
N THR C 163 -14.04 24.55 -16.41
CA THR C 163 -13.93 25.62 -17.41
C THR C 163 -12.89 25.30 -18.48
N GLY C 164 -12.10 24.25 -18.27
CA GLY C 164 -11.04 23.88 -19.19
C GLY C 164 -9.65 24.14 -18.61
N SER C 165 -9.54 25.06 -17.65
CA SER C 165 -8.23 25.44 -17.11
C SER C 165 -7.50 24.26 -16.46
N GLU C 166 -8.28 23.33 -15.90
CA GLU C 166 -7.75 22.15 -15.23
C GLU C 166 -6.97 21.22 -16.19
N SER C 167 -7.26 21.31 -17.48
CA SER C 167 -6.64 20.46 -18.49
C SER C 167 -5.90 21.23 -19.61
N ASN C 168 -5.71 22.54 -19.46
CA ASN C 168 -5.02 23.32 -20.50
C ASN C 168 -3.85 24.14 -19.94
N ALA C 169 -3.12 24.79 -20.83
CA ALA C 169 -1.88 25.44 -20.46
C ALA C 169 -2.01 26.96 -20.55
N GLY C 170 -3.23 27.45 -20.40
CA GLY C 170 -3.52 28.87 -20.51
C GLY C 170 -4.16 29.46 -19.28
N ALA C 171 -4.16 30.79 -19.25
CA ALA C 171 -4.69 31.53 -18.11
C ALA C 171 -4.97 32.98 -18.51
N VAL C 172 -5.98 33.57 -17.88
CA VAL C 172 -6.30 34.99 -18.07
C VAL C 172 -6.09 35.71 -16.74
N ILE C 173 -5.25 36.72 -16.76
CA ILE C 173 -4.87 37.46 -15.56
C ILE C 173 -5.20 38.95 -15.76
N SER C 174 -5.69 39.60 -14.71
CA SER C 174 -6.02 41.01 -14.73
C SER C 174 -4.97 41.79 -13.95
N ARG C 175 -4.88 43.09 -14.21
CA ARG C 175 -4.05 44.00 -13.44
C ARG C 175 -4.91 45.18 -13.02
N LYS C 176 -5.21 45.26 -11.73
CA LYS C 176 -6.12 46.28 -11.22
C LYS C 176 -5.69 47.72 -11.55
N THR C 177 -4.40 48.02 -11.45
CA THR C 177 -3.94 49.41 -11.56
C THR C 177 -4.16 49.99 -12.95
N THR C 178 -4.04 49.16 -13.99
CA THR C 178 -4.24 49.60 -15.37
C THR C 178 -5.59 49.18 -15.93
N GLY C 179 -6.37 48.44 -15.16
CA GLY C 179 -7.64 47.90 -15.63
C GLY C 179 -7.48 46.96 -16.81
N ASP C 180 -6.36 46.26 -16.85
CA ASP C 180 -5.99 45.39 -17.96
C ASP C 180 -6.44 43.94 -17.69
N LYS C 181 -6.55 43.18 -18.77
CA LYS C 181 -6.88 41.76 -18.72
C LYS C 181 -6.23 41.12 -19.94
N GLN C 182 -5.29 40.19 -19.69
CA GLN C 182 -4.53 39.55 -20.76
C GLN C 182 -4.40 38.05 -20.51
N ALA C 183 -4.16 37.31 -21.58
CA ALA C 183 -3.97 35.88 -21.49
C ALA C 183 -2.50 35.51 -21.70
N PHE C 184 -2.10 34.39 -21.12
CA PHE C 184 -0.84 33.76 -21.49
C PHE C 184 -1.02 32.25 -21.62
N HIS C 185 -0.07 31.63 -22.27
CA HIS C 185 -0.05 30.20 -22.51
C HIS C 185 1.39 29.69 -22.45
N SER C 186 1.58 28.56 -21.80
CA SER C 186 2.87 27.88 -21.76
C SER C 186 2.71 26.44 -21.35
N ALA C 187 3.32 25.53 -22.10
CA ALA C 187 3.33 24.10 -21.76
C ALA C 187 3.81 23.88 -20.33
N HIS C 188 4.66 24.76 -19.82
CA HIS C 188 5.17 24.65 -18.46
C HIS C 188 4.12 24.83 -17.34
N VAL C 189 2.96 25.41 -17.65
CA VAL C 189 1.89 25.58 -16.66
C VAL C 189 0.68 24.64 -16.87
N GLN C 190 0.84 23.66 -17.75
CA GLN C 190 -0.08 22.53 -17.85
C GLN C 190 -0.13 21.81 -16.50
N PRO C 191 -1.29 21.73 -15.86
CA PRO C 191 -1.35 20.99 -14.60
C PRO C 191 -0.89 19.54 -14.76
N VAL C 192 -0.20 19.04 -13.74
CA VAL C 192 0.25 17.65 -13.67
C VAL C 192 -0.95 16.74 -13.46
N PHE C 193 -1.86 17.15 -12.60
CA PHE C 193 -3.08 16.39 -12.32
C PHE C 193 -4.24 17.29 -11.92
N ALA C 194 -5.43 16.72 -11.97
CA ALA C 194 -6.65 17.36 -11.50
C ALA C 194 -7.48 16.32 -10.78
N VAL C 195 -7.93 16.67 -9.58
CA VAL C 195 -8.82 15.82 -8.80
C VAL C 195 -10.23 16.34 -9.06
N LEU C 196 -11.08 15.47 -9.57
CA LEU C 196 -12.47 15.75 -9.89
C LEU C 196 -13.36 14.86 -9.03
N ASP C 197 -13.87 15.41 -7.93
CA ASP C 197 -14.73 14.69 -7.00
C ASP C 197 -16.13 15.32 -7.10
N PRO C 198 -17.09 14.60 -7.69
CA PRO C 198 -18.46 15.12 -7.81
C PRO C 198 -19.14 15.59 -6.50
N VAL C 199 -18.76 14.99 -5.38
CA VAL C 199 -19.30 15.37 -4.08
C VAL C 199 -19.04 16.84 -3.77
N TYR C 200 -17.87 17.36 -4.17
CA TYR C 200 -17.56 18.78 -3.96
C TYR C 200 -18.52 19.73 -4.67
N THR C 201 -19.24 19.27 -5.70
CA THR C 201 -20.18 20.12 -6.43
C THR C 201 -21.57 20.17 -5.81
N TYR C 202 -21.85 19.28 -4.87
CA TYR C 202 -23.17 19.20 -4.24
C TYR C 202 -23.67 20.52 -3.66
N THR C 203 -22.74 21.32 -3.13
CA THR C 203 -23.07 22.56 -2.43
C THR C 203 -23.13 23.78 -3.36
N LEU C 204 -22.86 23.60 -4.65
CA LEU C 204 -22.94 24.71 -5.60
C LEU C 204 -24.35 25.26 -5.70
N PRO C 205 -24.48 26.59 -5.71
CA PRO C 205 -25.78 27.23 -5.93
C PRO C 205 -26.36 26.84 -7.30
N PRO C 206 -27.67 26.65 -7.39
CA PRO C 206 -28.33 26.29 -8.66
C PRO C 206 -27.88 27.14 -9.85
N ARG C 207 -27.67 28.44 -9.65
CA ARG C 207 -27.18 29.35 -10.69
C ARG C 207 -25.84 28.91 -11.27
N GLN C 208 -24.91 28.53 -10.41
CA GLN C 208 -23.59 28.08 -10.85
C GLN C 208 -23.65 26.70 -11.54
N VAL C 209 -24.51 25.82 -11.05
CA VAL C 209 -24.69 24.51 -11.66
C VAL C 209 -25.28 24.68 -13.06
N ALA C 210 -26.33 25.49 -13.18
CA ALA C 210 -26.98 25.77 -14.46
C ALA C 210 -25.99 26.38 -15.44
N ASN C 211 -25.21 27.34 -14.96
CA ASN C 211 -24.21 28.04 -15.78
C ASN C 211 -23.13 27.08 -16.29
N GLY C 212 -22.75 26.14 -15.44
CA GLY C 212 -21.80 25.11 -15.83
C GLY C 212 -22.30 24.21 -16.94
N VAL C 213 -23.57 23.85 -16.89
CA VAL C 213 -24.16 22.98 -17.90
C VAL C 213 -24.24 23.71 -19.23
N VAL C 214 -24.65 24.97 -19.18
CA VAL C 214 -24.81 25.77 -20.39
C VAL C 214 -23.42 25.97 -21.03
N ASP C 215 -22.44 26.32 -20.22
CA ASP C 215 -21.10 26.56 -20.72
C ASP C 215 -20.53 25.29 -21.38
N ALA C 216 -20.68 24.14 -20.73
CA ALA C 216 -20.24 22.86 -21.31
C ALA C 216 -20.98 22.54 -22.62
N PHE C 217 -22.28 22.78 -22.64
CA PHE C 217 -23.10 22.58 -23.83
C PHE C 217 -22.60 23.46 -24.99
N VAL C 218 -22.34 24.73 -24.71
CA VAL C 218 -21.94 25.68 -25.76
C VAL C 218 -20.53 25.36 -26.26
N HIS C 219 -19.60 25.11 -25.34
CA HIS C 219 -18.24 24.70 -25.73
C HIS C 219 -18.25 23.56 -26.71
N THR C 220 -19.16 22.60 -26.50
CA THR C 220 -19.32 21.46 -27.40
C THR C 220 -19.84 21.85 -28.76
N VAL C 221 -20.93 22.62 -28.79
CA VAL C 221 -21.48 23.05 -30.08
C VAL C 221 -20.54 23.99 -30.84
N GLU C 222 -19.68 24.72 -30.15
CA GLU C 222 -18.69 25.60 -30.81
C GLU C 222 -17.72 24.79 -31.67
N GLN C 223 -17.54 23.53 -31.34
CA GLN C 223 -16.63 22.63 -32.05
C GLN C 223 -17.35 21.61 -32.94
N TYR C 224 -18.68 21.68 -33.04
CA TYR C 224 -19.48 20.65 -33.68
C TYR C 224 -20.55 21.18 -34.65
N VAL C 225 -21.32 22.18 -34.24
CA VAL C 225 -22.26 22.85 -35.14
C VAL C 225 -21.50 23.92 -35.94
N THR C 226 -20.84 23.46 -37.00
CA THR C 226 -19.88 24.24 -37.74
C THR C 226 -20.04 23.89 -39.23
N LYS C 227 -18.96 23.45 -39.87
CA LYS C 227 -18.97 23.01 -41.26
C LYS C 227 -18.97 21.51 -41.26
N PRO C 228 -19.61 20.88 -42.24
CA PRO C 228 -19.66 19.42 -42.27
C PRO C 228 -18.30 18.85 -42.68
N VAL C 229 -17.75 18.05 -41.79
CA VAL C 229 -16.49 17.37 -42.00
C VAL C 229 -16.80 15.94 -41.61
N ASP C 230 -16.26 14.99 -42.36
CA ASP C 230 -16.59 13.59 -42.15
C ASP C 230 -15.76 13.03 -41.01
N ALA C 231 -15.97 13.56 -39.81
CA ALA C 231 -15.27 13.13 -38.60
C ALA C 231 -16.34 12.50 -37.73
N LYS C 232 -16.58 11.22 -37.98
CA LYS C 232 -17.67 10.49 -37.35
C LYS C 232 -17.50 10.30 -35.84
N ILE C 233 -16.29 10.03 -35.39
CA ILE C 233 -16.03 9.90 -33.95
C ILE C 233 -16.25 11.24 -33.25
N HIS C 234 -15.61 12.29 -33.76
CA HIS C 234 -15.83 13.64 -33.25
C HIS C 234 -17.31 13.95 -33.09
N ASP C 235 -18.08 13.67 -34.14
CA ASP C 235 -19.50 13.95 -34.15
C ASP C 235 -20.25 13.15 -33.09
N ARG C 236 -19.97 11.85 -33.00
CA ARG C 236 -20.66 11.00 -32.02
C ARG C 236 -20.32 11.41 -30.59
N PHE C 237 -19.07 11.78 -30.37
CA PHE C 237 -18.62 12.15 -29.05
C PHE C 237 -19.28 13.48 -28.63
N ALA C 238 -19.30 14.45 -29.54
CA ALA C 238 -19.95 15.72 -29.30
C ALA C 238 -21.44 15.54 -29.02
N GLU C 239 -22.10 14.77 -29.87
CA GLU C 239 -23.52 14.48 -29.70
C GLU C 239 -23.75 13.75 -28.38
N GLY C 240 -22.80 12.89 -27.99
CA GLY C 240 -22.90 12.14 -26.76
C GLY C 240 -22.86 13.06 -25.54
N ILE C 241 -21.99 14.05 -25.59
CA ILE C 241 -21.88 15.03 -24.52
C ILE C 241 -23.19 15.82 -24.40
N LEU C 242 -23.71 16.27 -25.53
CA LEU C 242 -24.90 17.09 -25.58
C LEU C 242 -26.11 16.31 -25.07
N LEU C 243 -26.25 15.06 -25.49
CA LEU C 243 -27.35 14.21 -25.04
C LEU C 243 -27.30 13.96 -23.53
N THR C 244 -26.10 13.78 -22.99
CA THR C 244 -25.89 13.54 -21.57
C THR C 244 -26.21 14.80 -20.76
N LEU C 245 -25.78 15.96 -21.24
CA LEU C 245 -26.11 17.22 -20.58
C LEU C 245 -27.62 17.50 -20.60
N ILE C 246 -28.29 17.16 -21.70
CA ILE C 246 -29.74 17.35 -21.79
C ILE C 246 -30.46 16.43 -20.81
N GLU C 247 -29.99 15.20 -20.67
CA GLU C 247 -30.64 14.20 -19.82
C GLU C 247 -30.39 14.51 -18.34
N ASP C 248 -29.13 14.74 -17.98
CA ASP C 248 -28.74 14.82 -16.57
C ASP C 248 -28.50 16.24 -16.03
N GLY C 249 -28.29 17.21 -16.91
CA GLY C 249 -28.22 18.61 -16.49
C GLY C 249 -29.37 19.07 -15.61
N PRO C 250 -30.60 18.91 -16.11
CA PRO C 250 -31.78 19.24 -15.30
C PRO C 250 -31.85 18.49 -13.97
N LYS C 251 -31.44 17.22 -13.97
CA LYS C 251 -31.45 16.41 -12.76
C LYS C 251 -30.48 16.93 -11.70
N ALA C 252 -29.38 17.53 -12.14
CA ALA C 252 -28.39 18.11 -11.22
C ALA C 252 -28.96 19.27 -10.41
N LEU C 253 -29.92 19.98 -10.99
CA LEU C 253 -30.65 21.04 -10.28
C LEU C 253 -31.72 20.49 -9.33
N LYS C 254 -32.43 19.44 -9.76
CA LYS C 254 -33.51 18.87 -8.94
C LYS C 254 -32.98 17.93 -7.88
N GLU C 255 -31.85 17.28 -8.17
CA GLU C 255 -31.26 16.28 -7.29
C GLU C 255 -29.78 16.56 -7.08
N PRO C 256 -29.46 17.64 -6.37
CA PRO C 256 -28.06 18.11 -6.28
C PRO C 256 -27.09 17.12 -5.62
N GLU C 257 -27.58 16.18 -4.82
CA GLU C 257 -26.69 15.22 -4.14
C GLU C 257 -26.79 13.81 -4.73
N ASN C 258 -27.35 13.70 -5.93
CA ASN C 258 -27.38 12.42 -6.63
C ASN C 258 -26.02 12.25 -7.29
N TYR C 259 -25.18 11.39 -6.73
CA TYR C 259 -23.81 11.19 -7.20
C TYR C 259 -23.70 10.86 -8.69
N ASP C 260 -24.49 9.89 -9.17
CA ASP C 260 -24.42 9.47 -10.56
C ASP C 260 -24.75 10.62 -11.51
N VAL C 261 -25.74 11.43 -11.15
CA VAL C 261 -26.13 12.58 -11.94
C VAL C 261 -25.01 13.64 -11.97
N ARG C 262 -24.49 13.99 -10.80
CA ARG C 262 -23.39 14.94 -10.70
C ARG C 262 -22.12 14.44 -11.39
N ALA C 263 -21.90 13.13 -11.35
CA ALA C 263 -20.73 12.53 -12.02
C ALA C 263 -20.87 12.59 -13.53
N ASN C 264 -22.06 12.27 -14.05
CA ASN C 264 -22.33 12.39 -15.49
C ASN C 264 -22.12 13.81 -16.00
N VAL C 265 -22.62 14.80 -15.27
CA VAL C 265 -22.50 16.19 -15.69
C VAL C 265 -21.05 16.64 -15.64
N MET C 266 -20.34 16.26 -14.59
CA MET C 266 -18.94 16.61 -14.41
C MET C 266 -18.09 15.98 -15.51
N TRP C 267 -18.33 14.72 -15.83
CA TRP C 267 -17.49 14.02 -16.82
C TRP C 267 -17.81 14.54 -18.23
N ALA C 268 -19.08 14.81 -18.50
CA ALA C 268 -19.48 15.43 -19.75
C ALA C 268 -18.77 16.77 -19.95
N ALA C 269 -18.72 17.59 -18.90
CA ALA C 269 -18.08 18.91 -18.99
C ALA C 269 -16.57 18.79 -19.24
N THR C 270 -15.94 17.79 -18.62
CA THR C 270 -14.51 17.55 -18.82
C THR C 270 -14.22 17.22 -20.27
N GLN C 271 -15.06 16.38 -20.87
CA GLN C 271 -14.89 15.98 -22.26
C GLN C 271 -15.21 17.12 -23.23
N ALA C 272 -16.09 18.03 -22.83
CA ALA C 272 -16.44 19.17 -23.68
C ALA C 272 -15.24 20.08 -23.94
N LEU C 273 -14.29 20.14 -23.01
CA LEU C 273 -13.15 21.06 -23.09
C LEU C 273 -11.76 20.40 -23.18
N ASN C 274 -11.72 19.10 -23.44
CA ASN C 274 -10.47 18.33 -23.42
C ASN C 274 -9.50 18.61 -24.57
N GLY C 275 -10.06 18.86 -25.76
CA GLY C 275 -9.27 18.90 -26.98
C GLY C 275 -9.66 17.81 -27.95
N LEU C 276 -10.27 16.74 -27.43
CA LEU C 276 -10.58 15.55 -28.22
C LEU C 276 -11.61 15.79 -29.32
N ILE C 277 -12.74 16.41 -28.97
CA ILE C 277 -13.83 16.57 -29.94
C ILE C 277 -13.57 17.66 -30.97
N GLY C 278 -12.58 18.52 -30.71
CA GLY C 278 -12.23 19.60 -31.63
C GLY C 278 -10.99 19.35 -32.47
N ALA C 279 -10.35 18.18 -32.34
CA ALA C 279 -9.09 17.91 -33.01
C ALA C 279 -9.26 17.81 -34.53
N GLY C 280 -8.68 18.75 -35.25
CA GLY C 280 -8.68 18.74 -36.70
C GLY C 280 -9.98 19.15 -37.36
N VAL C 281 -10.94 19.67 -36.58
CA VAL C 281 -12.21 20.11 -37.14
C VAL C 281 -12.39 21.63 -36.99
N PRO C 282 -13.18 22.24 -37.86
CA PRO C 282 -13.49 23.67 -37.76
C PRO C 282 -14.10 24.04 -36.42
N GLN C 283 -13.66 25.16 -35.87
CA GLN C 283 -14.22 25.66 -34.63
C GLN C 283 -14.72 27.09 -34.81
N ASP C 284 -15.86 27.36 -34.17
CA ASP C 284 -16.58 28.62 -34.32
C ASP C 284 -16.04 29.67 -33.34
N TRP C 285 -16.50 29.60 -32.09
CA TRP C 285 -16.17 30.54 -31.00
C TRP C 285 -16.76 31.94 -31.09
N ALA C 286 -17.56 32.21 -32.13
CA ALA C 286 -18.20 33.52 -32.26
C ALA C 286 -19.21 33.77 -31.15
N THR C 287 -19.88 32.72 -30.68
CA THR C 287 -20.82 32.86 -29.57
C THR C 287 -20.08 33.34 -28.34
N HIS C 288 -18.91 32.77 -28.07
CA HIS C 288 -18.11 33.18 -26.95
C HIS C 288 -17.65 34.64 -27.10
N MET C 289 -17.23 35.04 -28.31
CA MET C 289 -16.67 36.37 -28.50
C MET C 289 -17.76 37.42 -28.34
N LEU C 290 -18.91 37.20 -28.96
CA LEU C 290 -20.04 38.11 -28.82
C LEU C 290 -20.57 38.15 -27.38
N GLY C 291 -20.54 36.99 -26.71
CA GLY C 291 -21.00 36.88 -25.34
C GLY C 291 -20.11 37.63 -24.38
N HIS C 292 -18.80 37.60 -24.62
CA HIS C 292 -17.84 38.26 -23.76
C HIS C 292 -18.12 39.78 -23.67
N GLU C 293 -18.56 40.40 -24.76
CA GLU C 293 -18.83 41.84 -24.72
C GLU C 293 -20.03 42.17 -23.87
N LEU C 294 -21.01 41.26 -23.82
CA LEU C 294 -22.16 41.41 -22.93
C LEU C 294 -21.75 41.33 -21.46
N THR C 295 -20.80 40.45 -21.15
CA THR C 295 -20.28 40.35 -19.80
C THR C 295 -19.54 41.63 -19.44
N ALA C 296 -18.69 42.10 -20.33
CA ALA C 296 -17.87 43.26 -20.07
C ALA C 296 -18.72 44.52 -19.90
N MET C 297 -19.81 44.63 -20.67
CA MET C 297 -20.59 45.86 -20.67
C MET C 297 -21.73 45.83 -19.67
N HIS C 298 -22.33 44.66 -19.46
CA HIS C 298 -23.56 44.55 -18.68
C HIS C 298 -23.47 43.66 -17.44
N GLY C 299 -22.31 43.05 -17.22
CA GLY C 299 -22.06 42.28 -16.01
C GLY C 299 -22.77 40.94 -15.92
N LEU C 300 -23.35 40.48 -17.02
CA LEU C 300 -24.01 39.18 -17.05
C LEU C 300 -22.99 38.05 -16.87
N ASP C 301 -23.42 36.96 -16.24
CA ASP C 301 -22.59 35.75 -16.12
C ASP C 301 -22.20 35.27 -17.50
N HIS C 302 -20.99 34.72 -17.60
CA HIS C 302 -20.51 34.13 -18.84
C HIS C 302 -21.56 33.26 -19.55
N ALA C 303 -22.17 32.33 -18.82
CA ALA C 303 -23.12 31.38 -19.41
C ALA C 303 -24.39 32.06 -19.84
N GLN C 304 -24.79 33.09 -19.09
CA GLN C 304 -25.97 33.89 -19.45
C GLN C 304 -25.81 34.53 -20.81
N THR C 305 -24.61 35.01 -21.12
CA THR C 305 -24.35 35.63 -22.43
C THR C 305 -24.38 34.60 -23.55
N LEU C 306 -23.94 33.38 -23.27
CA LEU C 306 -23.95 32.32 -24.28
C LEU C 306 -25.36 31.86 -24.60
N ALA C 307 -26.21 31.78 -23.58
CA ALA C 307 -27.59 31.37 -23.76
C ALA C 307 -28.36 32.37 -24.61
N ILE C 308 -27.97 33.64 -24.50
CA ILE C 308 -28.57 34.69 -25.30
C ILE C 308 -28.07 34.59 -26.74
N VAL C 309 -26.76 34.52 -26.92
CA VAL C 309 -26.18 34.69 -28.25
C VAL C 309 -26.37 33.46 -29.16
N LEU C 310 -26.20 32.27 -28.59
CA LEU C 310 -26.17 31.05 -29.39
C LEU C 310 -27.38 30.87 -30.30
N PRO C 311 -28.60 30.90 -29.78
CA PRO C 311 -29.76 30.73 -30.65
C PRO C 311 -29.88 31.81 -31.72
N ALA C 312 -29.54 33.06 -31.37
CA ALA C 312 -29.60 34.15 -32.33
C ALA C 312 -28.53 33.96 -33.42
N LEU C 313 -27.35 33.51 -33.04
CA LEU C 313 -26.26 33.30 -33.99
C LEU C 313 -26.60 32.14 -34.93
N TRP C 314 -27.10 31.04 -34.37
CA TRP C 314 -27.52 29.91 -35.20
C TRP C 314 -28.56 30.27 -36.25
N ASN C 315 -29.53 31.08 -35.85
CA ASN C 315 -30.54 31.52 -36.80
C ASN C 315 -29.92 32.39 -37.89
N GLU C 316 -29.01 33.29 -37.51
CA GLU C 316 -28.40 34.19 -38.49
C GLU C 316 -27.48 33.48 -39.46
N LYS C 317 -26.82 32.42 -39.01
CA LYS C 317 -25.84 31.71 -39.82
C LYS C 317 -26.36 30.33 -40.22
N ARG C 318 -27.69 30.19 -40.30
CA ARG C 318 -28.28 28.90 -40.64
C ARG C 318 -27.91 28.42 -42.05
N ASP C 319 -27.47 29.33 -42.91
CA ASP C 319 -27.09 28.97 -44.27
C ASP C 319 -25.78 28.18 -44.26
N THR C 320 -24.74 28.70 -43.63
CA THR C 320 -23.44 28.00 -43.59
C THR C 320 -23.39 26.86 -42.57
N LYS C 321 -24.24 26.91 -41.56
CA LYS C 321 -24.31 25.85 -40.55
C LYS C 321 -25.44 24.84 -40.84
N ARG C 322 -26.03 24.89 -42.03
CA ARG C 322 -27.23 24.11 -42.36
C ARG C 322 -27.10 22.61 -42.05
N ALA C 323 -26.07 21.97 -42.59
CA ALA C 323 -25.94 20.53 -42.50
C ALA C 323 -25.73 20.06 -41.06
N LYS C 324 -24.88 20.75 -40.31
CA LYS C 324 -24.62 20.36 -38.93
C LYS C 324 -25.78 20.73 -38.01
N LEU C 325 -26.51 21.80 -38.33
CA LEU C 325 -27.72 22.14 -37.57
C LEU C 325 -28.77 21.05 -37.75
N LEU C 326 -28.83 20.49 -38.96
CA LEU C 326 -29.79 19.42 -39.27
C LEU C 326 -29.38 18.11 -38.59
N GLN C 327 -28.08 17.82 -38.56
CA GLN C 327 -27.57 16.62 -37.93
C GLN C 327 -27.77 16.72 -36.42
N TYR C 328 -27.52 17.89 -35.86
CA TYR C 328 -27.76 18.19 -34.45
C TYR C 328 -29.22 17.97 -34.11
N ALA C 329 -30.11 18.49 -34.96
CA ALA C 329 -31.55 18.36 -34.76
C ALA C 329 -31.98 16.89 -34.66
N GLU C 330 -31.47 16.07 -35.58
CA GLU C 330 -31.80 14.65 -35.62
C GLU C 330 -31.14 13.87 -34.48
N ARG C 331 -29.82 14.01 -34.35
CA ARG C 331 -29.02 13.21 -33.43
C ARG C 331 -29.20 13.59 -31.96
N VAL C 332 -29.41 14.87 -31.70
CA VAL C 332 -29.52 15.37 -30.33
C VAL C 332 -30.97 15.50 -29.87
N TRP C 333 -31.86 15.92 -30.77
CA TRP C 333 -33.24 16.26 -30.40
C TRP C 333 -34.30 15.36 -31.07
N ASN C 334 -33.87 14.36 -31.82
CA ASN C 334 -34.77 13.46 -32.56
C ASN C 334 -35.77 14.22 -33.44
N ILE C 335 -35.31 15.29 -34.08
CA ILE C 335 -36.12 16.08 -34.99
C ILE C 335 -35.77 15.64 -36.41
N THR C 336 -36.75 15.02 -37.09
CA THR C 336 -36.55 14.50 -38.45
C THR C 336 -37.65 14.94 -39.43
N GLU C 337 -38.86 15.18 -38.94
CA GLU C 337 -39.99 15.56 -39.78
C GLU C 337 -39.95 17.03 -40.21
N GLY C 338 -40.48 17.31 -41.40
CA GLY C 338 -40.63 18.67 -41.91
C GLY C 338 -39.55 19.11 -42.87
N SER C 339 -39.66 20.33 -43.36
CA SER C 339 -38.62 20.93 -44.19
C SER C 339 -37.35 21.20 -43.39
N ASP C 340 -36.26 21.47 -44.10
CA ASP C 340 -34.99 21.79 -43.49
C ASP C 340 -35.10 22.96 -42.52
N ASP C 341 -35.77 24.02 -42.96
CA ASP C 341 -35.93 25.21 -42.12
C ASP C 341 -36.80 24.93 -40.90
N GLU C 342 -37.80 24.07 -41.04
CA GLU C 342 -38.64 23.70 -39.90
C GLU C 342 -37.88 22.86 -38.87
N ARG C 343 -36.99 21.99 -39.33
CA ARG C 343 -36.16 21.19 -38.44
C ARG C 343 -35.14 22.07 -37.71
N ILE C 344 -34.52 23.01 -38.42
CA ILE C 344 -33.59 23.95 -37.82
C ILE C 344 -34.32 24.83 -36.81
N ASP C 345 -35.51 25.31 -37.16
CA ASP C 345 -36.31 26.15 -36.27
C ASP C 345 -36.62 25.39 -34.99
N ALA C 346 -37.03 24.12 -35.11
CA ALA C 346 -37.39 23.31 -33.97
C ALA C 346 -36.17 22.98 -33.09
N ALA C 347 -35.00 22.83 -33.71
CA ALA C 347 -33.78 22.55 -32.97
C ALA C 347 -33.31 23.77 -32.18
N ILE C 348 -33.43 24.95 -32.78
CA ILE C 348 -33.10 26.19 -32.10
C ILE C 348 -34.09 26.37 -30.94
N ALA C 349 -35.38 26.17 -31.21
CA ALA C 349 -36.40 26.31 -30.17
C ALA C 349 -36.17 25.35 -28.98
N ALA C 350 -35.78 24.12 -29.29
CA ALA C 350 -35.54 23.12 -28.24
C ALA C 350 -34.31 23.48 -27.40
N THR C 351 -33.32 24.09 -28.04
CA THR C 351 -32.12 24.54 -27.36
C THR C 351 -32.43 25.71 -26.43
N ARG C 352 -33.16 26.69 -26.93
CA ARG C 352 -33.66 27.81 -26.13
C ARG C 352 -34.42 27.30 -24.91
N ASN C 353 -35.35 26.39 -25.16
CA ASN C 353 -36.17 25.87 -24.07
C ASN C 353 -35.32 25.14 -23.04
N PHE C 354 -34.30 24.42 -23.50
CA PHE C 354 -33.40 23.72 -22.59
C PHE C 354 -32.71 24.69 -21.64
N PHE C 355 -32.13 25.76 -22.18
CA PHE C 355 -31.45 26.76 -21.35
C PHE C 355 -32.43 27.43 -20.39
N GLU C 356 -33.59 27.81 -20.90
CA GLU C 356 -34.59 28.51 -20.09
C GLU C 356 -35.05 27.67 -18.92
N GLN C 357 -35.20 26.36 -19.14
CA GLN C 357 -35.66 25.48 -18.08
C GLN C 357 -34.55 25.19 -17.05
N LEU C 358 -33.30 25.38 -17.44
CA LEU C 358 -32.18 25.37 -16.48
C LEU C 358 -32.14 26.64 -15.60
N GLY C 359 -32.93 27.64 -15.96
CA GLY C 359 -32.98 28.89 -15.22
C GLY C 359 -32.07 29.94 -15.85
N VAL C 360 -31.77 29.78 -17.14
CA VAL C 360 -30.89 30.69 -17.86
C VAL C 360 -31.67 31.30 -19.04
N PRO C 361 -32.22 32.50 -18.86
CA PRO C 361 -33.00 33.13 -19.94
C PRO C 361 -32.19 33.43 -21.21
N THR C 362 -32.85 33.51 -22.35
CA THR C 362 -32.18 33.62 -23.64
C THR C 362 -32.42 34.90 -24.43
N HIS C 363 -33.00 35.93 -23.81
CA HIS C 363 -33.16 37.23 -24.48
C HIS C 363 -32.61 38.35 -23.63
N LEU C 364 -32.13 39.40 -24.29
CA LEU C 364 -31.61 40.56 -23.58
C LEU C 364 -32.68 41.19 -22.69
N SER C 365 -33.93 41.18 -23.15
CA SER C 365 -35.02 41.78 -22.39
C SER C 365 -35.30 41.06 -21.06
N ASP C 366 -34.86 39.81 -20.92
CA ASP C 366 -35.00 39.10 -19.65
C ASP C 366 -34.09 39.66 -18.57
N TYR C 367 -33.05 40.40 -18.98
CA TYR C 367 -32.15 41.07 -18.04
C TYR C 367 -32.42 42.58 -17.99
N GLY C 368 -33.57 42.99 -18.53
CA GLY C 368 -33.92 44.40 -18.58
C GLY C 368 -33.16 45.24 -19.62
N LEU C 369 -32.46 44.60 -20.55
CA LEU C 369 -31.70 45.32 -21.57
C LEU C 369 -32.52 45.39 -22.85
N ASP C 370 -32.72 46.60 -23.36
CA ASP C 370 -33.63 46.84 -24.50
C ASP C 370 -32.95 46.83 -25.88
N GLY C 371 -31.63 46.65 -25.91
CA GLY C 371 -30.89 46.69 -27.16
C GLY C 371 -30.30 48.04 -27.55
N SER C 372 -30.52 49.06 -26.74
CA SER C 372 -29.91 50.38 -26.97
C SER C 372 -28.39 50.36 -26.84
N SER C 373 -27.85 49.33 -26.19
CA SER C 373 -26.41 49.18 -26.01
C SER C 373 -25.70 48.56 -27.22
N ILE C 374 -26.45 48.14 -28.24
CA ILE C 374 -25.85 47.40 -29.34
C ILE C 374 -24.77 48.19 -30.10
N PRO C 375 -25.00 49.46 -30.43
CA PRO C 375 -23.91 50.25 -31.03
C PRO C 375 -22.66 50.25 -30.17
N ALA C 376 -22.77 50.40 -28.87
CA ALA C 376 -21.60 50.38 -27.99
C ALA C 376 -20.93 49.01 -27.98
N LEU C 377 -21.72 47.92 -28.03
CA LEU C 377 -21.16 46.59 -28.07
C LEU C 377 -20.33 46.38 -29.34
N LEU C 378 -20.85 46.85 -30.47
CA LEU C 378 -20.19 46.71 -31.77
C LEU C 378 -18.86 47.47 -31.80
N LYS C 379 -18.80 48.61 -31.13
CA LYS C 379 -17.57 49.40 -31.06
C LYS C 379 -16.53 48.69 -30.20
N LYS C 380 -16.99 47.98 -29.17
CA LYS C 380 -16.10 47.16 -28.34
C LYS C 380 -15.54 45.96 -29.11
N LEU C 381 -16.38 45.31 -29.91
CA LEU C 381 -15.93 44.21 -30.77
C LEU C 381 -14.84 44.71 -31.70
N GLU C 382 -15.07 45.86 -32.29
CA GLU C 382 -14.08 46.47 -33.17
C GLU C 382 -12.78 46.79 -32.45
N GLU C 383 -12.87 47.40 -31.27
CA GLU C 383 -11.69 47.75 -30.47
C GLU C 383 -10.87 46.51 -30.10
N HIS C 384 -11.55 45.38 -29.90
CA HIS C 384 -10.89 44.15 -29.49
C HIS C 384 -10.51 43.26 -30.67
N GLY C 385 -10.66 43.77 -31.90
CA GLY C 385 -10.27 43.04 -33.09
C GLY C 385 -11.15 41.85 -33.42
N MET C 386 -12.39 41.84 -32.90
CA MET C 386 -13.36 40.77 -33.13
C MET C 386 -14.24 41.07 -34.34
N THR C 387 -13.59 41.23 -35.49
CA THR C 387 -14.23 41.75 -36.70
C THR C 387 -14.41 40.72 -37.83
N GLN C 388 -13.90 39.51 -37.62
CA GLN C 388 -13.94 38.44 -38.62
C GLN C 388 -14.17 37.09 -37.93
N LEU C 389 -15.30 36.96 -37.25
CA LEU C 389 -15.54 35.83 -36.37
C LEU C 389 -16.14 34.60 -37.06
N GLY C 390 -16.11 33.47 -36.36
CA GLY C 390 -16.72 32.24 -36.84
C GLY C 390 -15.78 31.40 -37.68
N GLU C 391 -16.22 30.16 -37.96
CA GLU C 391 -15.41 29.19 -38.70
C GLU C 391 -15.12 29.61 -40.14
N ASN C 392 -15.97 30.46 -40.70
CA ASN C 392 -15.79 30.99 -42.05
C ASN C 392 -15.22 32.40 -42.08
N HIS C 393 -14.89 32.94 -40.90
CA HIS C 393 -14.32 34.29 -40.78
C HIS C 393 -15.19 35.33 -41.48
N ASP C 394 -16.49 35.14 -41.37
CA ASP C 394 -17.46 35.96 -42.09
C ASP C 394 -18.45 36.67 -41.15
N ILE C 395 -18.25 36.54 -39.84
CA ILE C 395 -19.11 37.25 -38.90
C ILE C 395 -18.43 38.58 -38.59
N THR C 396 -18.77 39.57 -39.43
CA THR C 396 -18.26 40.92 -39.32
C THR C 396 -19.19 41.73 -38.46
N LEU C 397 -18.90 43.01 -38.28
CA LEU C 397 -19.69 43.83 -37.38
C LEU C 397 -21.15 43.93 -37.80
N ASP C 398 -21.42 43.86 -39.10
CA ASP C 398 -22.80 43.92 -39.60
C ASP C 398 -23.57 42.67 -39.23
N VAL C 399 -22.88 41.53 -39.26
CA VAL C 399 -23.50 40.25 -38.88
C VAL C 399 -23.71 40.24 -37.36
N SER C 400 -22.74 40.74 -36.62
CA SER C 400 -22.86 40.82 -35.18
C SER C 400 -24.01 41.73 -34.78
N ARG C 401 -24.22 42.83 -35.51
CA ARG C 401 -25.36 43.71 -35.27
C ARG C 401 -26.66 42.90 -35.34
N ARG C 402 -26.81 42.12 -36.41
CA ARG C 402 -28.04 41.34 -36.63
C ARG C 402 -28.24 40.27 -35.56
N ILE C 403 -27.15 39.68 -35.09
CA ILE C 403 -27.21 38.65 -34.07
C ILE C 403 -27.71 39.26 -32.74
N TYR C 404 -27.09 40.37 -32.32
CA TYR C 404 -27.49 41.05 -31.09
C TYR C 404 -28.93 41.55 -31.17
N GLU C 405 -29.32 42.09 -32.33
CA GLU C 405 -30.69 42.57 -32.52
C GLU C 405 -31.70 41.44 -32.43
N ALA C 406 -31.34 40.28 -32.97
CA ALA C 406 -32.21 39.10 -32.93
C ALA C 406 -32.28 38.54 -31.51
N ALA C 407 -31.28 38.84 -30.69
CA ALA C 407 -31.24 38.38 -29.31
C ALA C 407 -32.03 39.26 -28.34
N ARG C 408 -32.65 40.33 -28.84
CA ARG C 408 -33.32 41.30 -27.97
C ARG C 408 -34.45 40.67 -27.16
N LYS D 19 11.30 14.39 27.03
CA LYS D 19 11.53 12.91 27.07
C LYS D 19 12.69 12.50 26.17
N ALA D 20 13.62 11.72 26.71
CA ALA D 20 14.79 11.24 25.96
C ALA D 20 14.42 10.10 25.03
N GLY D 21 15.38 9.67 24.22
CA GLY D 21 15.15 8.57 23.30
C GLY D 21 15.79 7.26 23.74
N LEU D 22 15.31 6.16 23.16
CA LEU D 22 15.94 4.84 23.28
C LEU D 22 17.40 4.89 22.87
N ASN D 23 18.27 4.27 23.65
CA ASN D 23 19.63 4.01 23.21
C ASN D 23 19.62 2.81 22.28
N ASN D 24 20.57 2.77 21.37
CA ASN D 24 20.78 1.59 20.55
C ASN D 24 21.02 0.39 21.45
N PHE D 25 20.57 -0.77 21.02
CA PHE D 25 20.77 -1.99 21.78
C PHE D 25 20.98 -3.20 20.90
N ASN D 26 21.49 -4.24 21.54
CA ASN D 26 21.75 -5.54 20.95
C ASN D 26 21.07 -6.54 21.86
N LEU D 27 19.92 -7.05 21.43
CA LEU D 27 19.10 -7.95 22.23
C LEU D 27 19.15 -9.36 21.66
N HIS D 28 19.59 -10.31 22.48
CA HIS D 28 19.61 -11.72 22.10
C HIS D 28 19.05 -12.51 23.27
N THR D 29 17.95 -13.21 23.02
CA THR D 29 17.26 -14.04 24.01
C THR D 29 17.15 -15.48 23.50
N PRO D 30 18.25 -16.24 23.55
CA PRO D 30 18.31 -17.57 22.93
C PRO D 30 17.72 -18.75 23.72
N THR D 31 17.31 -18.54 24.97
CA THR D 31 16.83 -19.65 25.80
C THR D 31 15.48 -20.20 25.30
N ARG D 32 15.45 -21.48 24.95
CA ARG D 32 14.19 -22.13 24.59
C ARG D 32 13.35 -22.37 25.84
N ILE D 33 12.09 -21.95 25.81
CA ILE D 33 11.20 -22.11 26.94
C ILE D 33 10.26 -23.26 26.67
N LEU D 34 10.24 -24.23 27.58
CA LEU D 34 9.30 -25.33 27.53
C LEU D 34 8.35 -25.13 28.71
N PHE D 35 7.19 -24.57 28.42
CA PHE D 35 6.26 -24.11 29.43
C PHE D 35 5.06 -25.03 29.59
N GLY D 36 4.67 -25.30 30.84
CA GLY D 36 3.35 -25.80 31.15
C GLY D 36 3.34 -27.05 31.98
N LYS D 37 2.13 -27.48 32.34
CA LYS D 37 1.92 -28.72 33.10
C LYS D 37 2.50 -29.93 32.36
N GLY D 38 3.48 -30.58 32.97
CA GLY D 38 4.12 -31.76 32.41
C GLY D 38 5.05 -31.45 31.26
N ALA D 39 5.59 -30.23 31.25
CA ALA D 39 6.48 -29.78 30.17
C ALA D 39 7.82 -30.49 30.20
N ILE D 40 8.11 -31.20 31.30
CA ILE D 40 9.33 -31.98 31.41
C ILE D 40 9.40 -33.14 30.39
N ALA D 41 8.28 -33.42 29.70
CA ALA D 41 8.27 -34.40 28.62
C ALA D 41 9.12 -33.97 27.42
N GLY D 42 9.41 -32.68 27.31
CA GLY D 42 10.29 -32.16 26.28
C GLY D 42 11.76 -32.10 26.67
N LEU D 43 12.08 -32.46 27.91
CA LEU D 43 13.44 -32.32 28.46
C LEU D 43 14.49 -33.16 27.74
N ARG D 44 14.23 -34.46 27.61
CA ARG D 44 15.19 -35.41 27.04
C ARG D 44 15.66 -34.99 25.64
N GLU D 45 14.72 -34.50 24.82
CA GLU D 45 15.00 -34.05 23.46
C GLU D 45 16.08 -32.98 23.43
N GLN D 46 16.07 -32.10 24.42
CA GLN D 46 16.99 -30.94 24.46
C GLN D 46 18.43 -31.30 24.76
N ILE D 47 18.66 -32.37 25.51
CA ILE D 47 20.01 -32.72 25.93
C ILE D 47 20.60 -33.69 24.92
N PRO D 48 21.83 -33.41 24.44
CA PRO D 48 22.54 -34.36 23.58
C PRO D 48 22.66 -35.75 24.24
N HIS D 49 22.24 -36.79 23.54
CA HIS D 49 22.33 -38.18 24.02
C HIS D 49 23.73 -38.54 24.54
N ASP D 50 24.75 -38.15 23.78
CA ASP D 50 26.15 -38.49 24.06
C ASP D 50 26.73 -37.75 25.27
N ALA D 51 26.02 -36.73 25.75
CA ALA D 51 26.51 -35.89 26.84
C ALA D 51 26.57 -36.60 28.19
N ARG D 52 27.45 -36.11 29.05
CA ARG D 52 27.55 -36.53 30.44
C ARG D 52 26.94 -35.43 31.30
N VAL D 53 25.71 -35.67 31.76
CA VAL D 53 24.91 -34.65 32.43
C VAL D 53 25.13 -34.66 33.94
N LEU D 54 25.39 -33.50 34.53
CA LEU D 54 25.42 -33.33 35.98
C LEU D 54 24.19 -32.52 36.42
N ILE D 55 23.27 -33.18 37.11
CA ILE D 55 22.08 -32.52 37.65
C ILE D 55 22.45 -31.86 38.97
N THR D 56 22.43 -30.53 39.00
CA THR D 56 22.65 -29.78 40.24
C THR D 56 21.32 -29.46 40.93
N TYR D 57 21.33 -29.43 42.26
CA TYR D 57 20.14 -29.10 43.03
C TYR D 57 20.47 -28.52 44.42
N GLY D 58 19.42 -28.16 45.16
CA GLY D 58 19.56 -27.41 46.39
C GLY D 58 19.55 -28.27 47.64
N GLY D 59 18.99 -27.71 48.72
CA GLY D 59 19.03 -28.32 50.05
C GLY D 59 18.19 -29.57 50.29
N GLY D 60 17.33 -29.94 49.33
CA GLY D 60 16.63 -31.20 49.41
C GLY D 60 15.14 -31.19 49.08
N SER D 61 14.54 -30.02 48.86
CA SER D 61 13.12 -29.95 48.57
C SER D 61 12.76 -30.74 47.30
N VAL D 62 13.63 -30.73 46.29
CA VAL D 62 13.37 -31.46 45.04
C VAL D 62 13.26 -32.97 45.23
N LYS D 63 13.98 -33.51 46.21
CA LYS D 63 13.86 -34.93 46.56
C LYS D 63 12.52 -35.19 47.25
N LYS D 64 12.14 -34.29 48.14
CA LYS D 64 10.91 -34.41 48.91
C LYS D 64 9.63 -34.33 48.06
N THR D 65 9.60 -33.39 47.12
CA THR D 65 8.41 -33.17 46.30
C THR D 65 8.20 -34.33 45.33
N GLY D 66 9.22 -34.59 44.53
CA GLY D 66 9.17 -35.61 43.49
C GLY D 66 9.76 -35.14 42.17
N VAL D 67 10.22 -33.89 42.13
CA VAL D 67 10.72 -33.29 40.90
C VAL D 67 12.05 -33.88 40.47
N LEU D 68 12.94 -34.15 41.42
CA LEU D 68 14.23 -34.73 41.06
C LEU D 68 14.05 -36.10 40.44
N ASP D 69 13.09 -36.88 40.96
CA ASP D 69 12.79 -38.19 40.39
C ASP D 69 12.17 -38.10 39.01
N GLN D 70 11.38 -37.06 38.76
CA GLN D 70 10.80 -36.83 37.44
C GLN D 70 11.90 -36.54 36.41
N VAL D 71 12.94 -35.83 36.85
CA VAL D 71 14.07 -35.48 35.99
C VAL D 71 14.93 -36.71 35.69
N LEU D 72 15.19 -37.53 36.71
CA LEU D 72 15.98 -38.76 36.54
C LEU D 72 15.23 -39.75 35.66
N ASP D 73 13.91 -39.83 35.84
CA ASP D 73 13.01 -40.64 35.02
C ASP D 73 13.08 -40.18 33.55
N ALA D 74 13.09 -38.86 33.35
CA ALA D 74 13.11 -38.28 32.01
C ALA D 74 14.41 -38.60 31.28
N LEU D 75 15.51 -38.67 32.03
CA LEU D 75 16.84 -38.92 31.46
C LEU D 75 17.31 -40.34 31.80
N LYS D 76 16.38 -41.29 31.75
CA LYS D 76 16.69 -42.68 32.11
C LYS D 76 17.59 -43.30 31.05
N GLY D 77 18.67 -43.92 31.50
CA GLY D 77 19.62 -44.57 30.60
C GLY D 77 20.79 -43.69 30.25
N MET D 78 20.57 -42.38 30.25
CA MET D 78 21.63 -41.43 29.95
C MET D 78 22.65 -41.41 31.08
N ASP D 79 23.86 -41.00 30.75
CA ASP D 79 24.97 -40.93 31.70
C ASP D 79 24.81 -39.68 32.57
N VAL D 80 24.11 -39.81 33.70
CA VAL D 80 23.87 -38.67 34.59
C VAL D 80 24.58 -38.83 35.93
N LEU D 81 25.04 -37.70 36.47
CA LEU D 81 25.57 -37.60 37.82
C LEU D 81 24.75 -36.58 38.59
N GLU D 82 24.91 -36.55 39.91
CA GLU D 82 24.15 -35.63 40.76
C GLU D 82 25.06 -34.85 41.70
N PHE D 83 24.65 -33.62 42.00
CA PHE D 83 25.31 -32.80 43.01
C PHE D 83 24.29 -31.91 43.69
N GLY D 84 24.02 -32.19 44.97
CA GLY D 84 23.11 -31.41 45.78
C GLY D 84 23.85 -30.50 46.74
N GLY D 85 23.10 -29.64 47.43
CA GLY D 85 23.61 -28.86 48.54
C GLY D 85 23.77 -27.37 48.27
N ILE D 86 23.37 -26.90 47.10
CA ILE D 86 23.46 -25.48 46.80
C ILE D 86 22.35 -24.77 47.56
N GLU D 87 22.72 -24.12 48.66
CA GLU D 87 21.76 -23.43 49.52
C GLU D 87 21.51 -22.03 48.97
N PRO D 88 20.41 -21.40 49.42
CA PRO D 88 20.12 -20.01 49.03
C PRO D 88 21.34 -19.09 49.18
N ASN D 89 21.51 -18.15 48.25
CA ASN D 89 22.71 -17.35 48.17
C ASN D 89 23.92 -18.26 47.99
N PRO D 90 24.06 -18.82 46.79
CA PRO D 90 24.95 -19.97 46.55
C PRO D 90 26.40 -19.69 46.93
N ALA D 91 26.99 -20.57 47.73
CA ALA D 91 28.27 -20.32 48.37
C ALA D 91 29.42 -20.81 47.50
N TYR D 92 30.43 -19.96 47.36
CA TYR D 92 31.64 -20.28 46.59
C TYR D 92 32.23 -21.62 47.01
N GLU D 93 32.37 -21.82 48.31
CA GLU D 93 32.96 -23.05 48.87
C GLU D 93 32.28 -24.31 48.34
N THR D 94 30.96 -24.34 48.43
CA THR D 94 30.16 -25.44 47.92
C THR D 94 30.29 -25.64 46.41
N LEU D 95 30.27 -24.54 45.66
CA LEU D 95 30.27 -24.61 44.20
C LEU D 95 31.60 -25.13 43.66
N MET D 96 32.69 -24.84 44.37
CA MET D 96 34.02 -25.29 43.96
C MET D 96 34.16 -26.81 44.09
N ASN D 97 33.44 -27.42 45.03
CA ASN D 97 33.35 -28.88 45.10
C ASN D 97 32.67 -29.45 43.86
N ALA D 98 31.64 -28.77 43.37
CA ALA D 98 31.00 -29.13 42.11
C ALA D 98 31.93 -28.94 40.91
N VAL D 99 32.76 -27.89 40.96
CA VAL D 99 33.68 -27.58 39.85
C VAL D 99 34.74 -28.66 39.72
N LYS D 100 35.21 -29.16 40.86
CA LYS D 100 36.20 -30.24 40.89
C LYS D 100 35.60 -31.52 40.30
N LEU D 101 34.37 -31.82 40.69
CA LEU D 101 33.65 -32.97 40.15
C LEU D 101 33.44 -32.88 38.64
N VAL D 102 33.24 -31.66 38.14
CA VAL D 102 32.99 -31.43 36.72
C VAL D 102 34.27 -31.64 35.90
N ARG D 103 35.40 -31.22 36.45
CA ARG D 103 36.70 -31.39 35.78
C ARG D 103 37.17 -32.86 35.79
N GLU D 104 37.02 -33.53 36.93
CA GLU D 104 37.45 -34.92 37.12
C GLU D 104 36.63 -35.91 36.27
N GLN D 105 35.32 -35.68 36.20
CA GLN D 105 34.40 -36.58 35.52
C GLN D 105 34.11 -36.18 34.06
N LYS D 106 34.72 -35.08 33.60
CA LYS D 106 34.52 -34.60 32.23
C LYS D 106 33.03 -34.42 31.89
N VAL D 107 32.33 -33.68 32.73
CA VAL D 107 30.94 -33.31 32.49
C VAL D 107 30.84 -32.37 31.28
N THR D 108 29.93 -32.67 30.37
CA THR D 108 29.75 -31.86 29.15
C THR D 108 28.43 -31.09 29.10
N PHE D 109 27.56 -31.30 30.09
CA PHE D 109 26.28 -30.60 30.19
C PHE D 109 25.80 -30.52 31.64
N LEU D 110 25.24 -29.37 32.02
CA LEU D 110 24.71 -29.16 33.37
C LEU D 110 23.20 -28.96 33.31
N LEU D 111 22.47 -29.53 34.27
CA LEU D 111 21.03 -29.34 34.37
C LEU D 111 20.66 -28.90 35.78
N ALA D 112 20.43 -27.59 35.95
CA ALA D 112 20.02 -27.02 37.22
C ALA D 112 18.54 -27.28 37.48
N VAL D 113 18.25 -27.87 38.63
CA VAL D 113 16.89 -28.19 39.02
C VAL D 113 16.64 -27.60 40.40
N GLY D 114 15.96 -26.46 40.42
CA GLY D 114 15.69 -25.73 41.64
C GLY D 114 15.36 -24.28 41.34
N GLY D 115 15.71 -23.42 42.29
CA GLY D 115 15.41 -22.01 42.19
C GLY D 115 16.60 -21.23 41.65
N GLY D 116 16.50 -19.91 41.74
CA GLY D 116 17.56 -19.01 41.32
C GLY D 116 18.94 -19.28 41.90
N SER D 117 19.01 -19.67 43.16
CA SER D 117 20.28 -20.01 43.79
C SER D 117 20.94 -21.20 43.12
N VAL D 118 20.14 -22.22 42.80
CA VAL D 118 20.64 -23.40 42.09
C VAL D 118 21.06 -23.06 40.66
N LEU D 119 20.23 -22.31 39.93
CA LEU D 119 20.55 -21.89 38.56
C LEU D 119 21.80 -21.03 38.52
N ASP D 120 21.91 -20.09 39.45
CA ASP D 120 23.04 -19.16 39.49
C ASP D 120 24.32 -19.86 39.87
N GLY D 121 24.24 -20.78 40.83
CA GLY D 121 25.38 -21.56 41.26
C GLY D 121 25.87 -22.43 40.11
N THR D 122 24.94 -22.94 39.33
CA THR D 122 25.26 -23.75 38.17
C THR D 122 25.88 -22.92 37.04
N LYS D 123 25.46 -21.66 36.91
CA LYS D 123 26.05 -20.75 35.93
C LYS D 123 27.53 -20.50 36.29
N PHE D 124 27.79 -20.34 37.58
CA PHE D 124 29.17 -20.20 38.05
C PHE D 124 29.99 -21.47 37.82
N ILE D 125 29.40 -22.63 38.06
CA ILE D 125 30.11 -23.90 37.84
C ILE D 125 30.42 -24.05 36.35
N ALA D 126 29.49 -23.65 35.50
CA ALA D 126 29.67 -23.75 34.06
C ALA D 126 30.89 -22.96 33.59
N ALA D 127 31.08 -21.77 34.15
CA ALA D 127 32.16 -20.86 33.74
C ALA D 127 33.48 -21.17 34.45
N ALA D 128 33.40 -21.47 35.74
CA ALA D 128 34.59 -21.70 36.55
C ALA D 128 35.33 -22.97 36.14
N ALA D 129 34.58 -23.95 35.65
CA ALA D 129 35.14 -25.22 35.19
C ALA D 129 36.06 -25.04 33.97
N ASN D 130 35.74 -24.09 33.11
CA ASN D 130 36.54 -23.80 31.91
C ASN D 130 37.57 -22.70 32.15
N TYR D 131 37.55 -22.11 33.33
CA TYR D 131 38.45 -21.01 33.68
C TYR D 131 39.89 -21.51 33.75
N PRO D 132 40.86 -20.63 33.51
CA PRO D 132 42.28 -21.02 33.59
C PRO D 132 42.59 -21.69 34.92
N GLU D 133 43.33 -22.80 34.87
CA GLU D 133 43.56 -23.64 36.06
C GLU D 133 44.29 -22.91 37.19
N ASN D 134 45.20 -22.01 36.84
CA ASN D 134 46.03 -21.30 37.85
C ASN D 134 45.44 -19.97 38.36
N ILE D 135 44.17 -19.71 38.03
CA ILE D 135 43.46 -18.55 38.54
C ILE D 135 42.27 -19.01 39.39
N ASP D 136 42.17 -18.45 40.59
CA ASP D 136 41.01 -18.65 41.46
C ASP D 136 39.79 -18.13 40.69
N PRO D 137 38.82 -18.99 40.37
CA PRO D 137 37.64 -18.57 39.59
C PRO D 137 36.70 -17.57 40.30
N TRP D 138 37.02 -17.18 41.53
CA TRP D 138 36.35 -16.05 42.17
C TRP D 138 36.71 -14.75 41.44
N HIS D 139 37.81 -14.78 40.69
CA HIS D 139 38.15 -13.74 39.73
C HIS D 139 36.97 -13.37 38.83
N ILE D 140 36.12 -14.35 38.50
CA ILE D 140 34.90 -14.13 37.71
C ILE D 140 34.05 -13.02 38.34
N LEU D 141 33.88 -13.10 39.67
CA LEU D 141 33.08 -12.12 40.38
C LEU D 141 33.83 -10.79 40.57
N GLN D 142 35.16 -10.82 40.66
CA GLN D 142 35.97 -9.60 40.75
C GLN D 142 35.93 -8.80 39.45
N THR D 143 35.75 -9.48 38.32
CA THR D 143 35.69 -8.85 37.00
C THR D 143 34.28 -8.81 36.41
N GLY D 144 33.29 -9.29 37.15
CA GLY D 144 31.91 -9.30 36.69
C GLY D 144 31.65 -10.22 35.50
N GLY D 145 32.50 -11.22 35.31
CA GLY D 145 32.36 -12.19 34.23
C GLY D 145 32.90 -11.72 32.88
N LYS D 146 33.59 -10.59 32.86
CA LYS D 146 34.02 -9.98 31.60
C LYS D 146 35.02 -10.85 30.83
N GLU D 147 35.86 -11.59 31.54
CA GLU D 147 36.92 -12.39 30.91
C GLU D 147 36.57 -13.86 30.67
N ILE D 148 35.30 -14.22 30.89
CA ILE D 148 34.82 -15.58 30.59
C ILE D 148 34.82 -15.79 29.07
N LYS D 149 35.56 -16.80 28.62
CA LYS D 149 35.70 -17.10 27.19
C LYS D 149 34.80 -18.25 26.76
N SER D 150 34.46 -19.11 27.70
CA SER D 150 33.52 -20.19 27.44
C SER D 150 32.92 -20.70 28.74
N ALA D 151 31.91 -21.55 28.59
CA ALA D 151 31.30 -22.24 29.71
C ALA D 151 30.64 -23.53 29.26
N ILE D 152 30.54 -24.49 30.17
CA ILE D 152 29.82 -25.73 29.89
C ILE D 152 28.36 -25.37 29.68
N PRO D 153 27.74 -25.88 28.61
CA PRO D 153 26.33 -25.56 28.34
C PRO D 153 25.43 -26.08 29.45
N MET D 154 24.37 -25.35 29.75
CA MET D 154 23.41 -25.75 30.76
C MET D 154 21.97 -25.57 30.31
N GLY D 155 21.09 -26.34 30.93
CA GLY D 155 19.66 -26.11 30.87
C GLY D 155 19.15 -26.03 32.30
N CYS D 156 17.85 -25.86 32.46
CA CYS D 156 17.28 -25.85 33.80
C CYS D 156 15.82 -26.27 33.86
N VAL D 157 15.43 -26.66 35.07
CA VAL D 157 14.06 -26.95 35.45
C VAL D 157 13.79 -26.07 36.67
N LEU D 158 12.96 -25.05 36.47
CA LEU D 158 12.73 -24.03 37.49
C LEU D 158 11.61 -24.42 38.44
N THR D 159 11.88 -24.37 39.74
CA THR D 159 10.90 -24.71 40.77
C THR D 159 10.44 -23.48 41.56
N LEU D 160 11.04 -22.32 41.29
CA LEU D 160 10.72 -21.09 42.02
C LEU D 160 10.85 -19.90 41.05
N PRO D 161 9.73 -19.26 40.73
CA PRO D 161 9.74 -18.08 39.87
C PRO D 161 10.04 -16.83 40.69
N ALA D 162 11.12 -16.14 40.34
CA ALA D 162 11.56 -14.96 41.07
C ALA D 162 12.57 -14.16 40.24
N THR D 163 13.66 -14.82 39.87
CA THR D 163 14.86 -14.14 39.39
C THR D 163 14.91 -13.91 37.89
N GLY D 164 14.18 -14.72 37.11
CA GLY D 164 14.32 -14.71 35.67
C GLY D 164 15.65 -15.31 35.22
N SER D 165 16.35 -16.00 36.13
CA SER D 165 17.67 -16.56 35.83
C SER D 165 17.60 -17.64 34.76
N GLU D 166 16.44 -18.29 34.67
CA GLU D 166 16.15 -19.32 33.66
C GLU D 166 16.43 -18.89 32.22
N SER D 167 16.24 -17.60 31.92
CA SER D 167 16.45 -17.10 30.57
C SER D 167 17.18 -15.75 30.58
N ASN D 168 18.19 -15.65 31.44
CA ASN D 168 19.13 -14.53 31.39
C ASN D 168 20.57 -14.99 31.61
N ALA D 169 21.50 -14.05 31.48
CA ALA D 169 22.93 -14.38 31.47
C ALA D 169 23.62 -13.91 32.75
N GLY D 170 22.83 -13.64 33.78
CA GLY D 170 23.32 -13.14 35.04
C GLY D 170 23.33 -14.20 36.14
N ALA D 171 24.23 -14.02 37.10
CA ALA D 171 24.27 -14.84 38.30
C ALA D 171 24.80 -14.04 39.49
N VAL D 172 24.42 -14.44 40.69
CA VAL D 172 24.87 -13.77 41.92
C VAL D 172 25.42 -14.82 42.87
N ILE D 173 26.72 -14.78 43.09
CA ILE D 173 27.43 -15.77 43.91
C ILE D 173 27.92 -15.16 45.21
N SER D 174 27.97 -15.96 46.27
CA SER D 174 28.40 -15.52 47.59
C SER D 174 29.70 -16.22 47.97
N ARG D 175 30.63 -15.49 48.57
CA ARG D 175 31.76 -16.11 49.27
C ARG D 175 31.58 -15.78 50.74
N LYS D 176 31.14 -16.76 51.52
CA LYS D 176 30.74 -16.54 52.91
C LYS D 176 31.94 -16.23 53.80
N THR D 177 33.10 -16.74 53.41
CA THR D 177 34.36 -16.50 54.11
C THR D 177 34.67 -15.00 54.29
N THR D 178 34.40 -14.23 53.26
CA THR D 178 34.77 -12.81 53.22
C THR D 178 33.56 -11.86 53.23
N GLY D 179 32.36 -12.41 53.37
CA GLY D 179 31.15 -11.62 53.48
C GLY D 179 30.76 -10.90 52.20
N ASP D 180 31.00 -11.56 51.06
CA ASP D 180 30.78 -10.98 49.74
C ASP D 180 29.58 -11.62 49.05
N LYS D 181 28.74 -10.77 48.43
CA LYS D 181 27.67 -11.23 47.55
C LYS D 181 27.72 -10.37 46.30
N GLN D 182 28.15 -10.96 45.19
CA GLN D 182 28.47 -10.22 43.97
C GLN D 182 27.95 -10.90 42.73
N ALA D 183 27.73 -10.09 41.69
CA ALA D 183 27.13 -10.56 40.44
C ALA D 183 28.16 -10.71 39.35
N PHE D 184 27.94 -11.66 38.45
CA PHE D 184 28.58 -11.65 37.15
C PHE D 184 27.58 -11.84 36.02
N HIS D 185 28.02 -11.51 34.82
CA HIS D 185 27.20 -11.57 33.62
C HIS D 185 28.07 -12.12 32.50
N SER D 186 27.56 -13.10 31.76
CA SER D 186 28.20 -13.58 30.54
C SER D 186 27.22 -14.34 29.66
N ALA D 187 27.24 -14.04 28.36
CA ALA D 187 26.40 -14.73 27.39
C ALA D 187 26.65 -16.22 27.38
N HIS D 188 27.84 -16.62 27.80
CA HIS D 188 28.23 -18.03 27.86
C HIS D 188 27.49 -18.85 28.91
N VAL D 189 26.91 -18.20 29.92
CA VAL D 189 26.14 -18.90 30.95
C VAL D 189 24.62 -18.75 30.78
N GLN D 190 24.18 -18.20 29.65
CA GLN D 190 22.76 -18.16 29.35
C GLN D 190 22.30 -19.59 29.08
N PRO D 191 21.27 -20.07 29.79
CA PRO D 191 20.79 -21.44 29.57
C PRO D 191 20.28 -21.69 28.14
N VAL D 192 20.59 -22.88 27.63
CA VAL D 192 20.13 -23.32 26.32
C VAL D 192 18.61 -23.48 26.35
N PHE D 193 18.10 -24.02 27.46
CA PHE D 193 16.66 -24.19 27.64
C PHE D 193 16.23 -24.09 29.11
N ALA D 194 14.93 -23.90 29.31
CA ALA D 194 14.34 -23.82 30.64
C ALA D 194 12.97 -24.48 30.63
N VAL D 195 12.76 -25.41 31.55
CA VAL D 195 11.48 -26.06 31.73
C VAL D 195 10.73 -25.27 32.80
N LEU D 196 9.60 -24.69 32.43
CA LEU D 196 8.80 -23.87 33.33
C LEU D 196 7.43 -24.50 33.53
N ASP D 197 7.29 -25.33 34.56
CA ASP D 197 6.04 -25.98 34.87
C ASP D 197 5.47 -25.36 36.15
N PRO D 198 4.41 -24.55 36.04
CA PRO D 198 3.77 -23.92 37.20
C PRO D 198 3.41 -24.87 38.35
N VAL D 199 3.09 -26.12 38.02
CA VAL D 199 2.75 -27.13 39.02
C VAL D 199 3.88 -27.35 40.03
N TYR D 200 5.14 -27.28 39.56
CA TYR D 200 6.29 -27.41 40.46
C TYR D 200 6.39 -26.28 41.48
N THR D 201 5.70 -25.17 41.24
CA THR D 201 5.70 -24.05 42.19
C THR D 201 4.65 -24.17 43.28
N TYR D 202 3.73 -25.13 43.15
CA TYR D 202 2.68 -25.33 44.16
C TYR D 202 3.22 -25.59 45.56
N THR D 203 4.39 -26.23 45.64
CA THR D 203 4.99 -26.65 46.91
C THR D 203 5.77 -25.54 47.63
N LEU D 204 5.87 -24.36 47.02
CA LEU D 204 6.66 -23.28 47.59
C LEU D 204 6.04 -22.81 48.91
N PRO D 205 6.87 -22.66 49.95
CA PRO D 205 6.42 -21.99 51.16
C PRO D 205 5.90 -20.58 50.83
N PRO D 206 4.90 -20.08 51.54
CA PRO D 206 4.37 -18.72 51.31
C PRO D 206 5.46 -17.63 51.26
N ARG D 207 6.43 -17.73 52.16
CA ARG D 207 7.60 -16.87 52.19
C ARG D 207 8.27 -16.75 50.81
N GLN D 208 8.52 -17.89 50.17
CA GLN D 208 9.17 -17.93 48.87
C GLN D 208 8.25 -17.51 47.72
N VAL D 209 6.94 -17.77 47.85
CA VAL D 209 5.97 -17.27 46.87
C VAL D 209 6.05 -15.74 46.86
N ALA D 210 5.94 -15.14 48.05
CA ALA D 210 6.06 -13.70 48.25
C ALA D 210 7.38 -13.13 47.76
N ASN D 211 8.50 -13.80 48.11
CA ASN D 211 9.82 -13.38 47.64
C ASN D 211 9.90 -13.28 46.13
N GLY D 212 9.32 -14.25 45.44
CA GLY D 212 9.37 -14.28 44.00
C GLY D 212 8.56 -13.17 43.36
N VAL D 213 7.38 -12.89 43.93
CA VAL D 213 6.52 -11.81 43.45
C VAL D 213 7.26 -10.48 43.62
N VAL D 214 7.87 -10.30 44.78
CA VAL D 214 8.59 -9.06 45.06
C VAL D 214 9.80 -8.90 44.15
N ASP D 215 10.58 -9.96 43.96
CA ASP D 215 11.77 -9.87 43.12
C ASP D 215 11.39 -9.53 41.69
N ALA D 216 10.33 -10.15 41.17
CA ALA D 216 9.88 -9.85 39.80
C ALA D 216 9.42 -8.40 39.70
N PHE D 217 8.68 -7.94 40.72
CA PHE D 217 8.17 -6.58 40.81
C PHE D 217 9.32 -5.57 40.77
N VAL D 218 10.35 -5.84 41.57
CA VAL D 218 11.46 -4.90 41.71
C VAL D 218 12.30 -4.93 40.44
N HIS D 219 12.54 -6.10 39.88
CA HIS D 219 13.26 -6.20 38.60
C HIS D 219 12.66 -5.27 37.57
N THR D 220 11.33 -5.25 37.55
CA THR D 220 10.61 -4.43 36.58
C THR D 220 10.81 -2.94 36.85
N VAL D 221 10.66 -2.51 38.11
CA VAL D 221 10.80 -1.09 38.42
C VAL D 221 12.24 -0.59 38.28
N GLU D 222 13.21 -1.49 38.48
CA GLU D 222 14.62 -1.18 38.25
C GLU D 222 14.86 -0.80 36.78
N GLN D 223 14.00 -1.30 35.90
CA GLN D 223 14.13 -1.02 34.48
C GLN D 223 13.10 -0.03 33.93
N TYR D 224 12.27 0.53 34.81
CA TYR D 224 11.09 1.30 34.41
C TYR D 224 10.90 2.58 35.22
N VAL D 225 11.04 2.52 36.54
CA VAL D 225 10.95 3.73 37.36
C VAL D 225 12.35 4.37 37.43
N THR D 226 12.69 5.03 36.33
CA THR D 226 14.01 5.58 36.12
C THR D 226 13.88 7.02 35.62
N LYS D 227 14.30 7.28 34.40
CA LYS D 227 14.18 8.61 33.84
C LYS D 227 13.39 8.47 32.56
N PRO D 228 12.62 9.50 32.22
CA PRO D 228 11.62 9.38 31.17
C PRO D 228 12.26 9.26 29.80
N VAL D 229 11.93 8.17 29.11
CA VAL D 229 12.42 7.87 27.78
C VAL D 229 11.14 7.47 27.06
N ASP D 230 10.98 7.93 25.83
CA ASP D 230 9.75 7.67 25.09
C ASP D 230 9.80 6.27 24.47
N ALA D 231 9.80 5.26 25.33
CA ALA D 231 9.81 3.87 24.91
C ALA D 231 8.48 3.30 25.35
N LYS D 232 7.47 3.45 24.50
CA LYS D 232 6.10 3.13 24.87
C LYS D 232 5.84 1.63 25.07
N ILE D 233 6.45 0.79 24.23
CA ILE D 233 6.33 -0.65 24.39
C ILE D 233 6.99 -1.10 25.69
N HIS D 234 8.19 -0.60 25.97
CA HIS D 234 8.89 -0.91 27.21
C HIS D 234 8.03 -0.56 28.41
N ASP D 235 7.47 0.64 28.39
CA ASP D 235 6.61 1.11 29.48
C ASP D 235 5.37 0.24 29.65
N ARG D 236 4.67 -0.04 28.56
CA ARG D 236 3.45 -0.83 28.64
C ARG D 236 3.73 -2.24 29.11
N PHE D 237 4.85 -2.82 28.67
CA PHE D 237 5.20 -4.18 29.07
C PHE D 237 5.56 -4.22 30.55
N ALA D 238 6.37 -3.26 31.00
CA ALA D 238 6.73 -3.16 32.42
C ALA D 238 5.49 -2.95 33.27
N GLU D 239 4.64 -2.01 32.87
CA GLU D 239 3.39 -1.75 33.58
C GLU D 239 2.51 -2.99 33.61
N GLY D 240 2.54 -3.77 32.52
CA GLY D 240 1.77 -4.99 32.41
C GLY D 240 2.19 -6.07 33.41
N ILE D 241 3.50 -6.22 33.58
CA ILE D 241 4.04 -7.17 34.54
C ILE D 241 3.63 -6.75 35.94
N LEU D 242 3.80 -5.47 36.24
CA LEU D 242 3.48 -4.94 37.57
C LEU D 242 2.00 -5.13 37.90
N LEU D 243 1.12 -4.79 36.96
CA LEU D 243 -0.32 -4.92 37.15
C LEU D 243 -0.73 -6.36 37.40
N THR D 244 -0.07 -7.26 36.67
CA THR D 244 -0.32 -8.69 36.77
C THR D 244 0.14 -9.25 38.12
N LEU D 245 1.29 -8.79 38.61
CA LEU D 245 1.82 -9.26 39.88
C LEU D 245 0.96 -8.75 41.04
N ILE D 246 0.41 -7.54 40.89
CA ILE D 246 -0.46 -6.96 41.92
C ILE D 246 -1.76 -7.75 42.00
N GLU D 247 -2.30 -8.15 40.84
CA GLU D 247 -3.56 -8.88 40.79
C GLU D 247 -3.35 -10.34 41.25
N ASP D 248 -2.43 -11.06 40.63
CA ASP D 248 -2.30 -12.50 40.88
C ASP D 248 -1.26 -12.92 41.95
N GLY D 249 -0.40 -12.01 42.36
CA GLY D 249 0.57 -12.30 43.41
C GLY D 249 -0.08 -12.67 44.74
N PRO D 250 -1.00 -11.84 45.23
CA PRO D 250 -1.76 -12.19 46.43
C PRO D 250 -2.63 -13.45 46.26
N LYS D 251 -3.14 -13.68 45.06
CA LYS D 251 -3.92 -14.89 44.79
C LYS D 251 -3.06 -16.16 44.86
N ALA D 252 -1.77 -16.06 44.55
CA ALA D 252 -0.87 -17.21 44.65
C ALA D 252 -0.70 -17.69 46.10
N LEU D 253 -0.83 -16.77 47.05
CA LEU D 253 -0.80 -17.13 48.46
C LEU D 253 -2.13 -17.77 48.91
N LYS D 254 -3.24 -17.17 48.47
CA LYS D 254 -4.59 -17.64 48.83
C LYS D 254 -5.03 -18.92 48.11
N GLU D 255 -4.57 -19.10 46.88
CA GLU D 255 -4.93 -20.25 46.05
C GLU D 255 -3.68 -20.88 45.46
N PRO D 256 -2.87 -21.57 46.27
CA PRO D 256 -1.56 -22.05 45.84
C PRO D 256 -1.59 -23.07 44.69
N GLU D 257 -2.69 -23.78 44.53
CA GLU D 257 -2.81 -24.79 43.50
C GLU D 257 -3.67 -24.35 42.31
N ASN D 258 -3.98 -23.05 42.24
CA ASN D 258 -4.65 -22.46 41.08
C ASN D 258 -3.64 -22.30 39.95
N TYR D 259 -3.72 -23.20 38.96
CA TYR D 259 -2.75 -23.24 37.87
C TYR D 259 -2.63 -21.91 37.12
N ASP D 260 -3.77 -21.32 36.75
CA ASP D 260 -3.75 -20.07 35.97
C ASP D 260 -3.01 -18.94 36.72
N VAL D 261 -3.26 -18.86 38.02
CA VAL D 261 -2.63 -17.88 38.88
C VAL D 261 -1.14 -18.12 38.96
N ARG D 262 -0.73 -19.36 39.24
CA ARG D 262 0.69 -19.71 39.32
C ARG D 262 1.39 -19.55 37.97
N ALA D 263 0.67 -19.80 36.88
CA ALA D 263 1.21 -19.64 35.53
C ALA D 263 1.46 -18.16 35.23
N ASN D 264 0.56 -17.28 35.66
CA ASN D 264 0.72 -15.83 35.44
C ASN D 264 1.93 -15.28 36.20
N VAL D 265 2.12 -15.73 37.45
CA VAL D 265 3.23 -15.29 38.27
C VAL D 265 4.55 -15.80 37.69
N MET D 266 4.59 -17.05 37.29
CA MET D 266 5.80 -17.64 36.71
C MET D 266 6.22 -16.92 35.44
N TRP D 267 5.28 -16.67 34.54
CA TRP D 267 5.58 -16.00 33.28
C TRP D 267 5.96 -14.54 33.49
N ALA D 268 5.32 -13.86 34.43
CA ALA D 268 5.69 -12.49 34.77
C ALA D 268 7.15 -12.40 35.20
N ALA D 269 7.57 -13.33 36.06
CA ALA D 269 8.94 -13.36 36.58
C ALA D 269 9.95 -13.59 35.46
N THR D 270 9.59 -14.45 34.50
CA THR D 270 10.44 -14.69 33.34
C THR D 270 10.60 -13.41 32.52
N GLN D 271 9.49 -12.74 32.24
CA GLN D 271 9.50 -11.57 31.37
C GLN D 271 10.08 -10.34 32.04
N ALA D 272 10.25 -10.39 33.36
CA ALA D 272 10.75 -9.25 34.11
C ALA D 272 12.25 -9.03 33.94
N LEU D 273 13.00 -10.07 33.55
CA LEU D 273 14.46 -9.93 33.45
C LEU D 273 15.12 -10.82 32.39
N ASN D 274 14.47 -10.97 31.25
CA ASN D 274 15.10 -11.66 30.12
C ASN D 274 15.79 -10.72 29.12
N GLY D 275 15.78 -9.41 29.42
CA GLY D 275 16.40 -8.39 28.59
C GLY D 275 15.44 -7.50 27.80
N LEU D 276 14.24 -8.00 27.54
CA LEU D 276 13.27 -7.32 26.68
C LEU D 276 12.87 -5.92 27.17
N ILE D 277 12.40 -5.84 28.41
CA ILE D 277 11.87 -4.57 28.90
C ILE D 277 12.94 -3.55 29.25
N GLY D 278 14.20 -3.98 29.33
CA GLY D 278 15.30 -3.09 29.65
C GLY D 278 16.15 -2.67 28.45
N ALA D 279 15.82 -3.18 27.27
CA ALA D 279 16.66 -2.97 26.09
C ALA D 279 16.69 -1.51 25.65
N GLY D 280 17.85 -0.89 25.70
CA GLY D 280 18.04 0.49 25.28
C GLY D 280 17.52 1.54 26.25
N VAL D 281 17.06 1.13 27.44
CA VAL D 281 16.51 2.10 28.39
C VAL D 281 17.35 2.18 29.67
N PRO D 282 17.31 3.33 30.34
CA PRO D 282 18.09 3.52 31.57
C PRO D 282 17.69 2.48 32.59
N GLN D 283 18.64 1.97 33.34
CA GLN D 283 18.35 1.02 34.41
C GLN D 283 19.04 1.48 35.71
N ASP D 284 18.36 1.22 36.81
CA ASP D 284 18.76 1.71 38.12
C ASP D 284 19.70 0.68 38.78
N TRP D 285 19.12 -0.37 39.36
CA TRP D 285 19.81 -1.45 40.08
C TRP D 285 20.40 -1.08 41.43
N ALA D 286 20.21 0.16 41.88
CA ALA D 286 20.75 0.60 43.17
C ALA D 286 20.09 -0.15 44.33
N THR D 287 18.80 -0.40 44.24
CA THR D 287 18.09 -1.17 45.26
C THR D 287 18.71 -2.56 45.41
N HIS D 288 19.03 -3.18 44.29
CA HIS D 288 19.67 -4.47 44.28
C HIS D 288 21.06 -4.45 44.90
N MET D 289 21.86 -3.43 44.58
CA MET D 289 23.24 -3.37 45.06
C MET D 289 23.27 -3.16 46.58
N LEU D 290 22.42 -2.25 47.07
CA LEU D 290 22.29 -2.03 48.51
C LEU D 290 21.73 -3.26 49.22
N GLY D 291 20.85 -3.97 48.54
CA GLY D 291 20.20 -5.13 49.11
C GLY D 291 21.13 -6.32 49.24
N HIS D 292 22.00 -6.49 48.24
CA HIS D 292 22.98 -7.57 48.26
C HIS D 292 23.81 -7.52 49.53
N GLU D 293 24.16 -6.31 49.97
CA GLU D 293 25.00 -6.15 51.15
C GLU D 293 24.24 -6.53 52.41
N LEU D 294 22.91 -6.36 52.42
CA LEU D 294 22.08 -6.82 53.53
C LEU D 294 22.02 -8.36 53.62
N THR D 295 21.95 -9.03 52.48
CA THR D 295 21.95 -10.49 52.45
C THR D 295 23.32 -11.03 52.90
N ALA D 296 24.40 -10.44 52.41
CA ALA D 296 25.75 -10.91 52.74
C ALA D 296 26.05 -10.74 54.22
N MET D 297 25.55 -9.65 54.80
CA MET D 297 25.88 -9.29 56.17
C MET D 297 24.98 -9.96 57.19
N HIS D 298 23.67 -10.04 56.89
CA HIS D 298 22.66 -10.44 57.86
C HIS D 298 21.84 -11.68 57.47
N GLY D 299 22.03 -12.18 56.25
CA GLY D 299 21.40 -13.41 55.81
C GLY D 299 19.97 -13.30 55.33
N LEU D 300 19.44 -12.08 55.22
CA LEU D 300 18.09 -11.86 54.72
C LEU D 300 17.92 -12.42 53.32
N ASP D 301 16.72 -12.93 53.04
CA ASP D 301 16.38 -13.35 51.70
C ASP D 301 16.51 -12.13 50.80
N HIS D 302 16.95 -12.39 49.57
CA HIS D 302 17.19 -11.33 48.61
C HIS D 302 15.99 -10.39 48.52
N ALA D 303 14.79 -10.94 48.39
CA ALA D 303 13.61 -10.11 48.15
C ALA D 303 13.23 -9.29 49.39
N GLN D 304 13.54 -9.83 50.56
CA GLN D 304 13.34 -9.08 51.79
C GLN D 304 14.18 -7.80 51.81
N THR D 305 15.41 -7.87 51.29
CA THR D 305 16.28 -6.70 51.23
C THR D 305 15.74 -5.64 50.26
N LEU D 306 15.08 -6.09 49.19
CA LEU D 306 14.51 -5.19 48.20
C LEU D 306 13.28 -4.46 48.74
N ALA D 307 12.43 -5.19 49.45
CA ALA D 307 11.24 -4.63 50.08
C ALA D 307 11.60 -3.56 51.10
N ILE D 308 12.72 -3.74 51.79
CA ILE D 308 13.23 -2.75 52.72
C ILE D 308 13.75 -1.51 51.99
N VAL D 309 14.63 -1.74 51.02
CA VAL D 309 15.38 -0.63 50.41
C VAL D 309 14.54 0.18 49.42
N LEU D 310 13.73 -0.48 48.61
CA LEU D 310 13.03 0.21 47.51
C LEU D 310 12.21 1.45 47.92
N PRO D 311 11.33 1.36 48.92
CA PRO D 311 10.50 2.51 49.30
C PRO D 311 11.35 3.66 49.83
N ALA D 312 12.39 3.32 50.60
CA ALA D 312 13.34 4.32 51.08
C ALA D 312 14.10 5.00 49.93
N LEU D 313 14.61 4.21 48.98
CA LEU D 313 15.36 4.76 47.85
C LEU D 313 14.50 5.67 46.98
N TRP D 314 13.26 5.25 46.72
CA TRP D 314 12.33 6.06 45.92
C TRP D 314 12.04 7.41 46.57
N ASN D 315 11.88 7.44 47.89
CA ASN D 315 11.66 8.70 48.57
C ASN D 315 12.89 9.60 48.43
N GLU D 316 14.07 9.01 48.60
CA GLU D 316 15.34 9.72 48.46
C GLU D 316 15.54 10.24 47.04
N LYS D 317 15.09 9.47 46.05
CA LYS D 317 15.32 9.81 44.66
C LYS D 317 14.04 10.31 43.97
N ARG D 318 13.10 10.81 44.76
CA ARG D 318 11.81 11.27 44.24
C ARG D 318 11.93 12.43 43.25
N ASP D 319 13.00 13.22 43.37
CA ASP D 319 13.27 14.32 42.45
C ASP D 319 13.72 13.83 41.05
N THR D 320 14.75 12.99 40.98
CA THR D 320 15.25 12.50 39.68
C THR D 320 14.30 11.47 39.04
N LYS D 321 13.50 10.81 39.88
CA LYS D 321 12.55 9.79 39.40
C LYS D 321 11.12 10.33 39.26
N ARG D 322 10.95 11.65 39.37
CA ARG D 322 9.62 12.26 39.47
C ARG D 322 8.66 11.79 38.37
N ALA D 323 9.09 11.93 37.11
CA ALA D 323 8.20 11.68 35.98
C ALA D 323 7.76 10.23 35.92
N LYS D 324 8.67 9.29 36.15
CA LYS D 324 8.31 7.89 36.04
C LYS D 324 7.59 7.39 37.29
N LEU D 325 7.83 8.02 38.44
CA LEU D 325 7.04 7.71 39.63
C LEU D 325 5.60 8.15 39.44
N LEU D 326 5.39 9.25 38.75
CA LEU D 326 4.04 9.74 38.51
C LEU D 326 3.31 8.88 37.48
N GLN D 327 4.02 8.41 36.46
CA GLN D 327 3.45 7.51 35.47
C GLN D 327 3.13 6.17 36.13
N TYR D 328 4.07 5.66 36.92
CA TYR D 328 3.88 4.47 37.75
C TYR D 328 2.62 4.60 38.61
N ALA D 329 2.49 5.74 39.28
CA ALA D 329 1.38 5.99 40.19
C ALA D 329 0.05 5.87 39.44
N GLU D 330 -0.03 6.50 38.27
CA GLU D 330 -1.24 6.51 37.47
C GLU D 330 -1.51 5.16 36.80
N ARG D 331 -0.53 4.65 36.07
CA ARG D 331 -0.70 3.46 35.23
C ARG D 331 -0.84 2.17 36.04
N VAL D 332 -0.14 2.09 37.16
CA VAL D 332 -0.06 0.87 37.95
C VAL D 332 -1.00 0.90 39.17
N TRP D 333 -1.17 2.08 39.78
CA TRP D 333 -1.99 2.19 40.99
C TRP D 333 -3.25 3.06 40.85
N ASN D 334 -3.52 3.55 39.64
CA ASN D 334 -4.68 4.43 39.39
C ASN D 334 -4.70 5.66 40.30
N ILE D 335 -3.51 6.15 40.65
CA ILE D 335 -3.38 7.37 41.45
C ILE D 335 -3.22 8.58 40.55
N THR D 336 -4.23 9.45 40.53
CA THR D 336 -4.25 10.63 39.68
C THR D 336 -4.47 11.97 40.42
N GLU D 337 -5.16 11.93 41.55
CA GLU D 337 -5.52 13.13 42.30
C GLU D 337 -4.38 13.66 43.16
N GLY D 338 -4.35 14.98 43.34
CA GLY D 338 -3.44 15.61 44.28
C GLY D 338 -2.23 16.19 43.61
N SER D 339 -1.39 16.86 44.40
CA SER D 339 -0.12 17.37 43.93
C SER D 339 0.80 16.21 43.51
N ASP D 340 1.90 16.55 42.85
CA ASP D 340 2.91 15.56 42.49
C ASP D 340 3.43 14.82 43.71
N ASP D 341 3.71 15.57 44.77
CA ASP D 341 4.24 14.96 45.99
C ASP D 341 3.22 14.04 46.67
N GLU D 342 1.96 14.43 46.68
CA GLU D 342 0.88 13.60 47.23
C GLU D 342 0.75 12.29 46.44
N ARG D 343 0.87 12.38 45.12
CA ARG D 343 0.73 11.21 44.26
C ARG D 343 1.91 10.26 44.46
N ILE D 344 3.11 10.82 44.56
CA ILE D 344 4.32 10.03 44.74
C ILE D 344 4.29 9.35 46.10
N ASP D 345 3.90 10.10 47.14
CA ASP D 345 3.76 9.54 48.48
C ASP D 345 2.79 8.38 48.47
N ALA D 346 1.66 8.54 47.79
CA ALA D 346 0.64 7.50 47.73
C ALA D 346 1.14 6.28 46.95
N ALA D 347 1.92 6.50 45.90
CA ALA D 347 2.48 5.41 45.12
C ALA D 347 3.50 4.61 45.93
N ILE D 348 4.37 5.31 46.66
CA ILE D 348 5.35 4.64 47.52
C ILE D 348 4.60 3.87 48.59
N ALA D 349 3.58 4.50 49.18
CA ALA D 349 2.79 3.88 50.24
C ALA D 349 2.09 2.63 49.76
N ALA D 350 1.55 2.68 48.53
CA ALA D 350 0.85 1.55 47.93
C ALA D 350 1.82 0.41 47.69
N THR D 351 3.04 0.74 47.26
CA THR D 351 4.07 -0.26 47.01
C THR D 351 4.47 -0.96 48.31
N ARG D 352 4.74 -0.16 49.33
CA ARG D 352 5.09 -0.65 50.65
C ARG D 352 3.99 -1.60 51.18
N ASN D 353 2.74 -1.14 51.12
CA ASN D 353 1.61 -1.94 51.58
C ASN D 353 1.48 -3.26 50.84
N PHE D 354 1.74 -3.25 49.54
CA PHE D 354 1.64 -4.43 48.72
C PHE D 354 2.65 -5.48 49.18
N PHE D 355 3.88 -5.06 49.40
CA PHE D 355 4.92 -5.95 49.89
C PHE D 355 4.54 -6.51 51.26
N GLU D 356 4.05 -5.65 52.15
CA GLU D 356 3.69 -6.03 53.51
C GLU D 356 2.54 -7.05 53.51
N GLN D 357 1.56 -6.86 52.63
CA GLN D 357 0.39 -7.75 52.58
C GLN D 357 0.73 -9.10 51.94
N LEU D 358 1.83 -9.15 51.18
CA LEU D 358 2.39 -10.43 50.70
C LEU D 358 3.11 -11.19 51.83
N GLY D 359 3.38 -10.50 52.95
CA GLY D 359 4.11 -11.06 54.07
C GLY D 359 5.59 -10.72 54.05
N VAL D 360 5.96 -9.63 53.39
CA VAL D 360 7.35 -9.19 53.31
C VAL D 360 7.51 -7.79 53.93
N PRO D 361 7.87 -7.74 55.21
CA PRO D 361 8.08 -6.46 55.89
C PRO D 361 9.13 -5.56 55.23
N THR D 362 8.98 -4.25 55.40
CA THR D 362 9.74 -3.25 54.67
C THR D 362 10.60 -2.33 55.55
N HIS D 363 10.85 -2.73 56.80
CA HIS D 363 11.75 -1.99 57.71
C HIS D 363 12.79 -2.93 58.31
N LEU D 364 14.02 -2.45 58.44
CA LEU D 364 15.08 -3.26 59.03
C LEU D 364 14.67 -3.80 60.41
N SER D 365 13.96 -2.97 61.18
CA SER D 365 13.54 -3.32 62.53
C SER D 365 12.53 -4.47 62.56
N ASP D 366 11.85 -4.72 61.45
CA ASP D 366 10.98 -5.89 61.30
C ASP D 366 11.75 -7.21 61.27
N TYR D 367 13.05 -7.14 60.98
CA TYR D 367 13.92 -8.32 60.94
C TYR D 367 14.95 -8.36 62.07
N GLY D 368 14.76 -7.52 63.09
CA GLY D 368 15.65 -7.48 64.25
C GLY D 368 16.98 -6.79 63.97
N LEU D 369 17.02 -5.99 62.90
CA LEU D 369 18.17 -5.21 62.54
C LEU D 369 17.88 -3.76 62.86
N ASP D 370 18.71 -3.15 63.71
CA ASP D 370 18.47 -1.80 64.22
C ASP D 370 19.16 -0.71 63.42
N GLY D 371 19.91 -1.08 62.39
CA GLY D 371 20.61 -0.11 61.57
C GLY D 371 22.01 0.27 62.07
N SER D 372 22.49 -0.39 63.13
CA SER D 372 23.85 -0.16 63.62
C SER D 372 24.91 -0.76 62.67
N SER D 373 24.47 -1.68 61.83
CA SER D 373 25.33 -2.33 60.84
C SER D 373 25.62 -1.43 59.63
N ILE D 374 24.97 -0.27 59.54
CA ILE D 374 25.08 0.59 58.36
C ILE D 374 26.51 1.06 58.02
N PRO D 375 27.29 1.51 59.00
CA PRO D 375 28.68 1.86 58.70
C PRO D 375 29.42 0.69 58.05
N ALA D 376 29.20 -0.51 58.57
CA ALA D 376 29.83 -1.73 58.03
C ALA D 376 29.32 -2.07 56.62
N LEU D 377 28.04 -1.79 56.36
CA LEU D 377 27.47 -1.99 55.03
C LEU D 377 28.13 -1.07 54.01
N LEU D 378 28.36 0.18 54.41
CA LEU D 378 28.96 1.16 53.52
C LEU D 378 30.40 0.81 53.19
N LYS D 379 31.12 0.22 54.15
CA LYS D 379 32.48 -0.26 53.91
C LYS D 379 32.48 -1.35 52.85
N LYS D 380 31.49 -2.24 52.90
CA LYS D 380 31.38 -3.32 51.94
C LYS D 380 30.98 -2.80 50.55
N LEU D 381 30.09 -1.81 50.51
CA LEU D 381 29.72 -1.14 49.27
C LEU D 381 30.96 -0.52 48.63
N GLU D 382 31.74 0.21 49.42
CA GLU D 382 32.97 0.84 48.95
C GLU D 382 33.95 -0.20 48.40
N GLU D 383 34.10 -1.32 49.12
CA GLU D 383 34.98 -2.40 48.72
C GLU D 383 34.60 -2.97 47.35
N HIS D 384 33.30 -3.04 47.10
CA HIS D 384 32.75 -3.61 45.88
C HIS D 384 32.55 -2.59 44.76
N GLY D 385 33.02 -1.36 44.97
CA GLY D 385 32.92 -0.30 43.97
C GLY D 385 31.52 0.23 43.73
N MET D 386 30.65 0.10 44.73
CA MET D 386 29.25 0.51 44.64
C MET D 386 29.05 1.91 45.20
N THR D 387 29.79 2.85 44.63
CA THR D 387 29.92 4.20 45.17
C THR D 387 29.26 5.27 44.32
N GLN D 388 28.75 4.90 43.14
CA GLN D 388 28.08 5.82 42.21
C GLN D 388 26.92 5.09 41.54
N LEU D 389 25.95 4.72 42.37
CA LEU D 389 24.84 3.85 41.99
C LEU D 389 23.68 4.61 41.34
N GLY D 390 22.77 3.87 40.74
CA GLY D 390 21.60 4.45 40.11
C GLY D 390 21.78 4.76 38.64
N GLU D 391 20.65 5.01 37.97
CA GLU D 391 20.64 5.33 36.55
C GLU D 391 21.37 6.64 36.24
N ASN D 392 21.42 7.56 37.21
CA ASN D 392 22.22 8.79 37.06
C ASN D 392 23.62 8.68 37.70
N HIS D 393 23.98 7.49 38.18
CA HIS D 393 25.28 7.26 38.81
C HIS D 393 25.56 8.28 39.92
N ASP D 394 24.54 8.61 40.69
CA ASP D 394 24.63 9.71 41.65
C ASP D 394 24.30 9.32 43.09
N ILE D 395 24.11 8.02 43.32
CA ILE D 395 23.92 7.50 44.64
C ILE D 395 25.29 7.16 45.24
N THR D 396 25.86 8.14 45.92
CA THR D 396 27.15 8.00 46.56
C THR D 396 26.99 7.37 47.96
N LEU D 397 28.11 7.13 48.63
CA LEU D 397 28.05 6.46 49.92
C LEU D 397 27.20 7.24 50.93
N ASP D 398 27.25 8.57 50.89
CA ASP D 398 26.44 9.35 51.83
C ASP D 398 24.95 9.27 51.50
N VAL D 399 24.61 9.09 50.23
CA VAL D 399 23.22 8.90 49.84
C VAL D 399 22.75 7.51 50.28
N SER D 400 23.60 6.49 50.06
CA SER D 400 23.32 5.13 50.50
C SER D 400 23.12 5.04 52.03
N ARG D 401 23.94 5.78 52.79
CA ARG D 401 23.75 5.91 54.24
C ARG D 401 22.36 6.43 54.56
N ARG D 402 21.96 7.50 53.89
CA ARG D 402 20.65 8.13 54.09
C ARG D 402 19.52 7.16 53.79
N ILE D 403 19.67 6.37 52.73
CA ILE D 403 18.66 5.40 52.31
C ILE D 403 18.52 4.27 53.35
N TYR D 404 19.65 3.69 53.76
CA TYR D 404 19.65 2.66 54.78
C TYR D 404 19.02 3.18 56.08
N GLU D 405 19.39 4.41 56.46
CA GLU D 405 18.90 5.02 57.70
C GLU D 405 17.40 5.25 57.64
N ALA D 406 16.88 5.62 56.48
CA ALA D 406 15.44 5.83 56.32
C ALA D 406 14.69 4.50 56.33
N ALA D 407 15.40 3.40 56.05
CA ALA D 407 14.82 2.06 56.01
C ALA D 407 14.74 1.38 57.37
N ARG D 408 15.22 2.03 58.43
CA ARG D 408 15.25 1.40 59.76
C ARG D 408 13.86 1.09 60.31
#